data_5UTF
#
_entry.id   5UTF
#
_cell.length_a   128.380
_cell.length_b   128.380
_cell.length_c   313.130
_cell.angle_alpha   90.00
_cell.angle_beta   90.00
_cell.angle_gamma   120.00
#
_symmetry.space_group_name_H-M   'P 63'
#
loop_
_entity.id
_entity.type
_entity.pdbx_description
1 polymer 'Envelope glycoprotein gp120'
2 polymer 'Envelope glycoprotein gp41'
3 polymer 'PGT122 Light chain'
4 polymer 'PGT122 Heavy chain'
5 polymer '35022 Heavy chain'
6 polymer '35022 Light Chain'
7 branched alpha-D-mannopyranose-(1-2)-alpha-D-mannopyranose-(1-2)-alpha-D-mannopyranose-(1-3)-[alpha-D-mannopyranose-(1-2)-alpha-D-mannopyranose-(1-6)-[alpha-D-mannopyranose-(1-3)]alpha-D-mannopyranose-(1-6)]beta-D-mannopyranose-(1-4)-2-acetamido-2-deoxy-beta-D-glucopyranose-(1-4)-2-acetamido-2-deoxy-beta-D-glucopyranose
8 branched beta-D-mannopyranose-(1-4)-2-acetamido-2-deoxy-beta-D-glucopyranose-(1-4)-2-acetamido-2-deoxy-beta-D-glucopyranose
9 branched 2-acetamido-2-deoxy-beta-D-glucopyranose-(1-4)-2-acetamido-2-deoxy-beta-D-glucopyranose
10 branched alpha-D-mannopyranose-(1-2)-alpha-D-mannopyranose-(1-3)-[alpha-D-mannopyranose-(1-6)]beta-D-mannopyranose-(1-4)-2-acetamido-2-deoxy-beta-D-glucopyranose-(1-4)-2-acetamido-2-deoxy-beta-D-glucopyranose
11 branched alpha-D-mannopyranose-(1-3)-[alpha-D-mannopyranose-(1-6)]beta-D-mannopyranose-(1-4)-2-acetamido-2-deoxy-beta-D-glucopyranose-(1-4)-2-acetamido-2-deoxy-beta-D-glucopyranose
12 branched alpha-D-mannopyranose-(1-2)-alpha-D-mannopyranose-(1-2)-alpha-D-mannopyranose-(1-3)-[alpha-D-mannopyranose-(1-2)-alpha-D-mannopyranose-(1-3)-[alpha-D-mannopyranose-(1-6)]alpha-D-mannopyranose-(1-6)]beta-D-mannopyranose-(1-4)-2-acetamido-2-deoxy-beta-D-glucopyranose-(1-4)-2-acetamido-2-deoxy-beta-D-glucopyranose
13 non-polymer 2-acetamido-2-deoxy-beta-D-glucopyranose
#
loop_
_entity_poly.entity_id
_entity_poly.type
_entity_poly.pdbx_seq_one_letter_code
_entity_poly.pdbx_strand_id
1 'polypeptide(L)'
;AENLWVTVYYGVPVWKDAETTLFCASDAKAYETEKHNVWATHACVPTDPNPQEIHLENVTEEFNMWKNNMVEQMHTDIIS
LWDQSLKPCVKLTPLCVTLQCTNVTNNITDDMRGEMKNCSFNMTTELRDKKQKVYSLFWRLDVVQINENQGNRSNNSNKE
YRLINCNTSACTQACPKVSFEPIPIHYCAPAGFAILKCKDKKFNGTGPCPSVSTVQCTHGIKPVVSTQLLLNGSLAEEEV
MIRSENITNNAKNILVQFNTPVQINCTRPMNMTRKSIRIGPGQAFYALGDIIGDIRQAHCNVSKATWNETLGKVVKQLRK
HFGNNTIIRFANSSGGDLEVTTHSFNCGGEFFYCNTSGLFNSTWISNTSVQGSNSTGSNDSITLPCRMKQIINMWQRIGQ
CMYAPPIQGVIRCVSNITGLILTRDGGSTNSTTETFRPGGGDMRDNWRSELYKYKVVKIEPLGVAPTRCKRRVVGRRRRR
R
;
G
2 'polypeptide(L)'
;AVGIGAVFLGFLGAAGSTMGAASMTLTVQARNLLSGIVQQQSNLLRAPEAQQHLLKLTVWGIKQLQARVLAVERYLRDQQ
LLGIWGCSGKLICCTNVPWNSSWSNRNLSEIWDNMTWLQWDKEISNYTQIIYGLLEESQNQQEKNEQDLLALD
;
B
3 'polypeptide(L)'
;APTFVSVAPGQTARITCGEESLGSRSVIWYQQRPGQAPSLIIYNNNDRPSGIPDRFSGSPGSTFGTTATLTITSVEAGDE
ADYYCHIWDSRRPTNWVFGEGTTLIVLSQPKAAPSVTLFPPSSEELQANKATLVCLISDFYPGAVTVAWKADSSPVKAGV
ETTTPSKQSNNKYAASSYLSLTPEQWKSHKSYSCQVTHEGSTVEKTVAPTECS
;
L
4 'polypeptide(L)'
;QVHLQESGPGLVKPSETLSLTCNVSGTLVRDNYWSWIRQPLGKQPEWIGYVHDSGDTNYNPSLKSRVHLSLDKSKNLVSL
RLTGVTAADSAIYYCATTKHGRRIYGVVAFKEWFTYFYMDVWGKGTSVTVSSASTKGPSVFPLAPSSKSTSGGTAALGCL
VKDYFPEPVTVSWNSGALTSGVHTFPAVLQSSGLYSLSSVVTVPSSSLGTQTYICNVNHKPSNTKVDKRVEPKSC
;
H
5 'polypeptide(L)'
;QGQLVQSGAELKKPGASVKISCKTSGYRFNFYHINWIRQTAGRGPEWMGWISPYSGDKNLAPAFQDRVIMTTDTEVPVTS
FTSTGAAYMEIRNLKFDDTGTYFCAKGLLRDGSSTWLPYLWGQGTLLTVSSASTKGPSVFPLAPSSKSTSGGTAALGCLV
KDYFPEPVTVSWNSGALTSGVHTFPAVLQSSGLYSLSSVVTVPSSSLGTQTYICNVNHKPSNTKVDKRVEPKSCDKGLEV
LFQ
;
D
6 'polypeptide(L)'
;QSVLTQSASVSGSLGQSVTISCTGPNSVCCSHKSISWYQWPPGRAPTLIIYEDNERAPGISPRFSGYKSYWSAYLTISDL
RPEDETTYYCCSYTHNSGCVFGTGTKVSVLGQSKANPSVTLFPPSSEELQANKATLVCLISDFYPGAVTVAWKADSSPVK
AGVETTTPSKQSNNKYAASSYLSLTPEQWKSHRSYSCQVTHEGSTVEKTVAPTECS
;
E
#
loop_
_chem_comp.id
_chem_comp.type
_chem_comp.name
_chem_comp.formula
BMA D-saccharide, beta linking beta-D-mannopyranose 'C6 H12 O6'
MAN D-saccharide, alpha linking alpha-D-mannopyranose 'C6 H12 O6'
NAG D-saccharide, beta linking 2-acetamido-2-deoxy-beta-D-glucopyranose 'C8 H15 N O6'
#
# COMPACT_ATOMS: atom_id res chain seq x y z
N ALA A 1 28.80 55.85 16.99
CA ALA A 1 30.01 55.15 17.42
C ALA A 1 29.68 53.99 18.36
N GLU A 2 30.01 54.16 19.64
CA GLU A 2 29.76 53.12 20.63
C GLU A 2 28.28 53.00 21.01
N ASN A 3 27.51 54.07 20.80
CA ASN A 3 26.06 54.00 20.96
C ASN A 3 25.43 53.59 19.63
N LEU A 4 24.47 52.68 19.71
CA LEU A 4 23.93 52.02 18.53
C LEU A 4 22.55 52.58 18.17
N TRP A 5 22.28 52.62 16.87
CA TRP A 5 21.07 53.20 16.33
C TRP A 5 20.29 52.16 15.53
N VAL A 6 18.97 52.24 15.63
CA VAL A 6 18.11 51.32 14.89
C VAL A 6 18.24 51.58 13.39
N THR A 7 18.03 50.52 12.61
CA THR A 7 18.04 50.58 11.16
C THR A 7 16.96 49.67 10.60
N VAL A 8 16.33 50.11 9.52
CA VAL A 8 15.28 49.36 8.85
C VAL A 8 15.91 48.52 7.74
N TYR A 9 15.45 47.28 7.63
CA TYR A 9 15.85 46.39 6.55
C TYR A 9 14.59 45.86 5.88
N TYR A 10 14.49 46.06 4.57
CA TYR A 10 13.33 45.68 3.79
C TYR A 10 13.74 44.57 2.83
N GLY A 11 13.10 43.42 2.93
CA GLY A 11 13.47 42.28 2.13
C GLY A 11 14.37 41.31 2.86
N VAL A 12 14.02 40.99 4.09
CA VAL A 12 14.81 40.07 4.91
C VAL A 12 14.21 38.67 4.82
N PRO A 13 14.96 37.66 5.08
CA PRO A 13 14.40 36.31 5.20
C PRO A 13 13.69 36.08 6.55
N VAL A 14 12.47 36.60 6.66
CA VAL A 14 11.67 36.52 7.87
C VAL A 14 10.26 36.11 7.49
N TRP A 15 9.80 34.97 8.02
CA TRP A 15 8.46 34.49 7.78
C TRP A 15 7.87 33.93 9.06
N LYS A 16 6.54 34.02 9.16
CA LYS A 16 5.78 33.41 10.23
C LYS A 16 4.69 32.53 9.62
N ASP A 17 4.19 31.59 10.42
CA ASP A 17 3.13 30.72 9.93
C ASP A 17 1.81 31.48 9.84
N ALA A 18 1.13 31.32 8.71
CA ALA A 18 -0.16 31.96 8.49
C ALA A 18 -0.87 31.22 7.37
N GLU A 19 -2.12 31.59 7.15
CA GLU A 19 -2.95 30.98 6.12
C GLU A 19 -3.50 32.05 5.18
N THR A 20 -3.45 31.79 3.89
CA THR A 20 -3.96 32.70 2.89
C THR A 20 -4.75 31.93 1.83
N THR A 21 -5.49 32.66 1.01
CA THR A 21 -6.31 32.03 -0.03
C THR A 21 -5.41 31.48 -1.13
N LEU A 22 -5.45 30.17 -1.33
CA LEU A 22 -4.59 29.47 -2.28
C LEU A 22 -5.33 29.21 -3.58
N PHE A 23 -4.60 29.25 -4.69
CA PHE A 23 -5.18 29.05 -6.01
C PHE A 23 -4.53 27.85 -6.72
N CYS A 24 -4.78 27.74 -8.03
CA CYS A 24 -4.52 26.54 -8.81
C CYS A 24 -3.48 26.78 -9.90
N ALA A 25 -2.96 25.68 -10.44
CA ALA A 25 -2.07 25.69 -11.60
C ALA A 25 -2.08 24.30 -12.21
N SER A 26 -2.03 24.22 -13.54
CA SER A 26 -2.31 22.95 -14.19
C SER A 26 -1.82 22.83 -15.63
N ASP A 27 -0.53 23.04 -15.85
CA ASP A 27 0.10 22.79 -17.16
C ASP A 27 -0.60 23.51 -18.30
N ALA A 28 -0.37 23.04 -19.53
CA ALA A 28 -1.07 23.54 -20.70
C ALA A 28 -1.57 22.45 -21.63
N LYS A 29 -1.00 21.23 -21.60
CA LYS A 29 -1.62 20.11 -22.29
C LYS A 29 -2.89 19.67 -21.59
N ALA A 30 -2.97 19.90 -20.27
CA ALA A 30 -4.22 19.63 -19.55
C ALA A 30 -5.35 20.52 -20.06
N TYR A 31 -5.04 21.74 -20.51
CA TYR A 31 -6.05 22.56 -21.13
C TYR A 31 -6.43 22.08 -22.52
N GLU A 32 -5.52 21.38 -23.20
CA GLU A 32 -5.85 20.76 -24.48
C GLU A 32 -6.72 19.52 -24.31
N THR A 33 -6.76 18.94 -23.10
CA THR A 33 -7.67 17.84 -22.83
C THR A 33 -9.12 18.23 -23.12
N GLU A 34 -9.42 19.53 -23.00
CA GLU A 34 -10.73 20.12 -23.24
C GLU A 34 -11.88 19.22 -22.80
N LYS A 35 -12.65 18.70 -23.75
CA LYS A 35 -13.84 17.89 -23.48
C LYS A 35 -14.78 18.64 -22.53
N HIS A 36 -15.14 19.85 -22.95
CA HIS A 36 -16.07 20.72 -22.25
C HIS A 36 -15.71 20.87 -20.77
N ASN A 37 -14.47 21.31 -20.54
CA ASN A 37 -13.92 21.54 -19.21
C ASN A 37 -14.02 20.29 -18.34
N VAL A 38 -12.97 19.48 -18.35
CA VAL A 38 -12.94 18.25 -17.57
C VAL A 38 -12.47 18.59 -16.15
N TRP A 39 -13.34 18.34 -15.18
CA TRP A 39 -13.07 18.56 -13.76
C TRP A 39 -13.02 20.05 -13.41
N ALA A 40 -11.82 20.62 -13.32
CA ALA A 40 -11.67 21.96 -12.77
C ALA A 40 -11.11 22.97 -13.76
N THR A 41 -10.05 22.61 -14.49
CA THR A 41 -9.26 23.55 -15.28
C THR A 41 -10.07 24.29 -16.34
N HIS A 42 -10.30 25.59 -16.12
CA HIS A 42 -10.93 26.46 -17.11
C HIS A 42 -10.14 27.76 -17.21
N ALA A 43 -10.58 28.79 -16.47
CA ALA A 43 -9.83 30.03 -16.34
C ALA A 43 -8.71 29.91 -15.31
N CYS A 44 -8.42 28.69 -14.86
CA CYS A 44 -7.29 28.48 -13.97
C CYS A 44 -5.99 28.87 -14.67
N VAL A 45 -4.98 29.17 -13.86
CA VAL A 45 -3.71 29.69 -14.36
C VAL A 45 -2.84 28.56 -14.89
N PRO A 46 -2.20 28.72 -16.05
CA PRO A 46 -1.31 27.67 -16.55
C PRO A 46 0.04 27.69 -15.86
N THR A 47 0.64 26.49 -15.73
CA THR A 47 1.94 26.34 -15.08
C THR A 47 3.05 26.76 -16.05
N ASP A 48 3.90 27.68 -15.61
CA ASP A 48 5.03 28.09 -16.44
C ASP A 48 6.08 26.98 -16.46
N PRO A 49 6.75 26.81 -17.56
CA PRO A 49 7.87 25.85 -17.61
C PRO A 49 9.14 26.44 -17.01
N ASN A 50 9.13 26.65 -15.70
CA ASN A 50 10.29 27.15 -14.98
C ASN A 50 10.58 26.42 -13.66
N PRO A 51 9.86 25.30 -13.34
CA PRO A 51 9.67 24.91 -11.92
C PRO A 51 10.76 25.33 -10.95
N GLN A 52 10.61 26.52 -10.36
CA GLN A 52 11.65 27.05 -9.49
C GLN A 52 11.63 26.33 -8.14
N GLU A 53 12.83 26.01 -7.65
CA GLU A 53 12.99 25.30 -6.39
C GLU A 53 14.31 25.74 -5.77
N ILE A 54 14.26 26.16 -4.51
CA ILE A 54 15.42 26.74 -3.83
C ILE A 54 15.62 26.03 -2.50
N HIS A 55 16.78 25.39 -2.35
CA HIS A 55 17.11 24.68 -1.12
C HIS A 55 17.59 25.67 -0.08
N LEU A 56 16.84 25.81 1.02
CA LEU A 56 17.22 26.73 2.09
C LEU A 56 18.15 26.00 3.04
N GLU A 57 19.46 26.16 2.79
CA GLU A 57 20.46 25.49 3.59
C GLU A 57 20.40 26.00 5.04
N ASN A 58 20.84 25.13 5.96
CA ASN A 58 20.99 25.46 7.37
C ASN A 58 19.64 25.63 8.07
N VAL A 59 18.59 25.89 7.29
CA VAL A 59 17.26 26.13 7.85
C VAL A 59 16.66 24.81 8.35
N THR A 60 15.97 24.89 9.48
CA THR A 60 15.18 23.77 9.98
C THR A 60 13.86 24.31 10.51
N GLU A 61 12.76 23.87 9.91
CA GLU A 61 11.44 24.36 10.26
C GLU A 61 10.53 23.19 10.57
N GLU A 62 9.74 23.33 11.63
CA GLU A 62 8.88 22.26 12.13
C GLU A 62 7.57 22.23 11.36
N PHE A 63 7.36 21.15 10.61
CA PHE A 63 6.11 20.93 9.89
C PHE A 63 5.05 20.35 10.82
N ASN A 64 3.89 20.04 10.24
CA ASN A 64 2.80 19.37 10.96
C ASN A 64 1.69 18.99 9.97
N MET A 65 1.71 17.73 9.50
CA MET A 65 0.75 17.32 8.48
C MET A 65 -0.66 17.19 9.04
N TRP A 66 -0.79 16.90 10.32
CA TRP A 66 -2.09 16.69 10.91
C TRP A 66 -2.77 17.99 11.34
N LYS A 67 -2.15 19.13 11.06
CA LYS A 67 -2.74 20.43 11.36
C LYS A 67 -2.60 21.36 10.16
N ASN A 68 -2.52 20.80 8.96
CA ASN A 68 -2.19 21.57 7.77
C ASN A 68 -3.46 22.08 7.09
N ASN A 69 -3.47 23.38 6.79
CA ASN A 69 -4.68 24.00 6.24
C ASN A 69 -4.80 23.83 4.73
N MET A 70 -3.73 23.45 4.02
CA MET A 70 -3.87 23.11 2.62
C MET A 70 -4.82 21.94 2.43
N VAL A 71 -5.01 21.13 3.46
CA VAL A 71 -6.02 20.07 3.41
C VAL A 71 -7.42 20.67 3.41
N GLU A 72 -7.75 21.46 4.44
CA GLU A 72 -9.09 22.02 4.57
C GLU A 72 -9.43 22.93 3.40
N GLN A 73 -8.42 23.56 2.79
CA GLN A 73 -8.67 24.31 1.56
C GLN A 73 -8.67 23.42 0.34
N MET A 74 -8.07 22.23 0.39
CA MET A 74 -8.21 21.35 -0.76
C MET A 74 -9.52 20.56 -0.70
N HIS A 75 -9.88 20.03 0.47
CA HIS A 75 -11.12 19.28 0.60
C HIS A 75 -12.31 20.14 0.19
N THR A 76 -12.46 21.30 0.81
CA THR A 76 -13.59 22.18 0.54
C THR A 76 -13.55 22.78 -0.86
N ASP A 77 -12.38 22.82 -1.51
CA ASP A 77 -12.34 23.21 -2.92
C ASP A 77 -12.89 22.11 -3.80
N ILE A 78 -12.48 20.86 -3.55
CA ILE A 78 -13.01 19.74 -4.32
C ILE A 78 -14.51 19.58 -4.06
N ILE A 79 -14.95 19.88 -2.83
CA ILE A 79 -16.38 19.87 -2.51
C ILE A 79 -17.14 20.83 -3.43
N SER A 80 -16.62 22.05 -3.60
CA SER A 80 -17.31 23.03 -4.42
C SER A 80 -16.99 22.88 -5.91
N LEU A 81 -15.94 22.15 -6.26
CA LEU A 81 -15.76 21.75 -7.66
C LEU A 81 -16.91 20.85 -8.11
N TRP A 82 -17.34 19.95 -7.23
CA TRP A 82 -18.45 19.05 -7.49
C TRP A 82 -19.71 19.84 -7.87
N ASP A 83 -20.12 20.74 -6.98
CA ASP A 83 -21.43 21.37 -7.12
C ASP A 83 -21.48 22.32 -8.32
N GLN A 84 -20.40 23.06 -8.57
CA GLN A 84 -20.39 23.94 -9.72
C GLN A 84 -20.55 23.17 -11.03
N SER A 85 -20.14 21.91 -11.04
CA SER A 85 -20.25 21.07 -12.23
C SER A 85 -21.61 20.42 -12.38
N LEU A 86 -22.50 20.56 -11.39
CA LEU A 86 -23.83 19.97 -11.44
C LEU A 86 -24.95 21.00 -11.49
N LYS A 87 -24.65 22.27 -11.26
CA LYS A 87 -25.69 23.31 -11.28
C LYS A 87 -26.38 23.43 -12.63
N PRO A 88 -25.68 23.49 -13.77
CA PRO A 88 -26.40 23.59 -15.04
C PRO A 88 -26.62 22.26 -15.72
N CYS A 89 -26.67 21.16 -14.97
CA CYS A 89 -26.89 19.85 -15.55
C CYS A 89 -28.33 19.39 -15.34
N VAL A 90 -28.69 18.32 -16.05
CA VAL A 90 -30.09 17.89 -16.13
C VAL A 90 -30.53 17.33 -14.78
N LYS A 91 -31.67 17.80 -14.30
CA LYS A 91 -32.19 17.43 -12.98
C LYS A 91 -33.32 16.43 -13.12
N LEU A 92 -33.20 15.31 -12.39
CA LEU A 92 -34.10 14.17 -12.47
C LEU A 92 -35.26 14.24 -11.48
N THR A 93 -35.83 15.42 -11.25
CA THR A 93 -36.99 15.52 -10.38
C THR A 93 -38.16 14.64 -10.80
N PRO A 94 -38.51 14.50 -12.11
CA PRO A 94 -39.64 13.63 -12.47
C PRO A 94 -39.27 12.16 -12.62
N LEU A 95 -38.15 11.74 -12.04
CA LEU A 95 -37.71 10.35 -12.15
C LEU A 95 -37.91 9.56 -10.86
N CYS A 96 -38.80 10.02 -9.97
CA CYS A 96 -39.16 9.28 -8.76
C CYS A 96 -40.47 8.52 -8.93
N VAL A 97 -40.75 8.05 -10.14
CA VAL A 97 -41.98 7.32 -10.41
C VAL A 97 -41.84 5.87 -9.94
N THR A 98 -42.98 5.20 -9.79
CA THR A 98 -43.01 3.81 -9.37
C THR A 98 -42.31 2.93 -10.40
N LEU A 99 -41.34 2.16 -9.95
CA LEU A 99 -40.60 1.25 -10.82
C LEU A 99 -41.15 -0.15 -10.64
N GLN A 100 -41.66 -0.73 -11.73
CA GLN A 100 -41.95 -2.15 -11.78
C GLN A 100 -40.72 -2.85 -12.35
N CYS A 101 -40.10 -3.71 -11.54
CA CYS A 101 -38.79 -4.26 -11.88
C CYS A 101 -38.79 -5.78 -11.75
N THR A 102 -37.79 -6.40 -12.39
CA THR A 102 -37.60 -7.84 -12.42
C THR A 102 -36.12 -8.14 -12.36
N ASN A 103 -35.78 -9.43 -12.44
CA ASN A 103 -34.38 -9.87 -12.46
C ASN A 103 -33.76 -9.52 -13.81
N VAL A 104 -32.53 -9.99 -14.02
CA VAL A 104 -31.84 -9.90 -15.29
C VAL A 104 -31.79 -11.30 -15.89
N THR A 105 -31.92 -11.38 -17.22
CA THR A 105 -32.01 -12.66 -17.92
C THR A 105 -30.82 -13.56 -17.63
N ASN A 106 -31.02 -14.53 -16.72
CA ASN A 106 -29.94 -15.41 -16.31
C ASN A 106 -30.40 -16.87 -16.35
N ASN A 107 -29.78 -17.70 -15.54
CA ASN A 107 -30.21 -19.08 -15.38
C ASN A 107 -29.55 -19.72 -14.16
N MET A 112 -29.26 -19.26 -8.65
CA MET A 112 -28.55 -18.04 -9.06
C MET A 112 -28.71 -16.91 -8.04
N ARG A 113 -28.09 -15.75 -8.33
CA ARG A 113 -28.14 -14.58 -7.46
C ARG A 113 -28.51 -13.36 -8.26
N GLY A 114 -29.59 -12.68 -7.86
CA GLY A 114 -29.98 -11.45 -8.51
C GLY A 114 -29.05 -10.31 -8.11
N GLU A 115 -28.72 -9.47 -9.09
CA GLU A 115 -27.77 -8.39 -8.89
C GLU A 115 -28.27 -7.10 -9.53
N MET A 116 -29.03 -7.25 -10.62
CA MET A 116 -29.47 -6.13 -11.43
C MET A 116 -31.00 -6.15 -11.52
N LYS A 117 -31.56 -5.07 -12.07
CA LYS A 117 -33.00 -4.94 -12.22
C LYS A 117 -33.34 -4.40 -13.60
N ASN A 118 -34.33 -5.01 -14.25
CA ASN A 118 -34.90 -4.51 -15.51
C ASN A 118 -36.20 -3.80 -15.15
N CYS A 119 -36.16 -2.47 -15.13
CA CYS A 119 -37.26 -1.67 -14.59
C CYS A 119 -38.02 -0.95 -15.70
N SER A 120 -39.34 -0.91 -15.55
CA SER A 120 -40.22 -0.17 -16.45
C SER A 120 -41.02 0.84 -15.64
N PHE A 121 -41.34 1.96 -16.29
CA PHE A 121 -41.98 3.07 -15.59
C PHE A 121 -42.74 3.94 -16.59
N ASN A 122 -43.56 4.84 -16.05
CA ASN A 122 -44.14 5.92 -16.81
C ASN A 122 -43.21 7.13 -16.78
N MET A 123 -43.33 7.99 -17.78
CA MET A 123 -42.36 9.06 -17.94
C MET A 123 -42.96 10.22 -18.69
N THR A 124 -42.69 11.43 -18.20
CA THR A 124 -43.05 12.64 -18.92
C THR A 124 -42.28 12.70 -20.23
N THR A 125 -43.00 12.82 -21.33
CA THR A 125 -42.34 13.07 -22.61
C THR A 125 -41.97 14.55 -22.69
N GLU A 126 -41.65 15.03 -23.88
CA GLU A 126 -41.41 16.46 -24.05
C GLU A 126 -42.68 17.25 -23.76
N LEU A 127 -43.77 16.91 -24.44
CA LEU A 127 -45.03 17.58 -24.17
C LEU A 127 -45.55 17.23 -22.78
N ARG A 128 -46.24 18.19 -22.17
CA ARG A 128 -46.91 17.98 -20.89
C ARG A 128 -48.20 17.17 -21.01
N ASP A 129 -48.31 16.34 -22.05
CA ASP A 129 -49.49 15.52 -22.23
C ASP A 129 -49.23 14.03 -22.04
N LYS A 130 -49.18 13.28 -23.15
CA LYS A 130 -49.05 11.83 -23.08
C LYS A 130 -47.78 11.42 -22.34
N LYS A 131 -47.88 10.29 -21.63
CA LYS A 131 -46.75 9.76 -20.87
C LYS A 131 -45.88 8.91 -21.80
N GLN A 132 -44.94 8.18 -21.21
CA GLN A 132 -44.02 7.33 -21.96
C GLN A 132 -43.82 6.03 -21.19
N LYS A 133 -43.88 4.92 -21.91
CA LYS A 133 -43.63 3.60 -21.33
C LYS A 133 -42.25 3.15 -21.82
N VAL A 134 -41.22 3.49 -21.06
CA VAL A 134 -39.85 3.15 -21.40
C VAL A 134 -39.23 2.42 -20.22
N TYR A 135 -38.15 1.69 -20.52
CA TYR A 135 -37.49 0.87 -19.52
C TYR A 135 -36.02 1.25 -19.37
N SER A 136 -35.53 1.17 -18.13
CA SER A 136 -34.14 1.36 -17.77
C SER A 136 -33.55 0.03 -17.28
N LEU A 137 -32.56 0.11 -16.39
CA LEU A 137 -31.84 -1.07 -15.93
C LEU A 137 -30.87 -0.71 -14.81
N PHE A 138 -31.32 -0.79 -13.56
CA PHE A 138 -30.57 -0.26 -12.42
C PHE A 138 -29.96 -1.37 -11.58
N TRP A 139 -28.75 -1.12 -11.07
CA TRP A 139 -28.15 -2.02 -10.09
C TRP A 139 -28.98 -2.03 -8.82
N ARG A 140 -28.79 -3.09 -8.03
CA ARG A 140 -29.61 -3.27 -6.83
C ARG A 140 -29.39 -2.14 -5.83
N LEU A 141 -28.18 -1.56 -5.81
CA LEU A 141 -27.88 -0.46 -4.91
C LEU A 141 -28.51 0.85 -5.37
N ASP A 142 -29.09 0.90 -6.58
CA ASP A 142 -29.73 2.10 -7.07
C ASP A 142 -31.19 2.21 -6.64
N VAL A 143 -31.81 1.11 -6.21
CA VAL A 143 -33.25 1.05 -6.04
C VAL A 143 -33.58 0.34 -4.72
N VAL A 144 -34.87 0.38 -4.37
CA VAL A 144 -35.37 -0.13 -3.10
C VAL A 144 -36.88 -0.26 -3.23
N GLN A 145 -37.44 -1.29 -2.59
CA GLN A 145 -38.84 -1.61 -2.74
C GLN A 145 -39.69 -0.88 -1.72
N ILE A 146 -41.01 -0.94 -1.93
CA ILE A 146 -41.98 -0.29 -1.05
C ILE A 146 -43.28 -1.07 -1.12
N ASN A 147 -43.64 -1.73 -0.03
CA ASN A 147 -44.87 -2.50 0.05
C ASN A 147 -45.98 -1.67 0.69
N GLU A 160 -42.68 -4.15 -7.35
CA GLU A 160 -42.75 -2.69 -7.28
C GLU A 160 -41.57 -2.11 -6.50
N TYR A 161 -40.94 -1.08 -7.06
CA TYR A 161 -39.71 -0.52 -6.50
C TYR A 161 -39.78 1.00 -6.55
N ARG A 162 -38.63 1.63 -6.35
CA ARG A 162 -38.40 3.06 -6.47
C ARG A 162 -36.89 3.26 -6.35
N LEU A 163 -36.42 4.42 -6.79
CA LEU A 163 -35.00 4.71 -6.68
C LEU A 163 -34.61 4.90 -5.22
N ILE A 164 -33.36 4.55 -4.91
CA ILE A 164 -32.88 4.52 -3.53
C ILE A 164 -32.71 5.90 -2.93
N ASN A 165 -32.77 6.96 -3.75
CA ASN A 165 -32.59 8.31 -3.24
C ASN A 165 -33.90 9.06 -3.05
N CYS A 166 -35.00 8.58 -3.64
CA CYS A 166 -36.22 9.37 -3.69
C CYS A 166 -36.77 9.70 -2.31
N ASN A 167 -36.48 8.85 -1.32
CA ASN A 167 -36.93 9.11 0.04
C ASN A 167 -35.93 9.96 0.83
N THR A 168 -34.90 10.50 0.17
CA THR A 168 -33.94 11.36 0.84
C THR A 168 -33.73 12.65 0.06
N SER A 169 -32.83 12.63 -0.91
CA SER A 169 -32.34 13.84 -1.57
C SER A 169 -32.89 13.93 -2.98
N ALA A 170 -33.35 15.12 -3.35
CA ALA A 170 -33.67 15.40 -4.75
C ALA A 170 -32.41 15.20 -5.58
N CYS A 171 -32.60 14.75 -6.81
CA CYS A 171 -31.48 14.20 -7.56
C CYS A 171 -31.17 15.02 -8.81
N THR A 172 -29.94 14.87 -9.27
CA THR A 172 -29.41 15.54 -10.45
C THR A 172 -28.49 14.59 -11.19
N GLN A 173 -28.52 14.67 -12.52
CA GLN A 173 -27.81 13.73 -13.38
C GLN A 173 -26.52 14.36 -13.88
N ALA A 174 -25.41 13.64 -13.71
CA ALA A 174 -24.13 14.14 -14.18
C ALA A 174 -24.16 14.35 -15.68
N CYS A 175 -23.59 15.47 -16.12
CA CYS A 175 -23.52 15.76 -17.54
C CYS A 175 -22.60 14.76 -18.23
N PRO A 176 -22.94 14.32 -19.45
CA PRO A 176 -22.13 13.28 -20.10
C PRO A 176 -20.89 13.81 -20.79
N LYS A 177 -20.71 15.12 -20.87
CA LYS A 177 -19.52 15.68 -21.51
C LYS A 177 -18.34 15.72 -20.56
N VAL A 178 -18.57 16.08 -19.30
CA VAL A 178 -17.48 16.23 -18.35
C VAL A 178 -16.89 14.86 -18.02
N SER A 179 -15.61 14.85 -17.64
CA SER A 179 -14.91 13.64 -17.28
C SER A 179 -14.47 13.71 -15.84
N PHE A 180 -14.67 12.62 -15.10
CA PHE A 180 -14.18 12.50 -13.73
C PHE A 180 -12.77 11.93 -13.67
N GLU A 181 -11.87 12.39 -14.56
CA GLU A 181 -10.53 11.83 -14.63
C GLU A 181 -9.58 12.71 -13.84
N PRO A 182 -8.99 12.23 -12.74
CA PRO A 182 -8.09 13.08 -11.94
C PRO A 182 -6.90 13.60 -12.72
N ILE A 183 -6.87 14.90 -12.96
CA ILE A 183 -5.79 15.58 -13.65
C ILE A 183 -4.87 16.19 -12.61
N PRO A 184 -3.59 16.44 -12.91
CA PRO A 184 -2.71 17.05 -11.91
C PRO A 184 -3.19 18.44 -11.52
N ILE A 185 -3.07 18.76 -10.24
CA ILE A 185 -3.48 20.06 -9.70
C ILE A 185 -2.33 20.62 -8.85
N HIS A 186 -1.79 21.76 -9.26
CA HIS A 186 -0.73 22.44 -8.52
C HIS A 186 -1.35 23.58 -7.73
N TYR A 187 -1.30 23.48 -6.40
CA TYR A 187 -1.72 24.59 -5.56
C TYR A 187 -0.59 25.62 -5.45
N CYS A 188 -0.97 26.87 -5.18
CA CYS A 188 -0.01 27.95 -5.09
C CYS A 188 -0.44 28.89 -3.98
N ALA A 189 0.36 29.95 -3.80
CA ALA A 189 0.10 31.03 -2.85
C ALA A 189 0.48 32.34 -3.52
N PRO A 190 -0.17 33.45 -3.13
CA PRO A 190 0.09 34.74 -3.81
C PRO A 190 1.40 35.39 -3.39
N ALA A 191 1.50 36.71 -3.58
CA ALA A 191 2.66 37.47 -3.19
C ALA A 191 2.69 37.67 -1.68
N GLY A 192 3.88 37.90 -1.14
CA GLY A 192 4.05 38.01 0.29
C GLY A 192 3.94 36.71 1.04
N PHE A 193 3.69 35.60 0.35
CA PHE A 193 3.62 34.28 0.95
C PHE A 193 4.51 33.32 0.18
N ALA A 194 4.81 32.18 0.81
CA ALA A 194 5.60 31.12 0.19
C ALA A 194 5.18 29.79 0.80
N ILE A 195 5.63 28.71 0.16
CA ILE A 195 5.31 27.36 0.57
C ILE A 195 6.61 26.57 0.69
N LEU A 196 6.78 25.87 1.80
CA LEU A 196 8.00 25.13 2.10
C LEU A 196 7.80 23.65 1.81
N LYS A 197 8.78 23.06 1.13
CA LYS A 197 8.77 21.63 0.83
C LYS A 197 9.89 20.95 1.58
N CYS A 198 9.53 20.06 2.51
CA CYS A 198 10.54 19.24 3.17
C CYS A 198 11.05 18.18 2.20
N LYS A 199 12.39 18.01 2.15
CA LYS A 199 13.03 17.21 1.12
C LYS A 199 13.94 16.10 1.67
N ASP A 200 13.60 15.53 2.83
CA ASP A 200 14.32 14.37 3.33
C ASP A 200 13.53 13.10 3.08
N LYS A 201 14.19 11.95 3.25
CA LYS A 201 13.58 10.68 2.86
C LYS A 201 12.81 10.00 3.99
N LYS A 202 12.99 10.44 5.24
CA LYS A 202 12.35 9.81 6.39
C LYS A 202 11.74 10.91 7.26
N PHE A 203 10.45 11.18 7.04
CA PHE A 203 9.77 12.21 7.82
C PHE A 203 8.32 11.80 8.02
N ASN A 204 7.93 11.60 9.27
CA ASN A 204 6.55 11.26 9.60
C ASN A 204 5.67 12.51 9.61
N GLY A 205 5.97 13.50 8.77
CA GLY A 205 5.10 14.65 8.59
C GLY A 205 4.98 15.59 9.76
N THR A 206 5.67 15.29 10.87
CA THR A 206 5.55 16.07 12.09
C THR A 206 6.90 16.19 12.76
N GLY A 207 7.25 17.40 13.19
CA GLY A 207 8.53 17.67 13.78
C GLY A 207 9.40 18.53 12.88
N PRO A 208 10.65 18.74 13.29
CA PRO A 208 11.56 19.55 12.48
C PRO A 208 12.08 18.79 11.27
N CYS A 209 12.29 19.53 10.18
CA CYS A 209 12.83 18.99 8.94
C CYS A 209 14.20 19.59 8.68
N PRO A 210 15.23 18.74 8.49
CA PRO A 210 16.59 19.26 8.31
C PRO A 210 16.81 19.93 6.95
N SER A 211 16.37 19.28 5.87
CA SER A 211 16.58 19.79 4.51
C SER A 211 15.29 20.40 4.00
N VAL A 212 15.05 21.65 4.40
CA VAL A 212 13.89 22.41 3.96
C VAL A 212 14.24 23.18 2.70
N SER A 213 13.37 23.11 1.71
CA SER A 213 13.48 23.90 0.49
C SER A 213 12.17 24.62 0.24
N THR A 214 12.24 25.73 -0.49
CA THR A 214 11.09 26.57 -0.74
C THR A 214 10.65 26.46 -2.20
N VAL A 215 9.33 26.50 -2.41
CA VAL A 215 8.74 26.37 -3.73
C VAL A 215 7.57 27.35 -3.82
N GLN A 216 7.14 27.65 -5.05
CA GLN A 216 5.97 28.47 -5.33
C GLN A 216 4.69 27.66 -5.55
N CYS A 217 4.77 26.50 -6.19
CA CYS A 217 3.59 25.68 -6.42
C CYS A 217 3.93 24.21 -6.28
N THR A 218 3.08 23.47 -5.57
CA THR A 218 3.35 22.08 -5.20
C THR A 218 3.38 21.18 -6.43
N HIS A 219 3.76 19.92 -6.22
CA HIS A 219 3.80 18.98 -7.33
C HIS A 219 2.38 18.57 -7.72
N GLY A 220 2.26 17.99 -8.92
CA GLY A 220 0.97 17.56 -9.42
C GLY A 220 0.26 16.62 -8.48
N ILE A 221 -0.89 17.07 -7.94
CA ILE A 221 -1.65 16.31 -6.96
C ILE A 221 -3.00 15.99 -7.58
N LYS A 222 -3.14 14.78 -8.11
CA LYS A 222 -4.38 14.34 -8.74
C LYS A 222 -5.40 14.03 -7.65
N PRO A 223 -6.54 14.74 -7.61
CA PRO A 223 -7.49 14.51 -6.52
C PRO A 223 -8.24 13.19 -6.68
N VAL A 224 -7.63 12.11 -6.19
CA VAL A 224 -8.20 10.78 -6.34
C VAL A 224 -9.10 10.52 -5.13
N VAL A 225 -10.41 10.51 -5.35
CA VAL A 225 -11.37 10.22 -4.28
C VAL A 225 -11.47 8.71 -4.14
N SER A 226 -10.84 8.17 -3.10
CA SER A 226 -10.81 6.74 -2.86
C SER A 226 -10.92 6.50 -1.37
N THR A 227 -11.19 5.24 -1.00
CA THR A 227 -11.18 4.82 0.39
C THR A 227 -10.35 3.54 0.51
N GLN A 228 -9.87 3.29 1.73
CA GLN A 228 -9.06 2.11 2.04
C GLN A 228 -7.74 2.09 1.27
N LEU A 229 -7.81 2.04 -0.06
CA LEU A 229 -6.62 1.89 -0.90
C LEU A 229 -6.27 3.24 -1.51
N LEU A 230 -5.11 3.77 -1.15
CA LEU A 230 -4.63 5.01 -1.76
C LEU A 230 -4.19 4.74 -3.20
N LEU A 231 -4.64 5.58 -4.13
CA LEU A 231 -4.50 5.31 -5.55
C LEU A 231 -3.77 6.45 -6.25
N ASN A 232 -2.78 6.10 -7.06
CA ASN A 232 -2.07 7.06 -7.91
C ASN A 232 -1.46 8.19 -7.09
N GLY A 233 -0.91 7.86 -5.93
CA GLY A 233 -0.29 8.84 -5.08
C GLY A 233 1.23 8.83 -5.20
N SER A 234 1.85 9.79 -4.53
CA SER A 234 3.31 9.85 -4.51
C SER A 234 3.87 8.63 -3.81
N LEU A 235 4.92 8.06 -4.39
CA LEU A 235 5.61 6.96 -3.76
C LEU A 235 6.56 7.48 -2.69
N ALA A 236 6.69 6.73 -1.60
CA ALA A 236 7.60 7.10 -0.53
C ALA A 236 9.04 6.81 -0.96
N GLU A 237 9.98 7.18 -0.09
CA GLU A 237 11.40 7.05 -0.39
C GLU A 237 12.03 6.04 0.55
N GLU A 238 12.89 5.18 0.00
CA GLU A 238 13.61 4.16 0.76
C GLU A 238 12.64 3.23 1.47
N GLU A 239 12.57 3.31 2.80
CA GLU A 239 11.63 2.48 3.54
C GLU A 239 10.22 3.02 3.38
N VAL A 240 9.23 2.12 3.37
CA VAL A 240 7.84 2.56 3.35
C VAL A 240 7.57 3.37 4.61
N MET A 241 6.68 4.35 4.48
CA MET A 241 6.42 5.30 5.56
C MET A 241 5.15 4.93 6.31
N ILE A 242 5.21 5.05 7.64
CA ILE A 242 4.06 4.84 8.52
C ILE A 242 3.83 6.15 9.27
N ARG A 243 2.71 6.81 8.98
CA ARG A 243 2.40 8.11 9.55
C ARG A 243 1.11 8.02 10.35
N SER A 244 1.13 8.59 11.55
CA SER A 244 -0.01 8.58 12.45
C SER A 244 -0.02 9.86 13.26
N GLU A 245 -1.22 10.25 13.72
CA GLU A 245 -1.38 11.41 14.59
C GLU A 245 -1.08 11.05 16.04
N ASN A 246 -1.58 9.91 16.50
CA ASN A 246 -1.24 9.39 17.82
C ASN A 246 -1.22 7.87 17.69
N ILE A 247 -0.03 7.27 17.81
CA ILE A 247 0.07 5.83 17.64
C ILE A 247 -0.47 5.12 18.88
N THR A 248 -0.45 5.78 20.04
CA THR A 248 -1.00 5.17 21.23
C THR A 248 -2.52 5.21 21.25
N ASN A 249 -3.12 6.16 20.54
CA ASN A 249 -4.57 6.25 20.44
C ASN A 249 -5.05 5.39 19.27
N ASN A 250 -5.99 4.50 19.55
CA ASN A 250 -6.58 3.65 18.54
C ASN A 250 -7.75 4.32 17.82
N ALA A 251 -7.89 5.65 17.94
CA ALA A 251 -9.00 6.37 17.33
C ALA A 251 -8.55 7.32 16.22
N LYS A 252 -7.28 7.24 15.80
CA LYS A 252 -6.77 8.04 14.71
C LYS A 252 -6.26 7.13 13.60
N ASN A 253 -6.60 7.45 12.36
CA ASN A 253 -6.23 6.62 11.23
C ASN A 253 -4.71 6.62 11.04
N ILE A 254 -4.21 5.52 10.49
CA ILE A 254 -2.77 5.31 10.33
C ILE A 254 -2.47 5.38 8.84
N LEU A 255 -1.96 6.52 8.38
CA LEU A 255 -1.67 6.65 6.96
C LEU A 255 -0.40 5.88 6.61
N VAL A 256 -0.45 5.18 5.49
CA VAL A 256 0.66 4.38 5.00
C VAL A 256 1.01 4.84 3.60
N GLN A 257 2.29 4.85 3.27
CA GLN A 257 2.76 5.18 1.93
C GLN A 257 3.74 4.10 1.50
N PHE A 258 3.55 3.60 0.27
CA PHE A 258 4.38 2.54 -0.26
C PHE A 258 5.64 3.11 -0.89
N ASN A 259 6.67 2.26 -0.96
CA ASN A 259 7.85 2.54 -1.77
C ASN A 259 7.69 1.99 -3.17
N THR A 260 7.40 0.70 -3.29
CA THR A 260 7.07 0.10 -4.58
C THR A 260 5.57 0.17 -4.79
N PRO A 261 5.10 0.58 -5.97
CA PRO A 261 3.66 0.57 -6.23
C PRO A 261 3.16 -0.85 -6.40
N VAL A 262 1.90 -1.05 -6.04
CA VAL A 262 1.21 -2.33 -6.22
C VAL A 262 0.26 -2.18 -7.40
N GLN A 263 0.33 -3.12 -8.33
CA GLN A 263 -0.44 -3.05 -9.56
C GLN A 263 -1.84 -3.59 -9.36
N ILE A 264 -2.84 -2.80 -9.75
CA ILE A 264 -4.24 -3.18 -9.64
C ILE A 264 -4.94 -2.92 -10.97
N ASN A 265 -5.65 -3.92 -11.47
CA ASN A 265 -6.43 -3.84 -12.71
C ASN A 265 -7.90 -3.98 -12.38
N CYS A 266 -8.76 -3.31 -13.16
CA CYS A 266 -10.20 -3.36 -12.91
C CYS A 266 -10.93 -3.25 -14.24
N THR A 267 -11.74 -4.26 -14.57
CA THR A 267 -12.57 -4.24 -15.76
C THR A 267 -14.04 -4.09 -15.38
N ARG A 268 -14.81 -3.52 -16.30
CA ARG A 268 -16.26 -3.60 -16.20
C ARG A 268 -16.73 -4.38 -17.43
N PRO A 269 -16.56 -5.70 -17.44
CA PRO A 269 -16.68 -6.45 -18.70
C PRO A 269 -18.10 -6.69 -19.16
N MET A 270 -18.98 -5.71 -19.01
CA MET A 270 -20.36 -5.80 -19.47
C MET A 270 -20.55 -4.79 -20.58
N ASN A 271 -20.76 -5.28 -21.80
CA ASN A 271 -20.97 -4.41 -22.96
C ASN A 271 -22.40 -3.89 -22.89
N MET A 272 -22.59 -2.84 -22.09
CA MET A 272 -23.93 -2.34 -21.82
C MET A 272 -24.36 -1.33 -22.89
N THR A 273 -25.61 -0.90 -22.79
CA THR A 273 -26.22 -0.01 -23.77
C THR A 273 -26.69 1.27 -23.09
N ARG A 274 -26.64 2.38 -23.85
CA ARG A 274 -27.09 3.67 -23.37
C ARG A 274 -28.39 4.04 -24.06
N LYS A 275 -29.50 3.98 -23.33
CA LYS A 275 -30.78 4.46 -23.81
C LYS A 275 -30.97 5.90 -23.41
N SER A 276 -31.47 6.71 -24.34
CA SER A 276 -31.62 8.16 -24.12
C SER A 276 -33.10 8.51 -24.20
N ILE A 277 -33.82 8.33 -23.09
CA ILE A 277 -35.24 8.65 -23.05
C ILE A 277 -35.40 10.14 -22.79
N ARG A 278 -36.07 10.83 -23.70
CA ARG A 278 -36.13 12.29 -23.65
C ARG A 278 -37.27 12.72 -22.73
N ILE A 279 -36.92 13.30 -21.59
CA ILE A 279 -37.89 13.89 -20.68
C ILE A 279 -37.91 15.39 -20.94
N GLY A 280 -38.21 15.78 -22.17
CA GLY A 280 -38.12 17.17 -22.56
C GLY A 280 -39.12 18.13 -21.93
N PRO A 281 -39.21 19.35 -22.47
CA PRO A 281 -38.40 19.81 -23.61
C PRO A 281 -36.97 20.16 -23.21
N GLY A 282 -36.00 19.70 -24.01
CA GLY A 282 -34.60 19.97 -23.74
C GLY A 282 -33.90 18.85 -23.00
N GLN A 283 -34.19 18.69 -21.72
CA GLN A 283 -33.52 17.70 -20.89
C GLN A 283 -33.76 16.28 -21.43
N ALA A 284 -32.88 15.37 -21.02
CA ALA A 284 -32.93 13.99 -21.50
C ALA A 284 -32.15 13.08 -20.56
N PHE A 285 -32.76 11.99 -20.13
CA PHE A 285 -32.14 11.08 -19.17
C PHE A 285 -31.42 9.94 -19.90
N TYR A 286 -30.29 9.53 -19.36
CA TYR A 286 -29.49 8.45 -19.92
C TYR A 286 -29.62 7.22 -19.04
N ALA A 287 -30.15 6.15 -19.61
CA ALA A 287 -30.45 4.92 -18.91
C ALA A 287 -29.56 3.80 -19.42
N LEU A 288 -29.84 2.60 -18.95
CA LEU A 288 -29.12 1.40 -19.34
C LEU A 288 -30.05 0.54 -20.17
N GLY A 289 -29.66 0.26 -21.41
CA GLY A 289 -30.44 -0.60 -22.29
C GLY A 289 -30.23 -2.06 -21.99
N ASP A 290 -30.29 -2.88 -23.04
CA ASP A 290 -30.04 -4.30 -22.90
C ASP A 290 -28.54 -4.55 -22.91
N ILE A 291 -28.14 -5.64 -22.25
CA ILE A 291 -26.73 -5.96 -22.05
C ILE A 291 -26.28 -6.90 -23.16
N ILE A 292 -25.25 -6.50 -23.88
CA ILE A 292 -24.70 -7.28 -24.98
C ILE A 292 -23.58 -8.16 -24.41
N GLY A 293 -23.83 -9.46 -24.35
CA GLY A 293 -22.82 -10.40 -23.91
C GLY A 293 -23.17 -11.07 -22.60
N ASP A 294 -22.14 -11.58 -21.94
CA ASP A 294 -22.29 -12.41 -20.76
C ASP A 294 -22.60 -11.57 -19.52
N ILE A 295 -23.36 -12.16 -18.60
CA ILE A 295 -23.65 -11.53 -17.31
C ILE A 295 -22.46 -11.80 -16.41
N ARG A 296 -21.56 -10.81 -16.31
CA ARG A 296 -20.43 -10.84 -15.40
C ARG A 296 -20.50 -9.61 -14.50
N GLN A 297 -19.61 -9.55 -13.52
CA GLN A 297 -19.51 -8.40 -12.64
C GLN A 297 -18.10 -7.81 -12.72
N ALA A 298 -17.96 -6.62 -12.14
CA ALA A 298 -16.69 -5.92 -12.16
C ALA A 298 -15.74 -6.47 -11.12
N HIS A 299 -14.49 -6.62 -11.50
CA HIS A 299 -13.49 -7.23 -10.63
C HIS A 299 -12.18 -6.49 -10.74
N CYS A 300 -11.53 -6.28 -9.59
CA CYS A 300 -10.20 -5.70 -9.54
C CYS A 300 -9.18 -6.79 -9.21
N ASN A 301 -8.10 -6.82 -9.98
CA ASN A 301 -7.03 -7.80 -9.82
C ASN A 301 -5.84 -7.19 -9.11
N VAL A 302 -5.27 -7.93 -8.17
CA VAL A 302 -4.00 -7.57 -7.52
C VAL A 302 -3.10 -8.80 -7.59
N SER A 303 -1.88 -8.63 -8.09
CA SER A 303 -0.98 -9.76 -8.26
C SER A 303 -0.56 -10.33 -6.91
N LYS A 304 -0.69 -11.65 -6.76
CA LYS A 304 -0.41 -12.30 -5.48
C LYS A 304 1.04 -12.10 -5.05
N ALA A 305 1.96 -12.02 -6.01
CA ALA A 305 3.38 -11.87 -5.67
C ALA A 305 3.71 -10.48 -5.13
N THR A 306 3.05 -9.45 -5.66
CA THR A 306 3.35 -8.09 -5.20
C THR A 306 2.74 -7.80 -3.84
N TRP A 307 1.53 -8.31 -3.57
CA TRP A 307 0.84 -7.97 -2.34
C TRP A 307 1.43 -8.68 -1.12
N ASN A 308 2.17 -9.77 -1.33
CA ASN A 308 2.76 -10.47 -0.19
C ASN A 308 4.04 -9.78 0.29
N GLU A 309 4.86 -9.27 -0.63
CA GLU A 309 6.09 -8.59 -0.23
C GLU A 309 5.79 -7.21 0.33
N THR A 310 4.80 -6.52 -0.22
CA THR A 310 4.46 -5.19 0.26
C THR A 310 3.75 -5.26 1.61
N LEU A 311 3.04 -6.36 1.89
CA LEU A 311 2.40 -6.51 3.19
C LEU A 311 3.42 -6.75 4.29
N GLY A 312 4.48 -7.52 4.00
CA GLY A 312 5.50 -7.76 4.99
C GLY A 312 6.42 -6.57 5.18
N LYS A 313 6.53 -5.72 4.16
CA LYS A 313 7.36 -4.52 4.28
C LYS A 313 6.73 -3.52 5.25
N VAL A 314 5.40 -3.52 5.35
CA VAL A 314 4.72 -2.61 6.26
C VAL A 314 4.81 -3.11 7.70
N VAL A 315 4.70 -4.43 7.89
CA VAL A 315 4.66 -4.98 9.24
C VAL A 315 6.02 -4.94 9.93
N LYS A 316 7.12 -4.94 9.18
CA LYS A 316 8.42 -4.67 9.80
C LYS A 316 8.52 -3.23 10.27
N GLN A 317 7.79 -2.33 9.62
CA GLN A 317 7.65 -0.96 10.11
C GLN A 317 6.66 -0.89 11.27
N LEU A 318 5.66 -1.76 11.30
CA LEU A 318 4.73 -1.79 12.43
C LEU A 318 5.39 -2.33 13.68
N ARG A 319 6.38 -3.21 13.53
CA ARG A 319 7.12 -3.69 14.70
C ARG A 319 7.98 -2.59 15.31
N LYS A 320 8.38 -1.61 14.50
CA LYS A 320 9.16 -0.50 15.04
C LYS A 320 8.36 0.34 16.02
N HIS A 321 7.03 0.18 16.06
CA HIS A 321 6.17 1.00 16.89
C HIS A 321 5.32 0.20 17.88
N PHE A 322 5.08 -1.09 17.64
CA PHE A 322 4.18 -1.89 18.47
C PHE A 322 4.88 -3.07 19.14
N GLY A 323 6.17 -2.91 19.43
CA GLY A 323 6.93 -3.98 20.04
C GLY A 323 7.71 -4.79 19.02
N ASN A 324 8.92 -5.23 19.38
CA ASN A 324 9.76 -5.95 18.43
C ASN A 324 9.17 -7.33 18.11
N ASN A 325 8.98 -8.15 19.13
CA ASN A 325 8.44 -9.49 18.96
C ASN A 325 6.94 -9.50 19.28
N THR A 326 6.19 -8.74 18.50
CA THR A 326 4.74 -8.68 18.59
C THR A 326 4.11 -9.33 17.37
N ILE A 327 2.85 -9.73 17.52
CA ILE A 327 2.09 -10.40 16.46
C ILE A 327 1.10 -9.40 15.88
N ILE A 328 1.16 -9.22 14.56
CA ILE A 328 0.32 -8.25 13.86
C ILE A 328 -0.65 -9.02 12.98
N ARG A 329 -1.95 -8.79 13.17
CA ARG A 329 -3.00 -9.43 12.40
C ARG A 329 -3.80 -8.36 11.65
N PHE A 330 -4.47 -8.79 10.59
CA PHE A 330 -5.31 -7.92 9.78
C PHE A 330 -6.64 -8.60 9.49
N ALA A 331 -7.73 -7.84 9.61
CA ALA A 331 -9.06 -8.31 9.28
C ALA A 331 -9.78 -7.25 8.45
N ASN A 332 -10.97 -7.60 7.95
CA ASN A 332 -11.73 -6.68 7.11
C ASN A 332 -12.41 -5.63 8.00
N SER A 333 -13.32 -4.86 7.41
CA SER A 333 -13.92 -3.73 8.11
C SER A 333 -14.86 -4.18 9.22
N SER A 334 -14.83 -3.46 10.35
CA SER A 334 -15.68 -3.80 11.48
C SER A 334 -17.15 -3.71 11.11
N GLY A 335 -17.51 -2.76 10.25
CA GLY A 335 -18.87 -2.61 9.78
C GLY A 335 -19.33 -1.18 9.89
N GLY A 336 -20.63 -0.98 9.69
CA GLY A 336 -21.19 0.35 9.68
C GLY A 336 -21.70 0.73 8.30
N ASP A 337 -21.20 1.84 7.76
CA ASP A 337 -21.68 2.35 6.49
C ASP A 337 -21.02 1.59 5.33
N LEU A 338 -21.58 1.80 4.13
CA LEU A 338 -21.08 1.11 2.95
C LEU A 338 -19.72 1.64 2.52
N GLU A 339 -19.56 2.97 2.49
CA GLU A 339 -18.34 3.57 1.99
C GLU A 339 -17.13 3.11 2.80
N VAL A 340 -17.28 3.00 4.12
CA VAL A 340 -16.16 2.65 4.99
C VAL A 340 -15.69 1.24 4.72
N THR A 341 -16.62 0.32 4.43
CA THR A 341 -16.28 -1.09 4.33
C THR A 341 -15.67 -1.44 2.97
N THR A 342 -16.03 -0.74 1.91
CA THR A 342 -15.60 -1.08 0.57
C THR A 342 -14.57 -0.10 0.04
N HIS A 343 -13.86 -0.53 -1.01
CA HIS A 343 -12.88 0.29 -1.71
C HIS A 343 -13.62 1.11 -2.76
N SER A 344 -14.12 2.27 -2.34
CA SER A 344 -14.83 3.16 -3.25
C SER A 344 -13.83 3.91 -4.13
N PHE A 345 -14.13 3.98 -5.43
CA PHE A 345 -13.26 4.70 -6.35
C PHE A 345 -13.97 4.87 -7.68
N ASN A 346 -13.45 5.81 -8.47
CA ASN A 346 -13.93 6.06 -9.81
C ASN A 346 -12.87 5.65 -10.83
N CYS A 347 -13.33 5.18 -11.98
CA CYS A 347 -12.50 4.96 -13.15
C CYS A 347 -13.40 4.67 -14.34
N GLY A 348 -13.21 5.40 -15.44
CA GLY A 348 -14.15 5.31 -16.54
C GLY A 348 -15.53 5.86 -16.26
N GLY A 349 -15.73 6.58 -15.15
CA GLY A 349 -17.02 7.19 -14.88
C GLY A 349 -17.84 6.46 -13.84
N GLU A 350 -17.87 5.13 -13.92
CA GLU A 350 -18.62 4.35 -12.96
C GLU A 350 -17.97 4.42 -11.59
N PHE A 351 -18.75 4.08 -10.58
CA PHE A 351 -18.28 4.07 -9.21
C PHE A 351 -18.30 2.64 -8.70
N PHE A 352 -17.11 2.11 -8.42
CA PHE A 352 -16.95 0.76 -7.92
C PHE A 352 -16.98 0.76 -6.40
N TYR A 353 -17.33 -0.40 -5.84
CA TYR A 353 -17.38 -0.58 -4.39
C TYR A 353 -16.94 -2.01 -4.12
N CYS A 354 -15.69 -2.17 -3.72
CA CYS A 354 -15.00 -3.45 -3.79
C CYS A 354 -14.68 -4.00 -2.40
N ASN A 355 -14.70 -5.32 -2.30
CA ASN A 355 -14.59 -6.06 -1.04
C ASN A 355 -13.12 -6.36 -0.77
N THR A 356 -12.58 -5.83 0.33
CA THR A 356 -11.19 -6.02 0.71
C THR A 356 -11.06 -7.00 1.88
N SER A 357 -11.88 -8.06 1.89
CA SER A 357 -11.68 -9.13 2.85
C SER A 357 -10.51 -10.02 2.46
N GLY A 358 -10.07 -9.97 1.20
CA GLY A 358 -8.99 -10.79 0.70
C GLY A 358 -7.63 -10.13 0.74
N LEU A 359 -7.60 -8.81 0.85
CA LEU A 359 -6.36 -8.08 1.01
C LEU A 359 -5.97 -7.88 2.47
N PHE A 360 -6.90 -8.09 3.41
CA PHE A 360 -6.65 -7.92 4.84
C PHE A 360 -7.13 -9.17 5.58
N ASN A 361 -6.43 -10.28 5.36
CA ASN A 361 -6.72 -11.57 5.99
C ASN A 361 -5.38 -12.24 6.30
N SER A 362 -4.58 -11.59 7.15
CA SER A 362 -3.21 -12.01 7.39
C SER A 362 -2.91 -12.01 8.89
N THR A 363 -1.95 -12.85 9.28
CA THR A 363 -1.50 -12.95 10.66
C THR A 363 0.01 -13.16 10.65
N TRP A 364 0.77 -12.13 11.02
CA TRP A 364 2.22 -12.17 10.99
C TRP A 364 2.79 -12.39 12.39
N ILE A 365 3.76 -13.29 12.48
CA ILE A 365 4.44 -13.60 13.74
C ILE A 365 5.73 -12.80 13.80
N SER A 366 6.46 -12.89 14.93
CA SER A 366 7.63 -12.05 15.14
C SER A 366 8.68 -12.24 14.06
N ASN A 367 8.72 -13.41 13.43
CA ASN A 367 9.66 -13.66 12.33
C ASN A 367 9.22 -14.87 11.50
N ASN A 379 1.54 -18.41 -7.89
CA ASN A 379 1.78 -17.29 -8.78
C ASN A 379 0.53 -17.00 -9.59
N ASP A 380 -0.33 -16.14 -9.05
CA ASP A 380 -1.58 -15.83 -9.72
C ASP A 380 -2.08 -14.47 -9.20
N SER A 381 -3.36 -14.18 -9.38
CA SER A 381 -3.95 -12.90 -9.03
C SER A 381 -4.84 -13.03 -7.81
N ILE A 382 -5.06 -11.89 -7.15
CA ILE A 382 -6.03 -11.76 -6.07
C ILE A 382 -7.18 -10.93 -6.64
N THR A 383 -8.26 -11.60 -7.05
CA THR A 383 -9.40 -10.91 -7.61
C THR A 383 -10.35 -10.49 -6.50
N LEU A 384 -10.92 -9.28 -6.62
CA LEU A 384 -11.75 -8.69 -5.58
C LEU A 384 -13.15 -8.39 -6.13
N PRO A 385 -14.20 -8.73 -5.40
CA PRO A 385 -15.56 -8.50 -5.89
C PRO A 385 -15.92 -7.02 -5.81
N CYS A 386 -16.45 -6.49 -6.91
CA CYS A 386 -16.80 -5.07 -6.96
C CYS A 386 -18.27 -4.91 -7.34
N ARG A 387 -19.00 -4.11 -6.57
CA ARG A 387 -20.35 -3.76 -6.95
C ARG A 387 -20.34 -2.58 -7.91
N MET A 388 -21.47 -1.86 -7.99
CA MET A 388 -21.54 -0.66 -8.81
C MET A 388 -22.81 0.08 -8.43
N LYS A 389 -22.74 1.41 -8.51
CA LYS A 389 -23.87 2.25 -8.19
C LYS A 389 -23.83 3.51 -9.04
N GLN A 390 -25.00 3.95 -9.48
CA GLN A 390 -25.11 5.16 -10.28
C GLN A 390 -25.39 6.38 -9.42
N ILE A 391 -26.24 6.25 -8.40
CA ILE A 391 -26.66 7.37 -7.58
C ILE A 391 -25.81 7.39 -6.32
N ILE A 392 -25.14 8.51 -6.07
CA ILE A 392 -24.09 8.61 -5.06
C ILE A 392 -24.22 9.91 -4.29
N ASN A 393 -23.84 9.86 -3.02
CA ASN A 393 -23.74 11.06 -2.17
C ASN A 393 -22.29 11.16 -1.70
N MET A 394 -21.52 12.03 -2.35
CA MET A 394 -20.07 12.07 -2.23
C MET A 394 -19.61 12.93 -1.05
N TRP A 395 -18.39 12.64 -0.59
CA TRP A 395 -17.79 13.24 0.60
C TRP A 395 -18.79 13.33 1.74
N GLN A 396 -19.19 12.19 2.29
CA GLN A 396 -20.19 12.18 3.34
C GLN A 396 -21.46 12.89 2.85
N ARG A 397 -21.65 14.14 3.24
CA ARG A 397 -22.83 14.91 2.86
C ARG A 397 -22.38 16.18 2.15
N ILE A 398 -22.40 16.17 0.81
CA ILE A 398 -22.27 17.37 -0.01
C ILE A 398 -22.60 17.02 -1.45
N GLY A 399 -23.10 18.00 -2.20
CA GLY A 399 -23.34 17.86 -3.61
C GLY A 399 -24.59 17.10 -4.00
N GLN A 400 -25.50 16.89 -3.05
CA GLN A 400 -26.73 16.11 -3.22
C GLN A 400 -26.36 14.72 -3.73
N CYS A 401 -27.30 14.09 -4.45
CA CYS A 401 -27.04 12.89 -5.22
C CYS A 401 -26.23 13.24 -6.48
N MET A 402 -25.89 12.21 -7.25
CA MET A 402 -25.47 12.38 -8.64
C MET A 402 -25.58 11.04 -9.35
N TYR A 403 -26.49 10.94 -10.31
CA TYR A 403 -26.62 9.75 -11.13
C TYR A 403 -25.64 9.88 -12.28
N ALA A 404 -24.45 9.33 -12.10
CA ALA A 404 -23.48 9.28 -13.19
C ALA A 404 -24.08 8.48 -14.35
N PRO A 405 -23.93 8.96 -15.59
CA PRO A 405 -24.54 8.26 -16.71
C PRO A 405 -23.87 6.91 -16.94
N PRO A 406 -24.59 5.94 -17.50
CA PRO A 406 -23.97 4.64 -17.78
C PRO A 406 -22.82 4.77 -18.78
N ILE A 407 -21.99 3.74 -18.83
CA ILE A 407 -20.78 3.76 -19.64
C ILE A 407 -20.81 2.56 -20.60
N GLN A 408 -20.67 2.84 -21.89
CA GLN A 408 -20.72 1.79 -22.90
C GLN A 408 -19.41 1.00 -22.91
N GLY A 409 -19.46 -0.17 -23.55
CA GLY A 409 -18.28 -0.98 -23.74
C GLY A 409 -17.65 -1.49 -22.46
N VAL A 410 -16.57 -2.25 -22.59
CA VAL A 410 -15.87 -2.80 -21.44
C VAL A 410 -14.91 -1.74 -20.94
N ILE A 411 -15.13 -1.27 -19.71
CA ILE A 411 -14.22 -0.31 -19.08
C ILE A 411 -13.07 -1.09 -18.45
N ARG A 412 -11.85 -0.63 -18.70
CA ARG A 412 -10.69 -1.20 -18.04
C ARG A 412 -9.76 -0.06 -17.64
N CYS A 413 -9.09 -0.23 -16.50
CA CYS A 413 -8.17 0.78 -16.01
C CYS A 413 -7.19 0.14 -15.03
N VAL A 414 -5.97 0.67 -15.03
CA VAL A 414 -4.93 0.25 -14.10
C VAL A 414 -4.68 1.40 -13.14
N SER A 415 -4.50 1.09 -11.87
CA SER A 415 -4.19 2.10 -10.86
C SER A 415 -2.98 1.64 -10.05
N ASN A 416 -2.39 2.58 -9.32
CA ASN A 416 -1.29 2.31 -8.43
C ASN A 416 -1.76 2.36 -7.00
N ILE A 417 -1.53 1.27 -6.25
CA ILE A 417 -1.69 1.28 -4.81
C ILE A 417 -0.41 1.87 -4.22
N THR A 418 -0.50 3.13 -3.76
CA THR A 418 0.63 3.85 -3.19
C THR A 418 0.44 4.13 -1.70
N GLY A 419 -0.50 3.45 -1.07
CA GLY A 419 -0.71 3.64 0.35
C GLY A 419 -2.00 2.99 0.80
N LEU A 420 -2.13 2.87 2.13
CA LEU A 420 -3.29 2.26 2.76
C LEU A 420 -3.79 3.15 3.89
N ILE A 421 -5.07 3.02 4.20
CA ILE A 421 -5.70 3.70 5.33
C ILE A 421 -6.16 2.62 6.30
N LEU A 422 -5.51 2.55 7.46
CA LEU A 422 -5.74 1.49 8.42
C LEU A 422 -6.24 2.07 9.74
N THR A 423 -7.00 1.27 10.48
CA THR A 423 -7.46 1.60 11.81
C THR A 423 -7.10 0.45 12.75
N ARG A 424 -7.04 0.75 14.05
CA ARG A 424 -6.64 -0.22 15.05
C ARG A 424 -7.79 -0.53 16.00
N ASP A 425 -7.80 -1.76 16.50
CA ASP A 425 -8.82 -2.20 17.43
C ASP A 425 -8.47 -1.79 18.85
N GLY A 426 -9.47 -1.83 19.74
CA GLY A 426 -9.29 -1.40 21.11
C GLY A 426 -9.01 -2.55 22.07
N THR A 432 0.11 -8.06 24.26
CA THR A 432 0.23 -9.30 23.49
C THR A 432 0.31 -9.02 22.00
N THR A 433 -0.85 -8.78 21.39
CA THR A 433 -0.95 -8.60 19.95
C THR A 433 -1.84 -7.40 19.63
N GLU A 434 -1.85 -7.03 18.34
CA GLU A 434 -2.63 -5.90 17.85
C GLU A 434 -3.14 -6.21 16.44
N THR A 435 -4.37 -5.79 16.15
CA THR A 435 -5.02 -6.01 14.87
C THR A 435 -5.30 -4.67 14.19
N PHE A 436 -5.38 -4.71 12.85
CA PHE A 436 -5.60 -3.52 12.03
C PHE A 436 -6.59 -3.83 10.92
N ARG A 437 -7.52 -2.90 10.70
CA ARG A 437 -8.59 -3.03 9.73
C ARG A 437 -8.70 -1.77 8.88
N PRO A 438 -9.16 -1.88 7.63
CA PRO A 438 -9.17 -0.72 6.74
C PRO A 438 -10.28 0.26 7.06
N GLY A 439 -10.02 1.54 6.73
CA GLY A 439 -10.95 2.60 7.03
C GLY A 439 -10.87 3.75 6.04
N GLY A 440 -11.65 4.79 6.31
CA GLY A 440 -11.72 5.95 5.45
C GLY A 440 -12.83 6.89 5.87
N GLY A 441 -13.85 7.04 5.01
CA GLY A 441 -15.00 7.87 5.34
C GLY A 441 -14.72 9.36 5.18
N ASP A 442 -13.91 9.90 6.09
CA ASP A 442 -13.49 11.29 5.98
C ASP A 442 -12.50 11.42 4.82
N MET A 443 -12.83 12.28 3.86
CA MET A 443 -12.02 12.44 2.67
C MET A 443 -10.89 13.45 2.83
N ARG A 444 -10.72 14.01 4.03
CA ARG A 444 -9.58 14.90 4.29
C ARG A 444 -8.29 14.14 4.47
N ASP A 445 -8.34 12.81 4.64
CA ASP A 445 -7.13 12.01 4.78
C ASP A 445 -6.44 11.80 3.43
N ASN A 446 -7.22 11.63 2.37
CA ASN A 446 -6.64 11.35 1.06
C ASN A 446 -5.69 12.45 0.60
N TRP A 447 -6.01 13.71 0.96
CA TRP A 447 -5.17 14.81 0.54
C TRP A 447 -3.88 14.87 1.34
N ARG A 448 -3.95 14.52 2.63
CA ARG A 448 -2.77 14.61 3.49
C ARG A 448 -1.62 13.74 2.97
N SER A 449 -1.95 12.60 2.35
CA SER A 449 -0.92 11.72 1.81
C SER A 449 -0.15 12.34 0.66
N GLU A 450 -0.57 13.50 0.17
CA GLU A 450 0.19 14.27 -0.81
C GLU A 450 0.62 15.63 -0.29
N LEU A 451 0.04 16.12 0.80
CA LEU A 451 0.36 17.43 1.36
C LEU A 451 1.14 17.32 2.67
N TYR A 452 1.75 16.17 2.95
CA TYR A 452 2.49 16.02 4.19
C TYR A 452 3.74 16.89 4.19
N LYS A 453 4.32 17.15 3.03
CA LYS A 453 5.60 17.83 2.90
C LYS A 453 5.46 19.31 2.55
N TYR A 454 4.30 19.92 2.80
CA TYR A 454 4.06 21.31 2.42
C TYR A 454 3.43 22.08 3.56
N LYS A 455 3.77 23.37 3.65
CA LYS A 455 3.15 24.26 4.62
C LYS A 455 3.31 25.70 4.15
N VAL A 456 2.53 26.59 4.77
CA VAL A 456 2.29 27.93 4.26
C VAL A 456 2.82 28.95 5.26
N VAL A 457 3.54 29.96 4.77
CA VAL A 457 4.07 31.04 5.59
C VAL A 457 3.88 32.37 4.87
N LYS A 458 3.92 33.45 5.66
CA LYS A 458 3.86 34.81 5.14
C LYS A 458 5.20 35.49 5.34
N ILE A 459 5.64 36.21 4.31
CA ILE A 459 6.94 36.88 4.33
C ILE A 459 6.79 38.25 5.00
N GLU A 460 7.53 38.44 6.09
CA GLU A 460 7.56 39.71 6.81
C GLU A 460 8.90 40.39 6.53
N PRO A 461 8.99 41.23 5.49
CA PRO A 461 10.29 41.77 5.08
C PRO A 461 10.80 42.89 5.97
N LEU A 462 10.01 43.38 6.92
CA LEU A 462 10.40 44.51 7.76
C LEU A 462 10.95 44.01 9.07
N GLY A 463 12.28 43.96 9.18
CA GLY A 463 12.95 43.65 10.42
C GLY A 463 13.87 44.79 10.79
N VAL A 464 13.90 45.14 12.08
CA VAL A 464 14.78 46.18 12.59
C VAL A 464 15.94 45.52 13.31
N ALA A 465 17.08 46.20 13.29
CA ALA A 465 18.30 45.70 13.90
C ALA A 465 19.26 46.87 14.09
N PRO A 466 20.13 46.83 15.08
CA PRO A 466 21.01 47.97 15.35
C PRO A 466 22.32 47.90 14.58
N THR A 467 22.87 49.08 14.30
CA THR A 467 24.25 49.24 13.84
C THR A 467 24.66 50.69 14.01
N ARG A 468 25.97 50.92 14.03
CA ARG A 468 26.52 52.24 14.37
C ARG A 468 26.38 53.26 13.26
N CYS A 469 25.21 53.35 12.62
CA CYS A 469 24.95 54.40 11.64
C CYS A 469 23.98 55.41 12.21
N LYS A 470 24.10 56.64 11.72
CA LYS A 470 23.15 57.68 12.05
C LYS A 470 23.07 58.65 10.88
N ARG A 471 21.90 59.23 10.68
CA ARG A 471 21.72 60.18 9.58
C ARG A 471 22.09 61.60 10.00
N VAL B 7 26.84 35.30 -5.78
CA VAL B 7 26.22 34.06 -5.32
C VAL B 7 24.73 34.27 -5.12
N PHE B 8 23.96 34.14 -6.20
CA PHE B 8 22.51 34.34 -6.15
C PHE B 8 21.87 33.07 -5.64
N LEU B 9 21.71 32.97 -4.32
CA LEU B 9 21.14 31.77 -3.73
C LEU B 9 19.66 31.64 -4.03
N GLY B 10 18.95 32.74 -4.23
CA GLY B 10 17.56 32.72 -4.63
C GLY B 10 16.66 33.32 -3.56
N PHE B 11 15.36 33.23 -3.83
CA PHE B 11 14.35 33.77 -2.92
C PHE B 11 14.49 33.14 -1.54
N LEU B 12 14.60 33.98 -0.52
CA LEU B 12 14.88 33.53 0.85
C LEU B 12 16.11 32.63 0.90
N GLY B 13 17.02 32.81 -0.06
CA GLY B 13 18.19 31.95 -0.14
C GLY B 13 19.08 32.02 1.09
N ALA B 14 19.01 33.12 1.85
CA ALA B 14 19.84 33.29 3.04
C ALA B 14 18.98 33.37 4.29
N ALA B 15 18.15 32.34 4.53
CA ALA B 15 17.29 32.36 5.70
C ALA B 15 18.01 31.82 6.94
N GLY B 16 18.91 30.87 6.75
CA GLY B 16 19.82 30.42 7.78
C GLY B 16 21.15 31.16 7.80
N SER B 17 21.43 31.99 6.80
CA SER B 17 22.64 32.80 6.83
C SER B 17 22.51 33.90 7.87
N THR B 18 23.65 34.33 8.39
CA THR B 18 23.66 35.39 9.39
C THR B 18 23.03 36.66 8.84
N MET B 19 22.53 37.49 9.74
CA MET B 19 21.92 38.75 9.34
C MET B 19 22.89 39.58 8.50
N GLY B 20 24.17 39.57 8.88
CA GLY B 20 25.18 40.15 8.01
C GLY B 20 25.27 39.43 6.68
N ALA B 21 25.23 38.09 6.72
CA ALA B 21 25.30 37.33 5.48
C ALA B 21 24.02 37.48 4.66
N ALA B 22 22.86 37.59 5.33
CA ALA B 22 21.61 37.67 4.60
C ALA B 22 21.42 39.03 3.94
N SER B 23 22.01 40.09 4.50
CA SER B 23 21.79 41.44 4.01
C SER B 23 22.29 41.66 2.59
N MET B 24 23.13 40.77 2.06
CA MET B 24 23.51 40.82 0.66
C MET B 24 22.40 40.30 -0.25
N THR B 25 21.41 39.63 0.30
CA THR B 25 20.31 39.08 -0.48
C THR B 25 19.06 39.95 -0.40
N LEU B 26 19.13 41.11 0.24
CA LEU B 26 17.92 41.90 0.51
C LEU B 26 17.16 42.19 -0.78
N THR B 27 17.88 42.36 -1.89
CA THR B 27 17.23 42.63 -3.16
C THR B 27 16.68 41.38 -3.83
N VAL B 28 17.07 40.19 -3.35
CA VAL B 28 16.55 38.94 -3.90
C VAL B 28 15.26 38.51 -3.22
N GLN B 29 15.03 38.93 -1.97
CA GLN B 29 13.76 38.66 -1.32
C GLN B 29 12.67 39.66 -1.65
N ALA B 30 13.04 40.88 -2.05
CA ALA B 30 12.07 41.93 -2.34
C ALA B 30 11.70 42.05 -3.82
N ARG B 31 12.50 41.46 -4.71
CA ARG B 31 12.11 41.39 -6.11
C ARG B 31 10.89 40.48 -6.29
N ASN B 32 10.88 39.33 -5.63
CA ASN B 32 9.76 38.39 -5.68
C ASN B 32 8.77 38.60 -4.55
N LEU B 33 8.58 39.84 -4.11
CA LEU B 33 7.61 40.14 -3.07
C LEU B 33 6.28 40.64 -3.62
N LEU B 34 6.28 41.27 -4.79
CA LEU B 34 5.05 41.68 -5.46
C LEU B 34 4.73 40.85 -6.68
N SER B 35 5.75 40.44 -7.44
CA SER B 35 5.60 39.57 -8.59
C SER B 35 4.59 40.10 -9.60
N GLY B 36 5.05 40.99 -10.48
CA GLY B 36 4.20 41.53 -11.53
C GLY B 36 3.09 42.43 -11.05
N THR B 58 -18.03 33.87 -12.49
CA THR B 58 -17.58 32.49 -12.36
C THR B 58 -16.66 32.32 -11.14
N VAL B 59 -16.87 31.23 -10.40
CA VAL B 59 -16.14 31.00 -9.16
C VAL B 59 -14.86 30.23 -9.46
N TRP B 60 -14.02 30.07 -8.44
CA TRP B 60 -12.67 29.50 -8.54
C TRP B 60 -11.72 30.49 -9.22
N GLY B 61 -12.20 31.21 -10.24
CA GLY B 61 -11.46 32.34 -10.78
C GLY B 61 -11.43 33.54 -9.85
N ILE B 62 -12.24 33.54 -8.80
CA ILE B 62 -12.19 34.56 -7.77
C ILE B 62 -11.30 34.15 -6.60
N LYS B 63 -11.03 32.86 -6.43
CA LYS B 63 -10.01 32.41 -5.49
C LYS B 63 -8.72 33.19 -5.66
N GLN B 64 -8.34 33.47 -6.91
CA GLN B 64 -7.12 34.20 -7.19
C GLN B 64 -7.31 35.71 -7.10
N LEU B 65 -8.53 36.21 -7.35
CA LEU B 65 -8.74 37.65 -7.31
C LEU B 65 -8.71 38.18 -5.87
N GLN B 66 -9.49 37.57 -4.98
CA GLN B 66 -9.48 37.98 -3.59
C GLN B 66 -8.14 37.68 -2.91
N ALA B 67 -7.28 36.88 -3.54
CA ALA B 67 -5.95 36.58 -3.01
C ALA B 67 -4.85 37.43 -3.63
N ARG B 68 -4.96 37.79 -4.92
CA ARG B 68 -4.02 38.74 -5.50
C ARG B 68 -4.36 40.17 -5.14
N VAL B 69 -5.51 40.40 -4.52
CA VAL B 69 -5.77 41.70 -3.89
C VAL B 69 -5.11 41.75 -2.52
N LEU B 70 -5.18 40.66 -1.76
CA LEU B 70 -4.49 40.57 -0.48
C LEU B 70 -2.97 40.55 -0.65
N ALA B 71 -2.47 40.41 -1.87
CA ALA B 71 -1.05 40.40 -2.15
C ALA B 71 -0.47 41.80 -2.33
N VAL B 72 -1.31 42.83 -2.49
CA VAL B 72 -0.82 44.17 -2.78
C VAL B 72 -1.14 45.10 -1.62
N GLU B 73 -2.20 44.79 -0.87
CA GLU B 73 -2.42 45.50 0.38
C GLU B 73 -1.30 45.15 1.37
N ARG B 74 -0.81 43.91 1.30
CA ARG B 74 0.37 43.54 2.06
C ARG B 74 1.59 44.35 1.62
N TYR B 75 1.62 44.77 0.36
CA TYR B 75 2.73 45.56 -0.16
C TYR B 75 2.62 47.03 0.27
N LEU B 76 1.47 47.64 0.05
CA LEU B 76 1.30 49.05 0.40
C LEU B 76 1.16 49.28 1.90
N ARG B 77 0.98 48.21 2.70
CA ARG B 77 1.10 48.34 4.14
C ARG B 77 2.55 48.44 4.56
N ASP B 78 3.41 47.63 3.94
CA ASP B 78 4.85 47.70 4.24
C ASP B 78 5.46 48.97 3.65
N GLN B 79 5.12 49.30 2.41
CA GLN B 79 5.72 50.47 1.78
C GLN B 79 5.32 51.77 2.47
N GLN B 80 4.13 51.80 3.08
CA GLN B 80 3.70 53.00 3.78
C GLN B 80 4.47 53.20 5.08
N LEU B 81 4.88 52.10 5.73
CA LEU B 81 5.82 52.23 6.85
C LEU B 81 7.18 52.71 6.37
N LEU B 82 7.65 52.15 5.24
CA LEU B 82 8.92 52.61 4.68
C LEU B 82 8.83 54.07 4.25
N GLY B 83 7.64 54.54 3.93
CA GLY B 83 7.45 55.92 3.50
C GLY B 83 7.43 56.89 4.66
N ILE B 84 6.65 56.58 5.71
CA ILE B 84 6.54 57.46 6.87
C ILE B 84 7.74 57.36 7.80
N TRP B 85 8.70 56.49 7.52
CA TRP B 85 9.97 56.50 8.23
C TRP B 85 10.96 57.33 7.43
N GLY B 86 12.23 57.30 7.81
CA GLY B 86 13.20 58.06 7.05
C GLY B 86 13.79 57.29 5.90
N CYS B 87 12.97 56.45 5.27
CA CYS B 87 13.45 55.49 4.28
C CYS B 87 12.99 55.86 2.87
N SER B 88 11.69 55.79 2.60
CA SER B 88 11.19 56.03 1.25
C SER B 88 11.91 55.15 0.25
N GLY B 89 13.10 55.59 -0.18
CA GLY B 89 13.98 54.71 -0.93
C GLY B 89 14.29 53.45 -0.15
N LYS B 90 14.51 52.35 -0.88
CA LYS B 90 14.25 51.04 -0.32
C LYS B 90 15.51 50.39 0.27
N LEU B 91 15.35 49.10 0.59
CA LEU B 91 16.39 48.14 0.96
C LEU B 91 17.07 48.46 2.30
N ILE B 92 17.81 49.57 2.38
CA ILE B 92 18.45 49.94 3.64
C ILE B 92 18.25 51.43 3.88
N CYS B 93 18.38 51.83 5.15
CA CYS B 93 17.94 53.14 5.62
C CYS B 93 18.17 53.26 7.12
N CYS B 94 18.78 54.37 7.56
CA CYS B 94 19.09 54.59 8.96
C CYS B 94 17.99 55.42 9.62
N THR B 95 18.05 55.51 10.95
CA THR B 95 17.12 56.37 11.69
C THR B 95 17.86 56.96 12.89
N ASN B 96 17.38 58.12 13.34
CA ASN B 96 17.95 58.77 14.53
C ASN B 96 17.24 58.36 15.80
N VAL B 97 16.91 57.09 15.92
CA VAL B 97 16.34 56.52 17.15
C VAL B 97 17.44 55.75 17.85
N PRO B 98 17.83 56.12 19.07
CA PRO B 98 18.80 55.31 19.81
C PRO B 98 18.20 53.97 20.21
N TRP B 99 18.99 52.91 20.05
CA TRP B 99 18.56 51.55 20.36
C TRP B 99 18.65 51.31 21.86
N ASN B 100 17.53 50.89 22.46
CA ASN B 100 17.45 50.65 23.90
C ASN B 100 18.10 49.33 24.27
N SER B 101 18.78 49.32 25.41
CA SER B 101 19.55 48.14 25.81
C SER B 101 18.66 46.98 26.21
N SER B 102 17.43 47.26 26.65
CA SER B 102 16.51 46.20 27.10
C SER B 102 15.90 45.42 25.95
N TRP B 103 16.23 45.76 24.70
CA TRP B 103 15.74 45.01 23.53
C TRP B 103 16.75 43.91 23.15
N SER B 104 17.00 43.03 24.13
CA SER B 104 18.02 41.99 23.99
C SER B 104 19.38 42.61 23.70
N ASN B 105 20.16 42.85 24.76
CA ASN B 105 21.44 43.55 24.63
C ASN B 105 22.50 42.58 24.13
N ARG B 106 22.59 42.47 22.80
CA ARG B 106 23.69 41.77 22.15
C ARG B 106 24.75 42.79 21.73
N ASN B 107 25.81 42.30 21.09
CA ASN B 107 26.85 43.15 20.53
C ASN B 107 26.78 43.12 19.02
N LEU B 108 27.62 43.96 18.39
CA LEU B 108 27.65 44.03 16.94
C LEU B 108 28.10 42.70 16.33
N SER B 109 29.12 42.09 16.93
CA SER B 109 29.61 40.81 16.44
C SER B 109 28.77 39.64 16.94
N GLU B 110 27.85 39.86 17.88
CA GLU B 110 26.93 38.82 18.33
C GLU B 110 25.63 38.80 17.54
N ILE B 111 25.36 39.84 16.75
CA ILE B 111 24.13 39.90 15.98
C ILE B 111 24.45 39.63 14.52
N TRP B 112 25.35 40.45 13.95
CA TRP B 112 25.59 40.41 12.52
C TRP B 112 26.52 39.28 12.09
N ASP B 113 27.15 38.59 13.03
CA ASP B 113 28.01 37.46 12.70
C ASP B 113 27.62 36.18 13.42
N ASN B 114 26.53 36.18 14.21
CA ASN B 114 26.13 34.99 14.94
C ASN B 114 24.65 35.01 15.31
N MET B 115 23.79 35.08 14.28
CA MET B 115 22.34 35.10 14.44
C MET B 115 21.73 35.21 13.05
N THR B 116 20.49 34.72 12.92
CA THR B 116 19.74 34.81 11.68
C THR B 116 18.49 35.65 11.89
N TRP B 117 17.97 36.16 10.77
CA TRP B 117 16.84 37.08 10.81
C TRP B 117 15.62 36.43 11.43
N LEU B 118 15.41 35.13 11.17
CA LEU B 118 14.34 34.41 11.85
C LEU B 118 14.60 34.36 13.36
N GLN B 119 15.82 33.99 13.75
CA GLN B 119 16.14 33.88 15.16
C GLN B 119 16.08 35.23 15.86
N TRP B 120 16.38 36.31 15.14
CA TRP B 120 16.42 37.65 15.72
C TRP B 120 15.02 38.19 15.99
N ASP B 121 14.15 38.17 14.99
CA ASP B 121 12.79 38.70 15.12
C ASP B 121 11.99 37.89 16.13
N LYS B 122 12.58 36.82 16.68
CA LYS B 122 11.94 36.07 17.76
C LYS B 122 12.16 36.74 19.10
N GLU B 123 13.35 37.29 19.33
CA GLU B 123 13.61 38.05 20.55
C GLU B 123 13.00 39.44 20.49
N ILE B 124 12.91 40.03 19.30
CA ILE B 124 12.40 41.38 19.14
C ILE B 124 10.96 41.38 18.66
N SER B 125 10.26 40.25 18.80
CA SER B 125 8.84 40.24 18.46
C SER B 125 8.01 40.94 19.51
N ASN B 126 8.51 41.00 20.75
CA ASN B 126 7.81 41.73 21.80
C ASN B 126 7.90 43.23 21.60
N TYR B 127 9.02 43.71 21.08
CA TYR B 127 9.30 45.13 21.05
C TYR B 127 9.06 45.76 19.69
N THR B 128 8.69 44.97 18.68
CA THR B 128 8.53 45.50 17.34
C THR B 128 7.50 46.64 17.31
N GLN B 129 6.39 46.48 18.03
CA GLN B 129 5.36 47.50 18.01
C GLN B 129 5.79 48.75 18.77
N ILE B 130 6.52 48.56 19.88
CA ILE B 130 7.08 49.69 20.60
C ILE B 130 7.98 50.51 19.69
N ILE B 131 8.87 49.82 18.97
CA ILE B 131 9.88 50.51 18.16
C ILE B 131 9.24 51.23 16.98
N TYR B 132 8.26 50.59 16.32
CA TYR B 132 7.66 51.15 15.12
C TYR B 132 7.14 52.56 15.34
N GLY B 133 6.73 52.89 16.58
CA GLY B 133 6.23 54.23 16.85
C GLY B 133 7.31 55.29 16.77
N LEU B 134 8.47 55.01 17.37
CA LEU B 134 9.52 56.01 17.44
C LEU B 134 10.00 56.43 16.06
N LEU B 135 10.12 55.45 15.14
CA LEU B 135 10.59 55.77 13.80
C LEU B 135 9.67 56.77 13.11
N GLU B 136 8.37 56.54 13.18
CA GLU B 136 7.43 57.47 12.53
C GLU B 136 7.24 58.77 13.30
N GLU B 137 7.61 58.82 14.59
CA GLU B 137 7.56 60.08 15.32
C GLU B 137 8.87 60.84 15.29
N SER B 138 10.01 60.14 15.42
CA SER B 138 11.29 60.81 15.26
C SER B 138 11.43 61.41 13.87
N GLN B 139 10.79 60.79 12.86
CA GLN B 139 10.80 61.36 11.52
C GLN B 139 9.84 62.54 11.40
N ASN B 140 8.72 62.50 12.13
CA ASN B 140 7.79 63.62 12.10
C ASN B 140 8.37 64.86 12.77
N GLN B 141 9.36 64.70 13.66
CA GLN B 141 10.04 65.88 14.18
C GLN B 141 11.06 66.42 13.20
N GLN B 142 11.61 65.57 12.34
CA GLN B 142 12.68 65.99 11.45
C GLN B 142 12.15 66.83 10.28
N GLU B 143 10.96 66.51 9.79
CA GLU B 143 10.42 67.21 8.62
C GLU B 143 9.95 68.62 8.95
N LYS B 144 9.32 68.81 10.12
CA LYS B 144 8.90 70.15 10.52
C LYS B 144 10.12 71.03 10.78
N ASN B 145 11.15 70.46 11.38
CA ASN B 145 12.42 71.17 11.51
C ASN B 145 13.06 71.44 10.15
N GLU B 146 12.81 70.55 9.17
CA GLU B 146 13.32 70.79 7.82
C GLU B 146 12.65 71.99 7.17
N GLN B 147 11.38 72.25 7.49
CA GLN B 147 10.69 73.37 6.85
C GLN B 147 11.16 74.70 7.42
N ASP B 148 11.58 74.72 8.69
CA ASP B 148 12.18 75.92 9.27
C ASP B 148 13.41 76.35 8.48
N LEU B 149 14.36 75.42 8.31
CA LEU B 149 15.68 75.72 7.74
C LEU B 149 15.69 75.77 6.22
N LEU B 150 14.58 76.21 5.60
CA LEU B 150 14.53 76.28 4.13
C LEU B 150 14.43 77.71 3.62
N THR C 3 -36.96 -26.73 -42.72
CA THR C 3 -36.17 -25.89 -43.62
C THR C 3 -35.31 -26.76 -44.53
N PHE C 4 -34.78 -26.14 -45.59
CA PHE C 4 -34.00 -26.85 -46.60
C PHE C 4 -32.88 -25.94 -47.11
N VAL C 5 -31.81 -26.57 -47.61
CA VAL C 5 -30.68 -25.86 -48.17
C VAL C 5 -30.19 -26.64 -49.39
N SER C 6 -30.08 -25.96 -50.53
CA SER C 6 -29.68 -26.58 -51.80
C SER C 6 -28.35 -26.00 -52.27
N VAL C 7 -27.38 -26.89 -52.53
CA VAL C 7 -26.04 -26.50 -52.95
C VAL C 7 -25.53 -27.52 -53.96
N ALA C 8 -24.87 -27.04 -55.01
CA ALA C 8 -24.41 -27.90 -56.09
C ALA C 8 -23.24 -28.78 -55.63
N PRO C 9 -23.06 -29.97 -56.24
CA PRO C 9 -21.98 -30.88 -55.82
C PRO C 9 -20.60 -30.27 -55.96
N GLY C 10 -19.93 -30.03 -54.82
CA GLY C 10 -18.60 -29.47 -54.79
C GLY C 10 -18.52 -28.07 -54.22
N GLN C 11 -19.66 -27.41 -54.00
CA GLN C 11 -19.67 -26.02 -53.53
C GLN C 11 -19.64 -25.95 -52.01
N THR C 12 -20.44 -25.06 -51.43
CA THR C 12 -20.43 -24.85 -49.99
C THR C 12 -21.86 -24.69 -49.49
N ALA C 13 -22.20 -25.42 -48.44
CA ALA C 13 -23.53 -25.35 -47.85
C ALA C 13 -23.46 -24.69 -46.48
N ARG C 14 -24.49 -23.91 -46.15
CA ARG C 14 -24.58 -23.24 -44.86
C ARG C 14 -25.97 -23.48 -44.29
N ILE C 15 -26.03 -23.73 -42.99
CA ILE C 15 -27.22 -24.30 -42.35
C ILE C 15 -27.59 -23.44 -41.14
N THR C 16 -28.80 -22.89 -41.16
CA THR C 16 -29.32 -22.06 -40.08
C THR C 16 -30.09 -22.89 -39.08
N CYS C 17 -29.87 -22.62 -37.80
CA CYS C 17 -30.53 -23.39 -36.75
C CYS C 17 -30.60 -22.58 -35.47
N GLY C 18 -31.71 -22.70 -34.76
CA GLY C 18 -31.86 -22.09 -33.45
C GLY C 18 -32.10 -20.60 -33.50
N GLU C 19 -32.38 -20.01 -32.35
CA GLU C 19 -32.64 -18.59 -32.24
C GLU C 19 -31.33 -17.81 -32.43
N GLU C 20 -31.37 -16.51 -32.18
CA GLU C 20 -30.17 -15.69 -32.21
C GLU C 20 -29.41 -15.83 -30.89
N SER C 21 -28.10 -15.60 -30.94
CA SER C 21 -27.26 -15.74 -29.77
C SER C 21 -27.36 -14.51 -28.87
N LEU C 22 -27.61 -14.75 -27.59
CA LEU C 22 -27.63 -13.69 -26.58
C LEU C 22 -26.43 -13.73 -25.67
N GLY C 23 -25.80 -14.88 -25.51
CA GLY C 23 -24.56 -14.98 -24.75
C GLY C 23 -23.56 -15.87 -25.45
N SER C 24 -22.48 -16.22 -24.76
CA SER C 24 -21.51 -17.16 -25.31
C SER C 24 -22.11 -18.57 -25.33
N ARG C 25 -22.04 -19.22 -26.49
CA ARG C 25 -22.75 -20.45 -26.75
C ARG C 25 -21.78 -21.63 -26.87
N SER C 26 -22.38 -22.84 -26.86
CA SER C 26 -21.71 -24.10 -27.21
C SER C 26 -22.71 -24.89 -28.05
N VAL C 27 -22.81 -24.51 -29.34
CA VAL C 27 -23.76 -25.14 -30.24
C VAL C 27 -23.28 -26.54 -30.59
N ILE C 28 -24.21 -27.50 -30.55
CA ILE C 28 -23.93 -28.90 -30.85
C ILE C 28 -24.74 -29.28 -32.08
N TRP C 29 -24.06 -29.63 -33.16
CA TRP C 29 -24.72 -30.03 -34.40
C TRP C 29 -24.84 -31.55 -34.49
N TYR C 30 -25.84 -32.00 -35.22
CA TYR C 30 -26.12 -33.43 -35.38
C TYR C 30 -26.57 -33.72 -36.81
N GLN C 31 -26.41 -34.98 -37.23
CA GLN C 31 -26.75 -35.41 -38.59
C GLN C 31 -27.65 -36.64 -38.51
N GLN C 32 -28.88 -36.50 -38.96
CA GLN C 32 -29.83 -37.61 -38.98
C GLN C 32 -30.01 -38.04 -40.44
N ARG C 33 -29.41 -39.17 -40.78
CA ARG C 33 -29.62 -39.77 -42.08
C ARG C 33 -31.07 -40.24 -42.19
N PRO C 34 -31.65 -40.23 -43.38
CA PRO C 34 -33.03 -40.74 -43.53
C PRO C 34 -33.13 -42.20 -43.12
N GLY C 35 -33.95 -42.45 -42.10
CA GLY C 35 -34.18 -43.79 -41.61
C GLY C 35 -33.12 -44.31 -40.67
N GLN C 36 -32.24 -43.45 -40.16
CA GLN C 36 -31.19 -43.88 -39.25
C GLN C 36 -31.20 -42.99 -38.01
N ALA C 37 -30.39 -43.38 -37.03
CA ALA C 37 -30.24 -42.54 -35.85
C ALA C 37 -29.41 -41.30 -36.20
N PRO C 38 -29.61 -40.20 -35.46
CA PRO C 38 -28.72 -39.05 -35.63
C PRO C 38 -27.35 -39.33 -35.03
N SER C 39 -26.33 -38.76 -35.66
CA SER C 39 -24.95 -38.91 -35.22
C SER C 39 -24.35 -37.53 -34.96
N LEU C 40 -23.31 -37.50 -34.11
CA LEU C 40 -22.68 -36.25 -33.73
C LEU C 40 -21.71 -35.78 -34.80
N ILE C 41 -21.79 -34.48 -35.13
CA ILE C 41 -20.95 -33.87 -36.17
C ILE C 41 -19.96 -32.87 -35.58
N ILE C 42 -20.47 -31.84 -34.90
CA ILE C 42 -19.62 -30.79 -34.36
C ILE C 42 -20.14 -30.39 -32.98
N TYR C 43 -19.35 -30.65 -31.95
CA TYR C 43 -19.61 -30.14 -30.62
C TYR C 43 -18.65 -29.00 -30.31
N ASN C 44 -19.04 -28.19 -29.33
CA ASN C 44 -18.25 -27.02 -28.90
C ASN C 44 -18.00 -26.06 -30.07
N ASN C 45 -19.09 -25.73 -30.77
CA ASN C 45 -19.12 -24.67 -31.78
C ASN C 45 -18.33 -24.98 -33.05
N ASN C 46 -17.16 -25.61 -32.92
CA ASN C 46 -16.39 -25.97 -34.11
C ASN C 46 -15.42 -27.12 -33.84
N ASP C 47 -15.50 -27.74 -32.67
CA ASP C 47 -14.61 -28.86 -32.33
C ASP C 47 -15.17 -30.13 -32.95
N ARG C 48 -14.46 -30.68 -33.93
CA ARG C 48 -14.87 -31.95 -34.54
C ARG C 48 -14.28 -33.10 -33.74
N PRO C 49 -15.06 -34.11 -33.40
CA PRO C 49 -14.50 -35.33 -32.84
C PRO C 49 -13.87 -36.16 -33.96
N SER C 50 -13.28 -37.29 -33.59
CA SER C 50 -12.69 -38.17 -34.59
C SER C 50 -13.77 -38.72 -35.50
N GLY C 51 -13.39 -39.04 -36.73
CA GLY C 51 -14.30 -39.61 -37.70
C GLY C 51 -15.12 -38.62 -38.48
N ILE C 52 -14.92 -37.32 -38.29
CA ILE C 52 -15.61 -36.28 -39.02
C ILE C 52 -14.56 -35.42 -39.72
N PRO C 53 -14.67 -35.19 -41.02
CA PRO C 53 -13.62 -34.46 -41.74
C PRO C 53 -13.67 -32.97 -41.46
N ASP C 54 -12.55 -32.31 -41.77
CA ASP C 54 -12.45 -30.86 -41.56
C ASP C 54 -13.25 -30.05 -42.59
N ARG C 55 -14.06 -30.71 -43.42
CA ARG C 55 -14.93 -29.97 -44.33
C ARG C 55 -16.08 -29.30 -43.57
N PHE C 56 -16.45 -29.85 -42.42
CA PHE C 56 -17.53 -29.30 -41.61
C PHE C 56 -16.98 -28.32 -40.58
N SER C 57 -17.50 -27.10 -40.58
CA SER C 57 -17.10 -26.09 -39.62
C SER C 57 -18.32 -25.28 -39.21
N GLY C 58 -18.50 -25.09 -37.91
CA GLY C 58 -19.60 -24.31 -37.38
C GLY C 58 -19.14 -22.93 -36.94
N SER C 59 -20.05 -21.97 -37.04
CA SER C 59 -19.73 -20.60 -36.69
C SER C 59 -19.24 -20.53 -35.24
N PRO C 60 -18.29 -19.66 -34.92
CA PRO C 60 -17.75 -19.64 -33.55
C PRO C 60 -18.80 -19.19 -32.55
N GLY C 61 -18.82 -19.85 -31.40
CA GLY C 61 -19.79 -19.55 -30.35
C GLY C 61 -19.37 -18.39 -29.47
N SER C 62 -18.73 -17.40 -30.08
CA SER C 62 -18.29 -16.19 -29.39
C SER C 62 -18.91 -14.92 -29.95
N THR C 63 -19.72 -15.02 -31.00
CA THR C 63 -20.33 -13.84 -31.63
C THR C 63 -21.72 -13.60 -31.03
N PHE C 64 -21.90 -12.43 -30.42
CA PHE C 64 -23.15 -12.07 -29.77
C PHE C 64 -24.06 -11.42 -30.80
N GLY C 65 -25.16 -12.10 -31.14
CA GLY C 65 -26.13 -11.56 -32.07
C GLY C 65 -26.24 -12.27 -33.41
N THR C 66 -25.55 -13.39 -33.59
CA THR C 66 -25.66 -14.20 -34.81
C THR C 66 -26.06 -15.60 -34.43
N THR C 67 -26.83 -16.25 -35.32
CA THR C 67 -27.31 -17.59 -35.05
C THR C 67 -26.17 -18.60 -35.15
N ALA C 68 -26.51 -19.86 -34.95
CA ALA C 68 -25.57 -20.96 -35.11
C ALA C 68 -25.56 -21.39 -36.57
N THR C 69 -24.42 -21.23 -37.23
CA THR C 69 -24.27 -21.55 -38.63
C THR C 69 -23.38 -22.77 -38.79
N LEU C 70 -23.78 -23.69 -39.66
CA LEU C 70 -23.00 -24.87 -39.98
C LEU C 70 -22.53 -24.75 -41.42
N THR C 71 -21.27 -24.35 -41.58
CA THR C 71 -20.67 -24.26 -42.91
C THR C 71 -20.19 -25.64 -43.36
N ILE C 72 -20.58 -26.03 -44.57
CA ILE C 72 -20.27 -27.36 -45.11
C ILE C 72 -19.64 -27.15 -46.48
N THR C 73 -18.32 -27.29 -46.55
CA THR C 73 -17.57 -27.14 -47.79
C THR C 73 -17.50 -28.47 -48.54
N SER C 74 -17.33 -28.38 -49.86
CA SER C 74 -17.15 -29.53 -50.74
C SER C 74 -18.34 -30.50 -50.62
N VAL C 75 -19.51 -29.99 -50.97
CA VAL C 75 -20.75 -30.73 -50.78
C VAL C 75 -20.77 -31.95 -51.70
N GLU C 76 -21.30 -33.05 -51.19
CA GLU C 76 -21.32 -34.33 -51.88
C GLU C 76 -22.71 -34.93 -51.78
N ALA C 77 -22.98 -35.92 -52.64
CA ALA C 77 -24.26 -36.63 -52.62
C ALA C 77 -24.48 -37.43 -51.34
N GLY C 78 -23.49 -37.50 -50.44
CA GLY C 78 -23.63 -38.23 -49.21
C GLY C 78 -24.16 -37.39 -48.06
N ASP C 79 -23.90 -36.09 -48.09
CA ASP C 79 -24.38 -35.17 -47.06
C ASP C 79 -25.82 -34.75 -47.27
N GLU C 80 -26.57 -35.51 -48.06
CA GLU C 80 -28.00 -35.27 -48.28
C GLU C 80 -28.77 -35.92 -47.14
N ALA C 81 -28.84 -35.22 -46.01
CA ALA C 81 -29.50 -35.74 -44.82
C ALA C 81 -30.00 -34.57 -43.99
N ASP C 82 -30.59 -34.89 -42.84
CA ASP C 82 -31.13 -33.89 -41.93
C ASP C 82 -30.04 -33.38 -40.99
N TYR C 83 -30.31 -32.21 -40.39
CA TYR C 83 -29.37 -31.58 -39.46
C TYR C 83 -30.15 -30.81 -38.42
N TYR C 84 -29.93 -31.12 -37.14
CA TYR C 84 -30.42 -30.32 -36.02
C TYR C 84 -29.24 -29.71 -35.29
N CYS C 85 -29.54 -28.84 -34.33
CA CYS C 85 -28.49 -28.29 -33.47
C CYS C 85 -29.05 -28.17 -32.05
N HIS C 86 -28.13 -27.87 -31.12
CA HIS C 86 -28.44 -27.83 -29.68
C HIS C 86 -27.87 -26.53 -29.12
N ILE C 87 -28.71 -25.50 -29.07
CA ILE C 87 -28.27 -24.19 -28.60
C ILE C 87 -28.04 -24.24 -27.10
N TRP C 88 -26.78 -24.20 -26.68
CA TRP C 88 -26.42 -24.06 -25.27
C TRP C 88 -26.07 -22.59 -25.02
N ASP C 89 -27.02 -21.84 -24.45
CA ASP C 89 -26.81 -20.42 -24.22
C ASP C 89 -26.73 -20.13 -22.73
N SER C 90 -26.00 -19.07 -22.39
CA SER C 90 -25.79 -18.70 -21.00
C SER C 90 -26.92 -17.86 -20.44
N ARG C 91 -27.72 -17.22 -21.29
CA ARG C 91 -28.88 -16.44 -20.85
C ARG C 91 -30.19 -17.20 -21.04
N ARG C 92 -30.17 -18.30 -21.82
CA ARG C 92 -31.26 -19.25 -22.01
C ARG C 92 -31.14 -20.36 -20.98
N PRO C 93 -32.27 -20.77 -20.39
CA PRO C 93 -32.26 -22.00 -19.60
C PRO C 93 -31.89 -23.18 -20.50
N THR C 94 -31.69 -24.35 -19.91
CA THR C 94 -31.29 -25.50 -20.70
C THR C 94 -32.35 -25.81 -21.76
N ASN C 95 -31.92 -25.84 -23.02
CA ASN C 95 -32.81 -26.17 -24.12
C ASN C 95 -32.89 -27.69 -24.26
N TRP C 96 -34.08 -28.25 -24.03
CA TRP C 96 -34.28 -29.70 -24.10
C TRP C 96 -34.86 -30.14 -25.43
N VAL C 97 -35.47 -29.24 -26.17
CA VAL C 97 -35.93 -29.50 -27.53
C VAL C 97 -34.91 -28.92 -28.48
N PHE C 98 -34.36 -29.77 -29.36
CA PHE C 98 -33.44 -29.28 -30.38
C PHE C 98 -34.14 -28.26 -31.27
N GLY C 99 -33.38 -27.26 -31.68
CA GLY C 99 -33.87 -26.35 -32.69
C GLY C 99 -34.31 -27.09 -33.94
N GLU C 100 -35.34 -26.55 -34.59
CA GLU C 100 -35.94 -27.19 -35.74
C GLU C 100 -34.88 -27.44 -36.81
N GLY C 101 -34.98 -28.59 -37.45
CA GLY C 101 -33.89 -29.08 -38.28
C GLY C 101 -33.76 -28.34 -39.59
N THR C 102 -32.68 -28.67 -40.29
CA THR C 102 -32.39 -28.13 -41.60
C THR C 102 -31.93 -29.27 -42.49
N THR C 103 -32.46 -29.33 -43.71
CA THR C 103 -32.23 -30.45 -44.62
C THR C 103 -31.35 -30.02 -45.78
N LEU C 104 -30.33 -30.82 -46.07
CA LEU C 104 -29.40 -30.55 -47.17
C LEU C 104 -29.80 -31.37 -48.38
N ILE C 105 -29.94 -30.71 -49.53
CA ILE C 105 -30.33 -31.33 -50.78
C ILE C 105 -29.21 -31.13 -51.79
N VAL C 106 -28.75 -32.23 -52.39
CA VAL C 106 -27.62 -32.21 -53.30
C VAL C 106 -28.15 -32.21 -54.73
N LEU C 107 -27.82 -31.17 -55.49
CA LEU C 107 -28.34 -31.01 -56.84
C LEU C 107 -27.60 -31.93 -57.82
N SER C 108 -28.08 -31.93 -59.06
CA SER C 108 -27.50 -32.69 -60.16
C SER C 108 -27.37 -34.18 -59.80
N GLN C 109 -28.45 -34.73 -59.25
CA GLN C 109 -28.50 -36.16 -58.92
C GLN C 109 -28.39 -37.05 -60.16
N PRO C 110 -29.12 -36.73 -61.25
CA PRO C 110 -30.22 -35.79 -61.48
C PRO C 110 -31.58 -36.46 -61.73
N LYS C 111 -31.61 -37.50 -62.57
CA LYS C 111 -32.84 -38.18 -62.93
C LYS C 111 -32.67 -39.68 -62.74
N ALA C 112 -33.79 -40.37 -62.55
CA ALA C 112 -33.79 -41.81 -62.33
C ALA C 112 -35.16 -42.36 -62.68
N ALA C 113 -35.19 -43.55 -63.43
CA ALA C 113 -36.36 -44.22 -63.96
C ALA C 113 -36.92 -45.21 -62.94
N PRO C 114 -38.24 -45.27 -62.80
CA PRO C 114 -38.84 -46.16 -61.78
C PRO C 114 -38.69 -47.62 -62.15
N SER C 115 -38.08 -48.40 -61.27
CA SER C 115 -38.01 -49.85 -61.43
C SER C 115 -39.28 -50.46 -60.82
N VAL C 116 -40.39 -50.25 -61.53
CA VAL C 116 -41.68 -50.73 -61.04
C VAL C 116 -41.75 -52.23 -61.16
N THR C 117 -42.48 -52.85 -60.24
CA THR C 117 -42.66 -54.30 -60.21
C THR C 117 -44.09 -54.61 -59.78
N LEU C 118 -44.71 -55.57 -60.46
CA LEU C 118 -46.09 -55.94 -60.19
C LEU C 118 -46.17 -57.43 -59.93
N PHE C 119 -46.67 -57.80 -58.73
CA PHE C 119 -46.80 -59.19 -58.32
C PHE C 119 -48.27 -59.59 -58.20
N PRO C 120 -48.64 -60.78 -58.69
CA PRO C 120 -50.01 -61.27 -58.54
C PRO C 120 -50.21 -61.91 -57.17
N PRO C 121 -51.46 -62.09 -56.73
CA PRO C 121 -51.69 -62.62 -55.38
C PRO C 121 -51.23 -64.08 -55.25
N SER C 122 -50.86 -64.43 -54.02
CA SER C 122 -50.30 -65.75 -53.75
C SER C 122 -51.38 -66.82 -53.74
N SER C 123 -50.93 -68.07 -53.84
CA SER C 123 -51.84 -69.22 -53.78
C SER C 123 -52.29 -69.51 -52.35
N GLU C 124 -51.48 -69.16 -51.35
CA GLU C 124 -51.86 -69.40 -49.97
C GLU C 124 -52.91 -68.41 -49.50
N GLU C 125 -52.95 -67.22 -50.11
CA GLU C 125 -53.93 -66.19 -49.75
C GLU C 125 -55.27 -66.36 -50.44
N LEU C 126 -55.27 -66.92 -51.66
CA LEU C 126 -56.51 -67.17 -52.36
C LEU C 126 -57.40 -68.13 -51.57
N GLN C 127 -56.80 -69.19 -51.01
CA GLN C 127 -57.57 -70.13 -50.20
C GLN C 127 -58.08 -69.49 -48.90
N ALA C 128 -57.51 -68.35 -48.51
CA ALA C 128 -58.05 -67.54 -47.43
C ALA C 128 -59.15 -66.58 -47.92
N ASN C 129 -59.66 -66.82 -49.14
CA ASN C 129 -60.75 -66.02 -49.72
C ASN C 129 -60.41 -64.54 -49.76
N LYS C 130 -59.13 -64.23 -49.92
CA LYS C 130 -58.67 -62.84 -50.00
C LYS C 130 -57.82 -62.68 -51.25
N ALA C 131 -57.76 -61.44 -51.74
CA ALA C 131 -56.95 -61.11 -52.91
C ALA C 131 -56.35 -59.72 -52.74
N THR C 132 -55.11 -59.57 -53.18
CA THR C 132 -54.38 -58.32 -53.08
C THR C 132 -53.31 -58.26 -54.17
N LEU C 133 -53.24 -57.14 -54.88
CA LEU C 133 -52.22 -56.89 -55.88
C LEU C 133 -51.19 -55.92 -55.33
N VAL C 134 -49.91 -56.24 -55.49
CA VAL C 134 -48.82 -55.46 -54.94
C VAL C 134 -48.07 -54.81 -56.10
N CYS C 135 -47.77 -53.52 -55.98
CA CYS C 135 -47.03 -52.79 -57.00
C CYS C 135 -45.90 -52.03 -56.32
N LEU C 136 -44.69 -52.58 -56.37
CA LEU C 136 -43.52 -51.94 -55.80
C LEU C 136 -42.86 -51.02 -56.81
N ILE C 137 -42.43 -49.84 -56.34
CA ILE C 137 -41.73 -48.86 -57.16
C ILE C 137 -40.48 -48.44 -56.40
N SER C 138 -39.32 -48.57 -57.04
CA SER C 138 -38.04 -48.28 -56.39
C SER C 138 -37.08 -47.63 -57.36
N ASP C 139 -36.04 -46.99 -56.79
CA ASP C 139 -34.94 -46.40 -57.55
C ASP C 139 -35.40 -45.28 -58.47
N PHE C 140 -36.28 -44.41 -57.97
CA PHE C 140 -36.82 -43.31 -58.75
C PHE C 140 -36.51 -41.98 -58.06
N TYR C 141 -36.06 -41.01 -58.86
CA TYR C 141 -35.73 -39.67 -58.36
C TYR C 141 -36.24 -38.66 -59.36
N PRO C 142 -36.97 -37.64 -58.88
CA PRO C 142 -37.37 -37.43 -57.48
C PRO C 142 -38.60 -38.23 -57.07
N GLY C 143 -39.00 -38.11 -55.81
CA GLY C 143 -40.07 -38.91 -55.26
C GLY C 143 -41.44 -38.27 -55.29
N ALA C 144 -42.15 -38.43 -56.40
CA ALA C 144 -43.51 -37.93 -56.51
C ALA C 144 -44.28 -38.69 -57.58
N VAL C 145 -44.72 -39.90 -57.26
CA VAL C 145 -45.41 -40.74 -58.22
C VAL C 145 -46.91 -40.62 -58.02
N THR C 146 -47.67 -41.07 -59.03
CA THR C 146 -49.13 -41.13 -58.96
C THR C 146 -49.57 -42.40 -59.68
N VAL C 147 -49.88 -43.45 -58.90
CA VAL C 147 -50.17 -44.76 -59.45
C VAL C 147 -51.62 -44.82 -59.90
N ALA C 148 -51.86 -45.53 -61.00
CA ALA C 148 -53.20 -45.73 -61.54
C ALA C 148 -53.36 -47.18 -61.97
N TRP C 149 -54.37 -47.86 -61.43
CA TRP C 149 -54.63 -49.24 -61.79
C TRP C 149 -55.64 -49.31 -62.94
N LYS C 150 -55.57 -50.41 -63.69
CA LYS C 150 -56.46 -50.63 -64.83
C LYS C 150 -57.01 -52.04 -64.80
N ALA C 151 -58.31 -52.17 -65.05
CA ALA C 151 -58.97 -53.47 -65.24
C ALA C 151 -59.18 -53.63 -66.73
N ASP C 152 -58.22 -54.29 -67.39
CA ASP C 152 -58.06 -54.24 -68.85
C ASP C 152 -57.84 -52.81 -69.30
N SER C 153 -58.88 -52.19 -69.86
CA SER C 153 -58.87 -50.80 -70.26
C SER C 153 -59.64 -49.90 -69.31
N SER C 154 -60.30 -50.46 -68.29
CA SER C 154 -61.19 -49.76 -67.38
C SER C 154 -60.46 -49.39 -66.10
N PRO C 155 -60.58 -48.15 -65.63
CA PRO C 155 -59.86 -47.75 -64.41
C PRO C 155 -60.56 -48.20 -63.15
N VAL C 156 -59.75 -48.43 -62.11
CA VAL C 156 -60.22 -48.89 -60.81
C VAL C 156 -60.23 -47.71 -59.85
N LYS C 157 -61.38 -47.43 -59.25
CA LYS C 157 -61.53 -46.29 -58.36
C LYS C 157 -61.02 -46.61 -56.96
N ALA C 158 -61.82 -47.35 -56.18
CA ALA C 158 -61.50 -47.62 -54.79
C ALA C 158 -60.64 -48.88 -54.68
N GLY C 159 -60.38 -49.29 -53.43
CA GLY C 159 -59.52 -50.42 -53.16
C GLY C 159 -58.04 -50.14 -53.25
N VAL C 160 -57.65 -48.97 -53.74
CA VAL C 160 -56.24 -48.64 -53.95
C VAL C 160 -55.62 -48.17 -52.63
N GLU C 161 -54.48 -48.75 -52.27
CA GLU C 161 -53.74 -48.39 -51.07
C GLU C 161 -52.29 -48.14 -51.47
N THR C 162 -51.88 -46.87 -51.48
CA THR C 162 -50.58 -46.47 -51.99
C THR C 162 -49.79 -45.76 -50.89
N THR C 163 -48.57 -46.23 -50.65
CA THR C 163 -47.71 -45.64 -49.63
C THR C 163 -47.22 -44.26 -50.05
N THR C 164 -46.20 -43.75 -49.38
CA THR C 164 -45.63 -42.46 -49.68
C THR C 164 -44.11 -42.60 -49.83
N PRO C 165 -43.51 -41.87 -50.78
CA PRO C 165 -42.08 -42.05 -51.04
C PRO C 165 -41.23 -41.80 -49.80
N SER C 166 -40.08 -42.48 -49.75
CA SER C 166 -39.18 -42.40 -48.60
C SER C 166 -37.80 -42.90 -49.02
N LYS C 167 -36.83 -42.00 -49.12
CA LYS C 167 -35.50 -42.39 -49.58
C LYS C 167 -34.74 -43.12 -48.50
N GLN C 168 -33.66 -43.80 -48.91
CA GLN C 168 -32.92 -44.70 -48.03
C GLN C 168 -31.42 -44.54 -48.33
N SER C 169 -30.84 -43.48 -47.78
CA SER C 169 -29.39 -43.24 -47.83
C SER C 169 -28.86 -43.26 -49.26
N ASN C 170 -29.58 -42.62 -50.16
CA ASN C 170 -29.27 -42.68 -51.59
C ASN C 170 -30.15 -41.67 -52.31
N ASN C 171 -30.15 -41.74 -53.64
CA ASN C 171 -31.22 -41.20 -54.46
C ASN C 171 -32.36 -42.19 -54.61
N LYS C 172 -32.25 -43.39 -54.04
CA LYS C 172 -33.27 -44.41 -54.19
C LYS C 172 -34.45 -44.12 -53.28
N TYR C 173 -35.62 -43.93 -53.88
CA TYR C 173 -36.88 -43.74 -53.15
C TYR C 173 -37.76 -44.96 -53.35
N ALA C 174 -38.62 -45.22 -52.37
CA ALA C 174 -39.46 -46.40 -52.36
C ALA C 174 -40.93 -46.01 -52.47
N ALA C 175 -41.72 -46.86 -53.11
CA ALA C 175 -43.15 -46.59 -53.30
C ALA C 175 -43.87 -47.90 -53.53
N SER C 176 -44.85 -48.20 -52.69
CA SER C 176 -45.64 -49.42 -52.78
C SER C 176 -47.09 -49.05 -53.01
N SER C 177 -47.72 -49.68 -54.00
CA SER C 177 -49.13 -49.48 -54.29
C SER C 177 -49.84 -50.83 -54.18
N TYR C 178 -50.97 -50.85 -53.49
CA TYR C 178 -51.73 -52.08 -53.23
C TYR C 178 -53.15 -51.95 -53.78
N LEU C 179 -53.77 -53.10 -54.00
CA LEU C 179 -55.12 -53.18 -54.54
C LEU C 179 -55.79 -54.44 -53.99
N SER C 180 -56.85 -54.27 -53.22
CA SER C 180 -57.51 -55.36 -52.51
C SER C 180 -58.72 -55.83 -53.30
N LEU C 181 -58.74 -57.12 -53.66
CA LEU C 181 -59.82 -57.69 -54.47
C LEU C 181 -60.35 -58.94 -53.79
N THR C 182 -61.26 -59.62 -54.50
CA THR C 182 -61.90 -60.85 -54.05
C THR C 182 -61.54 -62.00 -54.98
N PRO C 183 -61.47 -63.24 -54.46
CA PRO C 183 -61.10 -64.38 -55.32
C PRO C 183 -62.01 -64.55 -56.52
N GLU C 184 -63.23 -64.04 -56.47
CA GLU C 184 -64.09 -64.04 -57.65
C GLU C 184 -63.76 -62.88 -58.58
N GLN C 185 -63.29 -61.76 -58.03
CA GLN C 185 -62.95 -60.59 -58.85
C GLN C 185 -61.70 -60.85 -59.68
N TRP C 186 -60.75 -61.64 -59.17
CA TRP C 186 -59.48 -61.84 -59.87
C TRP C 186 -59.66 -62.69 -61.11
N LYS C 187 -60.43 -63.78 -61.02
CA LYS C 187 -60.67 -64.65 -62.17
C LYS C 187 -61.64 -64.03 -63.19
N SER C 188 -62.09 -62.79 -62.98
CA SER C 188 -63.10 -62.18 -63.84
C SER C 188 -62.47 -61.52 -65.06
N HIS C 189 -61.74 -60.43 -64.86
CA HIS C 189 -61.21 -59.64 -65.97
C HIS C 189 -60.01 -60.33 -66.62
N LYS C 190 -59.68 -59.86 -67.83
CA LYS C 190 -58.61 -60.49 -68.59
C LYS C 190 -57.24 -60.12 -68.04
N SER C 191 -56.99 -58.83 -67.84
CA SER C 191 -55.69 -58.36 -67.41
C SER C 191 -55.85 -57.15 -66.49
N TYR C 192 -55.05 -57.12 -65.43
CA TYR C 192 -54.92 -55.97 -64.56
C TYR C 192 -53.57 -55.30 -64.79
N SER C 193 -53.56 -53.98 -64.78
CA SER C 193 -52.37 -53.19 -65.09
C SER C 193 -52.06 -52.25 -63.94
N CYS C 194 -50.77 -52.09 -63.64
CA CYS C 194 -50.29 -51.06 -62.72
C CYS C 194 -49.51 -50.05 -63.55
N GLN C 195 -49.98 -48.80 -63.54
CA GLN C 195 -49.35 -47.71 -64.28
C GLN C 195 -48.75 -46.72 -63.31
N VAL C 196 -47.48 -46.38 -63.51
CA VAL C 196 -46.76 -45.45 -62.65
C VAL C 196 -46.38 -44.24 -63.48
N THR C 197 -46.94 -43.07 -63.13
CA THR C 197 -46.66 -41.82 -63.81
C THR C 197 -45.57 -41.10 -63.03
N HIS C 198 -44.35 -41.16 -63.54
CA HIS C 198 -43.19 -40.54 -62.89
C HIS C 198 -42.60 -39.51 -63.84
N GLU C 199 -42.52 -38.26 -63.37
CA GLU C 199 -42.19 -37.10 -64.20
C GLU C 199 -43.19 -36.93 -65.34
N GLY C 200 -42.71 -37.11 -66.57
CA GLY C 200 -43.61 -36.97 -67.70
C GLY C 200 -43.99 -38.34 -68.21
N SER C 201 -43.08 -39.29 -68.00
CA SER C 201 -43.17 -40.65 -68.51
C SER C 201 -44.36 -41.40 -67.92
N THR C 202 -44.57 -42.65 -68.36
CA THR C 202 -45.55 -43.51 -67.71
C THR C 202 -45.18 -44.96 -67.98
N VAL C 203 -44.67 -45.66 -66.97
CA VAL C 203 -44.40 -47.09 -67.08
C VAL C 203 -45.69 -47.85 -66.80
N GLU C 204 -45.88 -48.98 -67.50
CA GLU C 204 -47.07 -49.80 -67.33
C GLU C 204 -46.68 -51.27 -67.38
N LYS C 205 -47.24 -52.05 -66.46
CA LYS C 205 -47.02 -53.50 -66.44
C LYS C 205 -48.32 -54.19 -66.05
N THR C 206 -48.66 -55.26 -66.76
CA THR C 206 -49.93 -55.96 -66.58
C THR C 206 -49.70 -57.29 -65.87
N VAL C 207 -50.77 -58.10 -65.79
CA VAL C 207 -50.72 -59.41 -65.15
C VAL C 207 -51.95 -60.17 -65.62
N ALA C 208 -51.85 -61.51 -65.64
CA ALA C 208 -52.93 -62.31 -66.18
C ALA C 208 -53.06 -63.64 -65.45
N PRO C 209 -54.27 -64.13 -65.21
CA PRO C 209 -54.44 -65.38 -64.45
C PRO C 209 -54.09 -66.61 -65.28
N THR C 210 -53.93 -67.72 -64.57
CA THR C 210 -53.67 -69.01 -65.20
C THR C 210 -54.90 -69.91 -65.07
N GLN D 1 -14.92 -51.40 -29.03
CA GLN D 1 -16.06 -50.82 -29.72
C GLN D 1 -17.27 -50.74 -28.79
N VAL D 2 -18.16 -49.78 -29.07
CA VAL D 2 -19.32 -49.51 -28.23
C VAL D 2 -20.58 -49.78 -29.04
N HIS D 3 -21.43 -50.67 -28.52
CA HIS D 3 -22.66 -51.09 -29.17
C HIS D 3 -23.82 -50.94 -28.19
N LEU D 4 -24.87 -50.25 -28.61
CA LEU D 4 -26.03 -49.98 -27.77
C LEU D 4 -27.28 -50.57 -28.40
N GLN D 5 -28.23 -50.95 -27.55
CA GLN D 5 -29.44 -51.63 -28.02
C GLN D 5 -30.59 -51.34 -27.09
N GLU D 6 -31.68 -50.80 -27.64
CA GLU D 6 -32.90 -50.51 -26.89
C GLU D 6 -33.91 -51.62 -27.14
N SER D 7 -34.48 -52.16 -26.07
CA SER D 7 -35.56 -53.13 -26.15
C SER D 7 -36.73 -52.62 -25.32
N GLY D 8 -37.92 -52.71 -25.89
CA GLY D 8 -39.11 -52.25 -25.20
C GLY D 8 -40.34 -52.99 -25.65
N PRO D 9 -41.49 -52.66 -25.06
CA PRO D 9 -42.72 -53.37 -25.44
C PRO D 9 -43.15 -53.10 -26.87
N GLY D 10 -42.91 -51.90 -27.39
CA GLY D 10 -43.38 -51.50 -28.69
C GLY D 10 -44.80 -50.95 -28.71
N LEU D 11 -45.66 -51.46 -27.83
CA LEU D 11 -47.03 -50.98 -27.69
C LEU D 11 -47.36 -50.89 -26.20
N VAL D 12 -47.90 -49.76 -25.78
CA VAL D 12 -48.33 -49.54 -24.40
C VAL D 12 -49.66 -48.80 -24.43
N LYS D 13 -50.63 -49.31 -23.67
CA LYS D 13 -51.95 -48.69 -23.60
C LYS D 13 -51.85 -47.28 -22.99
N PRO D 14 -52.83 -46.42 -23.26
CA PRO D 14 -52.81 -45.08 -22.67
C PRO D 14 -52.85 -45.12 -21.14
N SER D 15 -52.17 -44.16 -20.53
CA SER D 15 -52.09 -44.03 -19.07
C SER D 15 -51.55 -45.30 -18.42
N GLU D 16 -50.46 -45.82 -18.98
CA GLU D 16 -49.79 -47.00 -18.46
C GLU D 16 -48.31 -46.68 -18.29
N THR D 17 -47.59 -47.61 -17.65
CA THR D 17 -46.18 -47.42 -17.36
C THR D 17 -45.36 -48.01 -18.50
N LEU D 18 -44.72 -47.14 -19.28
CA LEU D 18 -43.71 -47.61 -20.22
C LEU D 18 -42.48 -48.07 -19.46
N SER D 19 -42.01 -49.27 -19.79
CA SER D 19 -40.81 -49.82 -19.18
C SER D 19 -39.84 -50.17 -20.30
N LEU D 20 -38.76 -49.39 -20.42
CA LEU D 20 -37.76 -49.58 -21.44
C LEU D 20 -36.45 -50.04 -20.83
N THR D 21 -35.72 -50.85 -21.59
CA THR D 21 -34.42 -51.38 -21.18
C THR D 21 -33.42 -51.12 -22.30
N CYS D 22 -32.26 -50.60 -21.93
CA CYS D 22 -31.17 -50.33 -22.87
C CYS D 22 -29.98 -51.19 -22.47
N ASN D 23 -29.85 -52.34 -23.11
CA ASN D 23 -28.70 -53.20 -22.87
C ASN D 23 -27.44 -52.56 -23.44
N VAL D 24 -26.34 -52.64 -22.69
CA VAL D 24 -25.09 -51.97 -23.00
C VAL D 24 -24.00 -53.02 -23.19
N SER D 25 -23.27 -52.92 -24.30
CA SER D 25 -22.18 -53.83 -24.62
C SER D 25 -20.99 -53.02 -25.11
N GLY D 26 -19.85 -53.18 -24.43
CA GLY D 26 -18.62 -52.49 -24.75
C GLY D 26 -18.02 -51.68 -23.62
N THR D 27 -18.80 -51.38 -22.58
CA THR D 27 -18.32 -50.61 -21.44
C THR D 27 -19.26 -50.81 -20.26
N LEU D 28 -18.87 -50.27 -19.12
CA LEU D 28 -19.69 -50.35 -17.92
C LEU D 28 -20.63 -49.15 -17.82
N VAL D 29 -21.73 -49.34 -17.08
CA VAL D 29 -22.70 -48.29 -16.90
C VAL D 29 -22.35 -47.34 -15.77
N ARG D 30 -21.22 -47.56 -15.10
CA ARG D 30 -20.82 -46.76 -13.94
C ARG D 30 -19.86 -45.64 -14.28
N ASP D 31 -19.05 -45.81 -15.33
CA ASP D 31 -18.01 -44.85 -15.68
C ASP D 31 -18.47 -43.80 -16.68
N ASN D 32 -19.66 -43.92 -17.23
CA ASN D 32 -20.14 -43.03 -18.26
C ASN D 32 -21.49 -42.45 -17.89
N TYR D 33 -21.84 -41.36 -18.56
CA TYR D 33 -23.19 -40.80 -18.49
C TYR D 33 -24.08 -41.48 -19.53
N TRP D 34 -25.39 -41.34 -19.33
CA TRP D 34 -26.36 -42.02 -20.17
C TRP D 34 -27.56 -41.12 -20.41
N SER D 35 -28.13 -41.20 -21.61
CA SER D 35 -29.20 -40.29 -22.00
C SER D 35 -30.12 -40.94 -23.03
N TRP D 36 -31.42 -40.81 -22.81
CA TRP D 36 -32.45 -41.20 -23.77
C TRP D 36 -32.96 -39.96 -24.51
N ILE D 37 -33.33 -40.15 -25.78
CA ILE D 37 -33.95 -39.11 -26.58
C ILE D 37 -35.09 -39.74 -27.36
N ARG D 38 -36.22 -39.03 -27.46
CA ARG D 38 -37.37 -39.48 -28.22
C ARG D 38 -37.64 -38.54 -29.38
N GLN D 39 -38.07 -39.10 -30.50
CA GLN D 39 -38.27 -38.32 -31.71
C GLN D 39 -39.58 -38.71 -32.36
N PRO D 40 -40.61 -37.87 -32.26
CA PRO D 40 -41.84 -38.10 -33.03
C PRO D 40 -41.57 -38.11 -34.52
N LEU D 41 -42.59 -38.49 -35.26
CA LEU D 41 -42.51 -38.55 -36.72
C LEU D 41 -42.68 -37.15 -37.28
N GLY D 42 -41.61 -36.59 -37.83
CA GLY D 42 -41.65 -35.27 -38.42
C GLY D 42 -41.25 -34.13 -37.50
N LYS D 43 -41.10 -34.40 -36.21
CA LYS D 43 -40.68 -33.38 -35.26
C LYS D 43 -39.19 -33.54 -34.97
N GLN D 44 -38.68 -32.63 -34.14
CA GLN D 44 -37.26 -32.59 -33.77
C GLN D 44 -36.99 -33.50 -32.58
N PRO D 45 -35.73 -33.92 -32.40
CA PRO D 45 -35.39 -34.81 -31.28
C PRO D 45 -35.56 -34.11 -29.94
N GLU D 46 -36.45 -34.63 -29.12
CA GLU D 46 -36.78 -34.05 -27.82
C GLU D 46 -36.03 -34.80 -26.73
N TRP D 47 -35.22 -34.06 -25.96
CA TRP D 47 -34.43 -34.66 -24.90
C TRP D 47 -35.31 -35.07 -23.73
N ILE D 48 -34.92 -36.14 -23.06
CA ILE D 48 -35.71 -36.66 -21.96
C ILE D 48 -34.98 -36.45 -20.63
N GLY D 49 -33.84 -37.10 -20.47
CA GLY D 49 -33.08 -36.96 -19.23
C GLY D 49 -31.82 -37.80 -19.17
N TYR D 50 -30.80 -37.29 -18.46
CA TYR D 50 -29.53 -37.98 -18.35
C TYR D 50 -29.36 -38.60 -16.96
N VAL D 51 -28.66 -39.72 -16.91
CA VAL D 51 -28.50 -40.51 -15.68
C VAL D 51 -27.07 -40.99 -15.58
N HIS D 52 -26.54 -41.03 -14.36
CA HIS D 52 -25.20 -41.49 -14.08
C HIS D 52 -25.18 -42.02 -12.65
N ASP D 53 -24.14 -42.78 -12.31
CA ASP D 53 -23.97 -43.26 -10.95
C ASP D 53 -23.69 -42.07 -10.02
N SER D 54 -23.56 -42.38 -8.73
CA SER D 54 -23.31 -41.38 -7.69
C SER D 54 -24.47 -40.39 -7.54
N GLY D 55 -25.68 -40.83 -7.87
CA GLY D 55 -26.87 -40.03 -7.70
C GLY D 55 -26.97 -38.80 -8.59
N ASP D 56 -26.16 -38.71 -9.65
CA ASP D 56 -26.19 -37.57 -10.57
C ASP D 56 -27.18 -37.88 -11.69
N THR D 57 -28.37 -37.30 -11.61
CA THR D 57 -29.44 -37.58 -12.56
C THR D 57 -30.36 -36.37 -12.66
N ASN D 58 -30.80 -36.05 -13.88
CA ASN D 58 -31.68 -34.92 -14.11
C ASN D 58 -32.66 -35.25 -15.23
N TYR D 59 -33.84 -34.67 -15.16
CA TYR D 59 -34.93 -34.95 -16.08
C TYR D 59 -35.38 -33.68 -16.79
N ASN D 60 -36.06 -33.87 -17.92
CA ASN D 60 -36.62 -32.75 -18.66
C ASN D 60 -37.65 -32.02 -17.80
N PRO D 61 -37.62 -30.68 -17.73
CA PRO D 61 -38.67 -29.96 -17.01
C PRO D 61 -40.06 -30.20 -17.54
N SER D 62 -40.20 -30.63 -18.80
CA SER D 62 -41.52 -30.86 -19.38
C SER D 62 -42.12 -32.22 -19.02
N LEU D 63 -41.29 -33.20 -18.69
CA LEU D 63 -41.74 -34.55 -18.38
C LEU D 63 -41.33 -34.98 -16.98
N LYS D 64 -41.23 -34.02 -16.07
CA LYS D 64 -40.62 -34.24 -14.76
C LYS D 64 -41.34 -35.30 -13.93
N SER D 65 -42.60 -35.04 -13.56
CA SER D 65 -43.30 -35.84 -12.55
C SER D 65 -43.69 -37.21 -13.07
N ARG D 66 -43.15 -37.62 -14.22
CA ARG D 66 -43.60 -38.84 -14.88
C ARG D 66 -42.48 -39.82 -15.22
N VAL D 67 -41.23 -39.39 -15.31
CA VAL D 67 -40.16 -40.24 -15.81
C VAL D 67 -39.23 -40.65 -14.67
N HIS D 68 -38.68 -41.85 -14.78
CA HIS D 68 -37.71 -42.36 -13.81
C HIS D 68 -36.72 -43.24 -14.54
N LEU D 69 -35.44 -42.87 -14.48
CA LEU D 69 -34.37 -43.67 -15.04
C LEU D 69 -33.70 -44.50 -13.94
N SER D 70 -32.77 -45.35 -14.36
CA SER D 70 -32.02 -46.18 -13.44
C SER D 70 -30.89 -46.86 -14.19
N LEU D 71 -29.83 -47.18 -13.46
CA LEU D 71 -28.68 -47.91 -14.00
C LEU D 71 -28.56 -49.23 -13.24
N ASP D 72 -28.62 -50.33 -13.98
CA ASP D 72 -28.44 -51.66 -13.39
C ASP D 72 -26.96 -51.98 -13.46
N LYS D 73 -26.26 -51.82 -12.33
CA LYS D 73 -24.82 -52.05 -12.31
C LYS D 73 -24.47 -53.54 -12.38
N SER D 74 -25.38 -54.42 -11.98
CA SER D 74 -25.14 -55.86 -12.02
C SER D 74 -25.45 -56.47 -13.38
N LYS D 75 -26.52 -56.03 -14.04
CA LYS D 75 -26.85 -56.50 -15.38
C LYS D 75 -26.26 -55.64 -16.49
N ASN D 76 -25.71 -54.47 -16.14
CA ASN D 76 -25.09 -53.55 -17.09
C ASN D 76 -26.08 -53.16 -18.20
N LEU D 77 -27.22 -52.62 -17.77
CA LEU D 77 -28.24 -52.12 -18.68
C LEU D 77 -28.87 -50.87 -18.10
N VAL D 78 -29.37 -50.01 -18.98
CA VAL D 78 -30.06 -48.78 -18.59
C VAL D 78 -31.55 -49.01 -18.72
N SER D 79 -32.30 -48.58 -17.70
CA SER D 79 -33.75 -48.71 -17.69
C SER D 79 -34.40 -47.33 -17.78
N LEU D 80 -35.58 -47.31 -18.38
CA LEU D 80 -36.42 -46.12 -18.42
C LEU D 80 -37.82 -46.50 -17.96
N ARG D 81 -38.47 -45.56 -17.29
CA ARG D 81 -39.85 -45.73 -16.85
C ARG D 81 -40.60 -44.43 -17.14
N LEU D 82 -41.60 -44.50 -18.01
CA LEU D 82 -42.45 -43.36 -18.33
C LEU D 82 -43.86 -43.69 -17.89
N THR D 83 -44.34 -43.00 -16.87
CA THR D 83 -45.62 -43.29 -16.22
C THR D 83 -46.70 -42.35 -16.73
N GLY D 84 -47.89 -42.90 -16.97
CA GLY D 84 -49.00 -42.12 -17.47
C GLY D 84 -48.77 -41.64 -18.89
N VAL D 85 -48.66 -42.58 -19.83
CA VAL D 85 -48.35 -42.24 -21.21
C VAL D 85 -49.64 -41.85 -21.95
N THR D 86 -49.47 -41.05 -22.99
CA THR D 86 -50.56 -40.72 -23.89
C THR D 86 -50.09 -40.92 -25.32
N ALA D 87 -50.92 -40.54 -26.30
CA ALA D 87 -50.51 -40.66 -27.70
C ALA D 87 -49.35 -39.73 -28.03
N ALA D 88 -49.09 -38.72 -27.20
CA ALA D 88 -47.98 -37.82 -27.44
C ALA D 88 -46.64 -38.56 -27.32
N ASP D 89 -46.52 -39.44 -26.33
CA ASP D 89 -45.26 -40.12 -26.06
C ASP D 89 -44.90 -41.16 -27.10
N SER D 90 -45.79 -41.45 -28.04
CA SER D 90 -45.42 -42.30 -29.17
C SER D 90 -44.32 -41.63 -29.97
N ALA D 91 -43.19 -42.31 -30.09
CA ALA D 91 -42.06 -41.78 -30.86
C ALA D 91 -41.05 -42.88 -31.15
N ILE D 92 -39.78 -42.55 -31.14
CA ILE D 92 -38.70 -43.52 -31.31
C ILE D 92 -37.67 -43.24 -30.22
N TYR D 93 -37.53 -44.15 -29.26
CA TYR D 93 -36.73 -43.90 -28.08
C TYR D 93 -35.31 -44.41 -28.30
N TYR D 94 -34.37 -43.49 -28.50
CA TYR D 94 -32.96 -43.83 -28.62
C TYR D 94 -32.28 -43.81 -27.26
N CYS D 95 -31.12 -44.48 -27.19
CA CYS D 95 -30.33 -44.56 -25.97
C CYS D 95 -28.85 -44.41 -26.37
N ALA D 96 -28.19 -43.40 -25.80
CA ALA D 96 -26.85 -43.04 -26.23
C ALA D 96 -25.96 -42.73 -25.03
N THR D 97 -24.66 -42.93 -25.22
CA THR D 97 -23.68 -42.45 -24.26
C THR D 97 -23.70 -40.92 -24.21
N THR D 98 -23.13 -40.38 -23.14
CA THR D 98 -23.05 -38.93 -22.98
C THR D 98 -21.70 -38.56 -22.40
N LYS D 99 -20.99 -37.64 -23.07
CA LYS D 99 -19.81 -37.00 -22.52
C LYS D 99 -20.14 -35.54 -22.20
N HIS D 100 -19.36 -34.97 -21.29
CA HIS D 100 -19.63 -33.65 -20.77
C HIS D 100 -18.49 -32.70 -21.10
N GLY D 101 -18.82 -31.41 -21.03
CA GLY D 101 -17.83 -30.37 -21.20
C GLY D 101 -18.16 -29.19 -20.31
N ARG D 102 -17.17 -28.33 -20.11
CA ARG D 102 -17.30 -27.15 -19.26
C ARG D 102 -16.92 -25.92 -20.06
N ARG D 103 -17.92 -25.13 -20.46
CA ARG D 103 -17.71 -23.91 -21.23
C ARG D 103 -17.37 -22.78 -20.26
N ILE D 104 -16.12 -22.32 -20.30
CA ILE D 104 -15.63 -21.26 -19.44
C ILE D 104 -15.63 -19.96 -20.23
N TYR D 105 -16.53 -19.04 -19.87
CA TYR D 105 -16.59 -17.74 -20.51
C TYR D 105 -16.14 -16.59 -19.62
N GLY D 106 -16.14 -16.78 -18.30
CA GLY D 106 -15.80 -15.70 -17.40
C GLY D 106 -14.46 -15.84 -16.72
N VAL D 107 -14.47 -15.81 -15.38
CA VAL D 107 -13.23 -15.84 -14.60
C VAL D 107 -13.11 -17.13 -13.80
N VAL D 108 -13.80 -18.19 -14.23
CA VAL D 108 -13.74 -19.51 -13.59
C VAL D 108 -14.19 -19.41 -12.14
N ALA D 109 -13.43 -18.66 -11.33
CA ALA D 109 -13.67 -18.65 -9.89
C ALA D 109 -15.05 -18.11 -9.54
N PHE D 110 -15.61 -17.24 -10.39
CA PHE D 110 -16.94 -16.66 -10.14
C PHE D 110 -18.07 -17.56 -10.63
N LYS D 111 -17.85 -18.88 -10.69
CA LYS D 111 -18.83 -19.83 -11.25
C LYS D 111 -19.32 -19.41 -12.63
N GLU D 112 -18.56 -18.57 -13.33
CA GLU D 112 -18.99 -18.03 -14.62
C GLU D 112 -18.77 -19.07 -15.72
N TRP D 113 -19.41 -20.22 -15.53
CA TRP D 113 -19.30 -21.33 -16.46
C TRP D 113 -20.57 -22.16 -16.42
N PHE D 114 -20.74 -22.99 -17.45
CA PHE D 114 -21.86 -23.92 -17.50
C PHE D 114 -21.41 -25.22 -18.14
N THR D 115 -21.84 -26.33 -17.55
CA THR D 115 -21.57 -27.64 -18.11
C THR D 115 -22.49 -27.89 -19.30
N TYR D 116 -21.92 -28.39 -20.40
CA TYR D 116 -22.69 -28.77 -21.57
C TYR D 116 -22.46 -30.24 -21.88
N PHE D 117 -23.51 -30.91 -22.32
CA PHE D 117 -23.46 -32.32 -22.66
C PHE D 117 -23.68 -32.52 -24.15
N TYR D 118 -23.14 -33.62 -24.68
CA TYR D 118 -23.34 -33.96 -26.07
C TYR D 118 -23.25 -35.48 -26.21
N MET D 119 -24.21 -36.05 -26.94
CA MET D 119 -24.23 -37.49 -27.20
C MET D 119 -23.35 -37.80 -28.41
N ASP D 120 -22.52 -38.83 -28.28
CA ASP D 120 -21.57 -39.21 -29.33
C ASP D 120 -21.86 -40.55 -29.97
N VAL D 121 -22.18 -41.58 -29.18
CA VAL D 121 -22.43 -42.93 -29.67
C VAL D 121 -23.89 -43.27 -29.39
N TRP D 122 -24.68 -43.42 -30.46
CA TRP D 122 -26.10 -43.65 -30.37
C TRP D 122 -26.43 -45.14 -30.42
N GLY D 123 -27.71 -45.45 -30.25
CA GLY D 123 -28.24 -46.77 -30.51
C GLY D 123 -29.16 -46.77 -31.72
N LYS D 124 -29.64 -47.96 -32.07
CA LYS D 124 -30.50 -48.10 -33.23
C LYS D 124 -31.89 -47.55 -32.98
N GLY D 125 -32.40 -47.67 -31.76
CA GLY D 125 -33.68 -47.10 -31.40
C GLY D 125 -34.78 -48.15 -31.35
N THR D 126 -35.73 -47.93 -30.45
CA THR D 126 -36.93 -48.77 -30.34
C THR D 126 -38.15 -47.98 -30.76
N SER D 127 -39.10 -48.65 -31.38
CA SER D 127 -40.34 -48.01 -31.81
C SER D 127 -41.40 -48.27 -30.75
N VAL D 128 -41.93 -47.20 -30.17
CA VAL D 128 -42.95 -47.28 -29.13
C VAL D 128 -44.18 -46.54 -29.64
N THR D 129 -45.23 -47.28 -29.95
CA THR D 129 -46.50 -46.72 -30.35
C THR D 129 -47.51 -46.90 -29.23
N VAL D 130 -48.26 -45.84 -28.92
CA VAL D 130 -49.26 -45.86 -27.85
C VAL D 130 -50.63 -45.84 -28.50
N SER D 131 -51.41 -46.90 -28.24
CA SER D 131 -52.74 -47.06 -28.81
C SER D 131 -53.51 -48.03 -27.93
N SER D 132 -54.80 -47.76 -27.75
CA SER D 132 -55.68 -48.60 -26.96
C SER D 132 -56.22 -49.81 -27.74
N ALA D 133 -55.46 -50.32 -28.71
CA ALA D 133 -55.87 -51.45 -29.52
C ALA D 133 -55.01 -52.67 -29.24
N SER D 134 -55.57 -53.86 -29.51
CA SER D 134 -54.86 -55.10 -29.26
C SER D 134 -53.90 -55.42 -30.39
N THR D 135 -52.79 -56.06 -30.03
CA THR D 135 -51.79 -56.48 -31.00
C THR D 135 -52.35 -57.60 -31.88
N LYS D 136 -52.08 -57.51 -33.19
CA LYS D 136 -52.49 -58.53 -34.13
C LYS D 136 -51.27 -59.12 -34.82
N GLY D 137 -51.15 -60.44 -34.79
CA GLY D 137 -50.10 -61.13 -35.49
C GLY D 137 -50.35 -61.14 -36.99
N PRO D 138 -49.29 -60.92 -37.76
CA PRO D 138 -49.44 -60.87 -39.22
C PRO D 138 -49.77 -62.22 -39.85
N SER D 139 -49.76 -62.24 -41.19
CA SER D 139 -49.94 -63.47 -41.95
C SER D 139 -49.01 -63.39 -43.16
N VAL D 140 -48.14 -64.38 -43.30
CA VAL D 140 -47.06 -64.34 -44.29
C VAL D 140 -47.43 -65.23 -45.47
N PHE D 141 -47.53 -64.62 -46.65
CA PHE D 141 -47.78 -65.31 -47.90
C PHE D 141 -46.59 -65.12 -48.83
N PRO D 142 -46.14 -66.17 -49.51
CA PRO D 142 -44.99 -66.03 -50.43
C PRO D 142 -45.39 -65.33 -51.72
N LEU D 143 -44.42 -64.67 -52.34
CA LEU D 143 -44.60 -63.98 -53.61
C LEU D 143 -43.85 -64.72 -54.70
N ALA D 144 -44.58 -65.20 -55.70
CA ALA D 144 -44.00 -66.11 -56.68
C ALA D 144 -43.12 -65.36 -57.67
N PRO D 145 -42.01 -65.95 -58.09
CA PRO D 145 -41.17 -65.30 -59.11
C PRO D 145 -41.82 -65.37 -60.48
N SER D 146 -41.56 -64.34 -61.28
CA SER D 146 -42.10 -64.28 -62.64
C SER D 146 -41.19 -63.40 -63.48
N SER D 147 -40.38 -64.03 -64.34
CA SER D 147 -39.49 -63.32 -65.25
C SER D 147 -38.62 -62.28 -64.55
N GLY D 152 -33.87 -61.77 -70.48
CA GLY D 152 -33.42 -60.76 -69.54
C GLY D 152 -32.24 -61.20 -68.70
N GLY D 153 -32.28 -62.44 -68.23
CA GLY D 153 -31.22 -63.01 -67.43
C GLY D 153 -31.39 -62.87 -65.93
N THR D 154 -32.33 -62.07 -65.47
CA THR D 154 -32.57 -61.84 -64.05
C THR D 154 -33.97 -62.32 -63.69
N ALA D 155 -34.33 -62.15 -62.42
CA ALA D 155 -35.62 -62.57 -61.91
C ALA D 155 -35.96 -61.78 -60.66
N ALA D 156 -37.25 -61.78 -60.31
CA ALA D 156 -37.77 -61.06 -59.16
C ALA D 156 -38.48 -62.04 -58.23
N LEU D 157 -38.17 -61.95 -56.93
CA LEU D 157 -38.73 -62.84 -55.93
C LEU D 157 -38.90 -62.07 -54.64
N GLY D 158 -40.01 -62.30 -53.94
CA GLY D 158 -40.31 -61.57 -52.73
C GLY D 158 -41.15 -62.35 -51.75
N CYS D 159 -41.48 -61.67 -50.65
CA CYS D 159 -42.36 -62.16 -49.59
C CYS D 159 -43.42 -61.09 -49.31
N LEU D 160 -44.34 -61.40 -48.39
CA LEU D 160 -45.36 -60.44 -48.01
C LEU D 160 -45.78 -60.68 -46.56
N VAL D 161 -46.02 -59.57 -45.85
CA VAL D 161 -46.46 -59.59 -44.45
C VAL D 161 -47.74 -58.76 -44.40
N LYS D 162 -48.87 -59.42 -44.18
CA LYS D 162 -50.18 -58.80 -44.32
C LYS D 162 -50.85 -58.64 -42.96
N ASP D 163 -51.33 -57.42 -42.68
CA ASP D 163 -52.22 -57.12 -41.56
C ASP D 163 -51.61 -57.40 -40.20
N TYR D 164 -50.93 -56.40 -39.63
CA TYR D 164 -50.30 -56.53 -38.32
C TYR D 164 -50.28 -55.16 -37.64
N PHE D 165 -50.03 -55.19 -36.33
CA PHE D 165 -49.98 -53.99 -35.52
C PHE D 165 -49.34 -54.32 -34.17
N PRO D 166 -48.47 -53.43 -33.65
CA PRO D 166 -48.02 -52.21 -34.31
C PRO D 166 -46.62 -52.35 -34.94
N GLU D 167 -46.08 -51.23 -35.41
CA GLU D 167 -44.76 -51.21 -36.01
C GLU D 167 -43.67 -51.51 -34.97
N PRO D 168 -42.52 -52.04 -35.42
CA PRO D 168 -42.19 -52.40 -36.79
C PRO D 168 -42.15 -53.92 -37.03
N VAL D 169 -41.55 -54.31 -38.16
CA VAL D 169 -41.38 -55.71 -38.52
C VAL D 169 -40.07 -55.85 -39.27
N THR D 170 -39.23 -56.79 -38.82
CA THR D 170 -37.94 -57.05 -39.44
C THR D 170 -38.06 -58.24 -40.38
N VAL D 171 -37.48 -58.11 -41.58
CA VAL D 171 -37.57 -59.13 -42.62
C VAL D 171 -36.15 -59.47 -43.07
N SER D 172 -35.73 -60.71 -42.83
CA SER D 172 -34.43 -61.20 -43.28
C SER D 172 -34.63 -62.35 -44.26
N TRP D 173 -33.57 -62.67 -45.00
CA TRP D 173 -33.62 -63.69 -46.03
C TRP D 173 -32.56 -64.75 -45.75
N ASN D 174 -32.99 -66.00 -45.62
CA ASN D 174 -32.10 -67.14 -45.39
C ASN D 174 -31.29 -66.96 -44.10
N SER D 175 -31.95 -66.44 -43.07
CA SER D 175 -31.34 -66.21 -41.75
C SER D 175 -30.11 -65.29 -41.85
N GLY D 176 -30.19 -64.28 -42.72
CA GLY D 176 -29.15 -63.28 -42.81
C GLY D 176 -28.07 -63.57 -43.83
N ALA D 177 -28.42 -64.20 -44.96
CA ALA D 177 -27.44 -64.59 -45.96
C ALA D 177 -27.82 -64.08 -47.36
N LEU D 178 -28.50 -62.94 -47.42
CA LEU D 178 -28.84 -62.32 -48.70
C LEU D 178 -29.09 -60.84 -48.45
N THR D 179 -28.08 -60.01 -48.74
CA THR D 179 -28.19 -58.57 -48.62
C THR D 179 -27.95 -57.83 -49.92
N SER D 180 -27.39 -58.49 -50.93
CA SER D 180 -27.22 -57.88 -52.24
C SER D 180 -28.51 -58.07 -53.04
N GLY D 181 -29.15 -56.96 -53.40
CA GLY D 181 -30.40 -57.02 -54.13
C GLY D 181 -31.65 -57.05 -53.28
N VAL D 182 -31.56 -56.70 -52.00
CA VAL D 182 -32.68 -56.76 -51.06
C VAL D 182 -33.16 -55.34 -50.80
N HIS D 183 -34.45 -55.09 -51.11
CA HIS D 183 -35.07 -53.78 -50.94
C HIS D 183 -36.38 -53.97 -50.19
N THR D 184 -36.38 -53.66 -48.89
CA THR D 184 -37.57 -53.71 -48.07
C THR D 184 -38.29 -52.37 -48.13
N PHE D 185 -39.61 -52.41 -48.35
CA PHE D 185 -40.40 -51.20 -48.56
C PHE D 185 -41.13 -50.79 -47.30
N PRO D 186 -41.38 -49.49 -47.14
CA PRO D 186 -42.19 -49.04 -46.00
C PRO D 186 -43.62 -49.52 -46.11
N ALA D 187 -44.25 -49.67 -44.95
CA ALA D 187 -45.61 -50.19 -44.90
C ALA D 187 -46.61 -49.09 -45.24
N VAL D 188 -47.86 -49.51 -45.40
CA VAL D 188 -48.97 -48.59 -45.66
C VAL D 188 -50.03 -48.83 -44.59
N LEU D 189 -50.56 -47.76 -44.05
CA LEU D 189 -51.68 -47.84 -43.12
C LEU D 189 -52.98 -47.86 -43.92
N GLN D 190 -53.74 -48.94 -43.81
CA GLN D 190 -55.04 -49.05 -44.43
C GLN D 190 -56.10 -48.39 -43.58
N SER D 191 -57.30 -48.26 -44.13
CA SER D 191 -58.42 -47.68 -43.39
C SER D 191 -58.86 -48.56 -42.22
N SER D 192 -58.39 -49.81 -42.16
CA SER D 192 -58.71 -50.70 -41.06
C SER D 192 -57.83 -50.49 -39.84
N GLY D 193 -56.64 -49.93 -40.01
CA GLY D 193 -55.71 -49.72 -38.93
C GLY D 193 -54.53 -50.69 -38.87
N LEU D 194 -54.24 -51.40 -39.96
CA LEU D 194 -53.15 -52.35 -40.01
C LEU D 194 -52.17 -51.96 -41.11
N TYR D 195 -50.88 -52.07 -40.81
CA TYR D 195 -49.83 -51.79 -41.77
C TYR D 195 -49.54 -53.03 -42.62
N SER D 196 -48.88 -52.80 -43.75
CA SER D 196 -48.57 -53.89 -44.68
C SER D 196 -47.40 -53.47 -45.56
N LEU D 197 -46.34 -54.26 -45.58
CA LEU D 197 -45.15 -53.97 -46.36
C LEU D 197 -44.84 -55.11 -47.31
N SER D 198 -43.76 -54.94 -48.07
CA SER D 198 -43.24 -55.97 -48.96
C SER D 198 -41.72 -55.90 -48.95
N SER D 199 -41.10 -56.96 -49.44
CA SER D 199 -39.63 -57.01 -49.52
C SER D 199 -39.24 -57.96 -50.63
N VAL D 200 -38.63 -57.42 -51.68
CA VAL D 200 -38.29 -58.19 -52.88
C VAL D 200 -36.77 -58.30 -52.99
N VAL D 201 -36.31 -59.42 -53.55
CA VAL D 201 -34.90 -59.65 -53.81
C VAL D 201 -34.71 -59.95 -55.29
N THR D 202 -33.69 -59.33 -55.87
CA THR D 202 -33.29 -59.63 -57.24
C THR D 202 -32.21 -60.70 -57.22
N VAL D 203 -32.50 -61.84 -57.84
CA VAL D 203 -31.54 -62.94 -57.92
C VAL D 203 -31.46 -63.39 -59.38
N PRO D 204 -30.35 -63.95 -59.82
CA PRO D 204 -30.27 -64.43 -61.21
C PRO D 204 -31.28 -65.53 -61.47
N SER D 205 -31.75 -65.60 -62.72
CA SER D 205 -32.75 -66.59 -63.08
C SER D 205 -32.22 -68.01 -62.95
N SER D 206 -30.90 -68.20 -63.08
CA SER D 206 -30.31 -69.52 -62.90
C SER D 206 -30.44 -69.97 -61.46
N SER D 207 -31.68 -70.13 -60.97
CA SER D 207 -31.95 -70.56 -59.61
C SER D 207 -32.78 -71.84 -59.60
N LEU D 208 -32.54 -72.73 -60.57
CA LEU D 208 -33.18 -74.04 -60.53
C LEU D 208 -32.82 -74.76 -59.24
N GLY D 209 -31.57 -74.66 -58.81
CA GLY D 209 -31.11 -75.09 -57.51
C GLY D 209 -31.56 -76.44 -56.96
N THR D 210 -32.52 -76.43 -56.04
CA THR D 210 -33.23 -75.22 -55.63
C THR D 210 -32.44 -74.33 -54.66
N GLN D 211 -32.04 -73.17 -55.16
CA GLN D 211 -31.48 -72.13 -54.30
C GLN D 211 -32.54 -71.70 -53.31
N THR D 212 -32.71 -72.46 -52.23
CA THR D 212 -33.81 -72.27 -51.30
C THR D 212 -33.83 -70.86 -50.71
N TYR D 213 -34.80 -70.06 -51.15
CA TYR D 213 -34.99 -68.70 -50.66
C TYR D 213 -36.08 -68.73 -49.59
N ILE D 214 -35.70 -68.49 -48.34
CA ILE D 214 -36.62 -68.48 -47.21
C ILE D 214 -36.47 -67.15 -46.51
N CYS D 215 -37.49 -66.31 -46.59
CA CYS D 215 -37.49 -65.06 -45.83
C CYS D 215 -37.95 -65.34 -44.41
N ASN D 216 -37.28 -64.71 -43.45
CA ASN D 216 -37.59 -64.88 -42.03
C ASN D 216 -38.33 -63.65 -41.54
N VAL D 217 -39.53 -63.86 -41.00
CA VAL D 217 -40.40 -62.79 -40.54
C VAL D 217 -40.39 -62.77 -39.01
N ASN D 218 -40.48 -61.57 -38.44
CA ASN D 218 -40.43 -61.40 -36.99
C ASN D 218 -41.30 -60.20 -36.61
N HIS D 219 -42.02 -60.34 -35.49
CA HIS D 219 -42.93 -59.28 -35.03
C HIS D 219 -42.89 -59.28 -33.50
N LYS D 220 -42.11 -58.37 -32.94
CA LYS D 220 -41.89 -58.38 -31.49
C LYS D 220 -43.15 -58.18 -30.65
N PRO D 221 -44.06 -57.25 -30.96
CA PRO D 221 -45.23 -57.07 -30.08
C PRO D 221 -46.11 -58.31 -29.96
N SER D 222 -46.18 -59.15 -30.98
CA SER D 222 -47.02 -60.35 -30.94
C SER D 222 -46.23 -61.63 -30.75
N ASN D 223 -44.89 -61.55 -30.72
CA ASN D 223 -44.03 -62.72 -30.56
C ASN D 223 -44.29 -63.77 -31.63
N THR D 224 -44.26 -63.32 -32.89
CA THR D 224 -44.55 -64.17 -34.04
C THR D 224 -43.28 -64.36 -34.87
N LYS D 225 -42.95 -65.64 -35.14
CA LYS D 225 -41.85 -66.00 -36.03
C LYS D 225 -42.37 -67.03 -37.02
N VAL D 226 -42.49 -66.63 -38.28
CA VAL D 226 -42.98 -67.49 -39.35
C VAL D 226 -41.93 -67.51 -40.45
N ASP D 227 -41.34 -68.68 -40.68
CA ASP D 227 -40.38 -68.87 -41.76
C ASP D 227 -41.14 -69.38 -42.98
N LYS D 228 -41.22 -68.55 -44.01
CA LYS D 228 -41.92 -68.87 -45.25
C LYS D 228 -40.91 -69.15 -46.35
N ARG D 229 -41.19 -70.17 -47.16
CA ARG D 229 -40.34 -70.55 -48.27
C ARG D 229 -41.06 -70.26 -49.58
N VAL D 230 -40.38 -69.55 -50.47
CA VAL D 230 -40.95 -69.16 -51.77
C VAL D 230 -40.50 -70.16 -52.82
N GLU D 231 -41.46 -70.66 -53.61
CA GLU D 231 -41.18 -71.62 -54.66
C GLU D 231 -41.99 -71.26 -55.90
N PRO D 232 -41.43 -71.47 -57.11
CA PRO D 232 -42.08 -71.16 -58.38
C PRO D 232 -43.42 -71.88 -58.55
N GLN E 1 25.61 28.83 25.23
CA GLN E 1 24.30 28.84 25.87
C GLN E 1 23.72 27.42 25.94
N GLY E 2 24.60 26.43 25.97
CA GLY E 2 24.22 25.03 25.99
C GLY E 2 24.96 24.21 27.04
N GLN E 3 25.47 23.05 26.63
CA GLN E 3 26.10 22.13 27.58
C GLN E 3 26.85 21.07 26.79
N LEU E 4 28.05 20.74 27.25
CA LEU E 4 28.89 19.74 26.60
C LEU E 4 29.31 18.69 27.63
N VAL E 5 29.21 17.42 27.26
CA VAL E 5 29.50 16.29 28.13
C VAL E 5 30.45 15.33 27.41
N GLN E 6 31.37 14.72 28.17
CA GLN E 6 32.39 13.84 27.62
C GLN E 6 32.32 12.45 28.23
N SER E 7 32.91 11.49 27.52
CA SER E 7 32.87 10.10 27.93
C SER E 7 33.62 9.89 29.24
N GLY E 8 33.54 8.66 29.75
CA GLY E 8 34.17 8.36 31.02
C GLY E 8 35.69 8.33 30.91
N ALA E 9 36.34 8.59 32.04
CA ALA E 9 37.79 8.50 32.11
C ALA E 9 38.22 7.04 31.95
N GLU E 10 38.99 6.76 30.91
CA GLU E 10 39.46 5.41 30.61
C GLU E 10 40.96 5.34 30.76
N LEU E 11 41.48 4.12 30.81
CA LEU E 11 42.91 3.87 30.88
C LEU E 11 43.34 3.08 29.66
N LYS E 12 44.44 3.49 29.04
CA LYS E 12 44.95 2.83 27.85
C LYS E 12 46.44 2.58 28.01
N LYS E 13 46.91 1.45 27.50
CA LYS E 13 48.34 1.18 27.48
C LYS E 13 48.98 1.90 26.29
N PRO E 14 50.24 2.33 26.43
CA PRO E 14 50.89 3.05 25.33
C PRO E 14 50.97 2.20 24.07
N GLY E 15 50.89 2.87 22.91
CA GLY E 15 50.85 2.21 21.64
C GLY E 15 49.45 1.88 21.15
N ALA E 16 48.46 1.87 22.04
CA ALA E 16 47.09 1.54 21.69
C ALA E 16 46.32 2.82 21.34
N SER E 17 45.04 2.65 21.05
CA SER E 17 44.17 3.75 20.64
C SER E 17 43.15 4.06 21.72
N VAL E 18 42.56 5.25 21.62
CA VAL E 18 41.51 5.68 22.53
C VAL E 18 40.57 6.61 21.77
N LYS E 19 39.27 6.45 22.01
CA LYS E 19 38.24 7.22 21.33
C LYS E 19 37.36 7.89 22.38
N ILE E 20 37.52 9.20 22.54
CA ILE E 20 36.77 9.98 23.52
C ILE E 20 35.69 10.76 22.78
N SER E 21 34.51 10.83 23.38
CA SER E 21 33.35 11.43 22.75
C SER E 21 33.00 12.77 23.39
N CYS E 22 32.02 13.44 22.77
CA CYS E 22 31.53 14.76 23.20
C CYS E 22 30.20 15.06 22.53
N LYS E 23 29.09 14.90 23.25
CA LYS E 23 27.76 15.12 22.71
C LYS E 23 27.20 16.46 23.18
N THR E 24 26.39 17.08 22.32
CA THR E 24 25.98 18.47 22.50
C THR E 24 24.46 18.59 22.50
N SER E 25 23.98 19.64 23.17
CA SER E 25 22.55 19.92 23.28
C SER E 25 22.36 21.37 23.70
N GLY E 26 21.32 22.02 23.17
CA GLY E 26 21.00 23.38 23.53
C GLY E 26 21.33 24.44 22.49
N TYR E 27 21.75 24.05 21.29
CA TYR E 27 22.05 24.99 20.22
C TYR E 27 22.06 24.22 18.91
N ARG E 28 22.57 24.84 17.84
CA ARG E 28 22.64 24.23 16.52
C ARG E 28 24.05 23.67 16.33
N PHE E 29 24.16 22.35 16.21
CA PHE E 29 25.47 21.70 16.18
C PHE E 29 26.27 22.09 14.94
N ASN E 30 25.60 22.37 13.82
CA ASN E 30 26.28 22.60 12.55
C ASN E 30 26.70 24.06 12.36
N PHE E 31 26.39 24.95 13.30
CA PHE E 31 26.74 26.36 13.15
C PHE E 31 28.05 26.73 13.85
N TYR E 32 28.64 25.82 14.62
CA TYR E 32 29.83 26.13 15.40
C TYR E 32 30.86 25.03 15.24
N HIS E 33 32.14 25.42 15.34
CA HIS E 33 33.24 24.49 15.25
C HIS E 33 33.46 23.80 16.59
N ILE E 34 34.23 22.72 16.57
CA ILE E 34 34.55 21.94 17.76
C ILE E 34 36.06 21.82 17.85
N ASN E 35 36.68 22.62 18.72
CA ASN E 35 38.10 22.51 18.98
C ASN E 35 38.35 21.38 19.97
N TRP E 36 39.60 20.94 20.03
CA TRP E 36 40.05 19.98 21.02
C TRP E 36 41.37 20.47 21.60
N ILE E 37 41.44 20.55 22.93
CA ILE E 37 42.61 21.07 23.63
C ILE E 37 42.96 20.13 24.77
N ARG E 38 44.26 19.83 24.91
CA ARG E 38 44.77 18.94 25.95
C ARG E 38 45.78 19.67 26.83
N GLN E 39 45.86 19.25 28.09
CA GLN E 39 46.77 19.86 29.07
C GLN E 39 47.40 18.77 29.93
N THR E 40 48.68 18.48 29.66
CA THR E 40 49.49 17.64 30.51
C THR E 40 50.32 18.49 31.46
N ALA E 41 50.92 17.85 32.45
CA ALA E 41 51.69 18.54 33.47
C ALA E 41 53.15 18.77 33.06
N GLY E 42 53.55 18.31 31.88
CA GLY E 42 54.92 18.50 31.43
C GLY E 42 55.05 19.34 30.18
N ARG E 43 53.92 19.82 29.64
CA ARG E 43 53.93 20.53 28.37
C ARG E 43 52.92 21.69 28.33
N GLY E 44 52.20 21.96 29.42
CA GLY E 44 51.25 23.04 29.47
C GLY E 44 50.05 22.81 28.57
N PRO E 45 49.23 23.84 28.38
CA PRO E 45 48.06 23.71 27.51
C PRO E 45 48.42 23.77 26.03
N GLU E 46 47.73 22.97 25.22
CA GLU E 46 48.15 22.72 23.84
C GLU E 46 46.92 22.46 22.97
N TRP E 47 46.72 23.31 21.96
CA TRP E 47 45.63 23.12 21.00
C TRP E 47 45.99 22.02 20.01
N MET E 48 44.99 21.25 19.60
CA MET E 48 45.19 20.13 18.70
C MET E 48 44.59 20.39 17.32
N GLY E 49 43.27 20.57 17.25
CA GLY E 49 42.62 20.83 15.97
C GLY E 49 41.16 21.14 16.17
N TRP E 50 40.53 21.57 15.08
CA TRP E 50 39.09 21.80 15.06
C TRP E 50 38.50 21.18 13.80
N ILE E 51 37.17 21.12 13.77
CA ILE E 51 36.43 20.48 12.68
C ILE E 51 35.05 21.14 12.60
N SER E 52 34.56 21.32 11.36
CA SER E 52 33.29 22.00 11.11
C SER E 52 32.24 20.99 10.68
N PRO E 53 31.19 20.76 11.48
CA PRO E 53 30.22 19.72 11.11
C PRO E 53 29.52 19.95 9.78
N TYR E 54 29.15 21.19 9.47
CA TYR E 54 28.39 21.45 8.25
C TYR E 54 29.22 21.15 7.01
N SER E 55 30.53 21.46 7.05
CA SER E 55 31.40 21.28 5.90
C SER E 55 32.37 20.12 6.02
N GLY E 56 32.59 19.60 7.23
CA GLY E 56 33.53 18.52 7.41
C GLY E 56 34.99 18.93 7.35
N ASP E 57 35.28 20.21 7.11
CA ASP E 57 36.66 20.68 7.04
C ASP E 57 37.35 20.50 8.38
N LYS E 58 38.64 20.17 8.33
CA LYS E 58 39.46 20.02 9.52
C LYS E 58 40.74 20.84 9.37
N ASN E 59 41.25 21.33 10.49
CA ASN E 59 42.58 21.91 10.54
C ASN E 59 43.31 21.32 11.73
N LEU E 60 44.46 20.72 11.48
CA LEU E 60 45.23 20.04 12.52
C LEU E 60 46.57 20.74 12.72
N ALA E 61 47.09 20.63 13.95
CA ALA E 61 48.39 21.15 14.30
C ALA E 61 49.49 20.22 13.79
N PRO E 62 50.66 20.78 13.44
CA PRO E 62 51.74 19.94 12.90
C PRO E 62 52.22 18.85 13.85
N ALA E 63 52.11 19.06 15.17
CA ALA E 63 52.50 18.02 16.12
C ALA E 63 51.48 16.89 16.13
N PHE E 64 50.19 17.21 16.01
CA PHE E 64 49.13 16.22 15.88
C PHE E 64 48.68 16.06 14.44
N GLN E 65 49.53 16.43 13.48
CA GLN E 65 49.22 16.27 12.07
C GLN E 65 49.10 14.82 11.66
N ASP E 66 49.73 13.90 12.40
CA ASP E 66 49.97 12.55 11.89
C ASP E 66 49.56 11.45 12.87
N ARG E 67 48.70 11.74 13.85
CA ARG E 67 48.32 10.68 14.77
C ARG E 67 46.97 10.91 15.42
N VAL E 68 46.18 11.87 14.93
CA VAL E 68 44.84 12.13 15.44
C VAL E 68 43.88 12.23 14.27
N ILE E 69 42.73 11.56 14.39
CA ILE E 69 41.64 11.65 13.42
C ILE E 69 40.42 12.20 14.13
N MET E 70 39.74 13.14 13.49
CA MET E 70 38.54 13.75 14.05
C MET E 70 37.33 13.36 13.21
N THR E 71 36.22 13.09 13.89
CA THR E 71 35.01 12.60 13.24
C THR E 71 33.79 13.20 13.92
N THR E 72 32.79 13.57 13.11
CA THR E 72 31.58 14.23 13.60
C THR E 72 30.36 13.51 13.05
N ASP E 73 29.46 13.10 13.96
CA ASP E 73 28.20 12.49 13.55
C ASP E 73 27.30 13.53 12.90
N THR E 74 26.14 13.07 12.44
CA THR E 74 25.19 13.97 11.80
C THR E 74 24.24 14.59 12.84
N GLU E 75 23.56 15.63 12.40
CA GLU E 75 22.74 16.46 13.29
C GLU E 75 21.36 15.85 13.46
N VAL E 76 20.91 15.77 14.71
CA VAL E 76 19.58 15.27 15.07
C VAL E 76 18.76 16.46 15.56
N PRO E 77 17.82 16.97 14.78
CA PRO E 77 17.08 18.17 15.20
C PRO E 77 16.19 17.89 16.40
N VAL E 78 15.94 18.95 17.18
CA VAL E 78 15.08 18.88 18.35
C VAL E 78 14.03 19.98 18.28
N THR E 79 14.45 21.20 17.98
CA THR E 79 13.54 22.33 17.79
C THR E 79 13.94 23.10 16.55
N SER E 80 13.24 24.20 16.28
CA SER E 80 13.51 25.00 15.11
C SER E 80 14.86 25.70 15.19
N PHE E 81 15.44 25.80 16.37
CA PHE E 81 16.70 26.52 16.56
C PHE E 81 17.75 25.66 17.26
N THR E 82 17.33 24.72 18.10
CA THR E 82 18.25 23.86 18.83
C THR E 82 18.27 22.46 18.24
N SER E 83 19.34 21.73 18.54
CA SER E 83 19.53 20.41 17.97
C SER E 83 20.32 19.56 18.96
N THR E 84 20.82 18.42 18.48
CA THR E 84 21.63 17.49 19.26
C THR E 84 22.62 16.79 18.33
N GLY E 85 23.88 16.72 18.75
CA GLY E 85 24.91 16.13 17.91
C GLY E 85 25.98 15.37 18.66
N ALA E 86 27.10 15.09 18.01
CA ALA E 86 28.17 14.33 18.63
C ALA E 86 29.49 14.63 17.92
N ALA E 87 30.58 14.58 18.67
CA ALA E 87 31.92 14.81 18.15
C ALA E 87 32.89 13.85 18.80
N TYR E 88 33.66 13.13 17.98
CA TYR E 88 34.70 12.22 18.45
C TYR E 88 36.08 12.78 18.13
N MET E 89 37.06 12.31 18.88
CA MET E 89 38.47 12.43 18.50
C MET E 89 39.17 11.13 18.85
N GLU E 90 40.16 10.77 18.03
CA GLU E 90 40.86 9.50 18.17
C GLU E 90 42.34 9.75 18.00
N ILE E 91 43.11 9.49 19.05
CA ILE E 91 44.55 9.73 19.04
C ILE E 91 45.25 8.37 19.06
N ARG E 92 46.08 8.14 18.05
CA ARG E 92 46.86 6.92 17.93
C ARG E 92 48.25 7.12 18.51
N ASN E 93 48.89 6.01 18.87
CA ASN E 93 50.28 5.98 19.31
C ASN E 93 50.47 6.88 20.55
N LEU E 94 49.88 6.42 21.65
CA LEU E 94 49.95 7.16 22.91
C LEU E 94 51.35 7.07 23.50
N LYS E 95 51.71 8.06 24.31
CA LYS E 95 53.01 8.09 24.97
C LYS E 95 52.82 8.55 26.41
N PHE E 96 53.91 8.43 27.19
CA PHE E 96 53.87 8.82 28.59
C PHE E 96 53.49 10.29 28.74
N ASP E 97 54.06 11.16 27.91
CA ASP E 97 53.79 12.60 28.00
C ASP E 97 52.37 12.96 27.58
N ASP E 98 51.56 11.98 27.18
CA ASP E 98 50.17 12.22 26.83
C ASP E 98 49.23 12.13 28.03
N THR E 99 49.77 12.03 29.24
CA THR E 99 48.94 11.89 30.43
C THR E 99 48.44 13.25 30.87
N GLY E 100 47.13 13.47 30.80
CA GLY E 100 46.57 14.73 31.21
C GLY E 100 45.08 14.79 30.92
N THR E 101 44.56 16.01 30.90
CA THR E 101 43.14 16.27 30.69
C THR E 101 42.89 16.73 29.27
N TYR E 102 41.75 16.29 28.71
CA TYR E 102 41.35 16.61 27.35
C TYR E 102 39.98 17.25 27.36
N PHE E 103 39.79 18.29 26.54
CA PHE E 103 38.57 19.07 26.51
C PHE E 103 38.03 19.19 25.09
N CYS E 104 36.72 19.41 25.00
CA CYS E 104 36.05 19.76 23.75
C CYS E 104 35.32 21.09 23.93
N ALA E 105 35.32 21.91 22.87
CA ALA E 105 34.86 23.29 22.98
C ALA E 105 34.07 23.69 21.74
N LYS E 106 32.83 24.12 21.96
CA LYS E 106 32.03 24.76 20.92
C LYS E 106 32.66 26.06 20.48
N GLY E 107 32.53 26.36 19.19
CA GLY E 107 33.06 27.59 18.63
C GLY E 107 32.43 28.84 19.21
N LEU E 108 32.93 30.01 18.83
CA LEU E 108 32.37 31.26 19.33
C LEU E 108 31.34 31.84 18.39
N LEU E 109 31.66 31.93 17.09
CA LEU E 109 30.79 32.61 16.12
C LEU E 109 30.55 31.73 14.91
N ARG E 110 29.73 32.24 13.99
CA ARG E 110 29.46 31.65 12.69
C ARG E 110 30.23 32.32 11.57
N ASP E 111 30.35 33.65 11.61
CA ASP E 111 31.14 34.40 10.64
C ASP E 111 32.04 35.39 11.38
N GLY E 112 33.06 35.88 10.69
CA GLY E 112 34.02 36.82 11.24
C GLY E 112 35.41 36.24 11.23
N SER E 113 36.31 36.89 11.98
CA SER E 113 37.66 36.37 12.09
C SER E 113 37.86 35.53 13.35
N SER E 114 36.95 35.61 14.31
CA SER E 114 37.00 34.81 15.53
C SER E 114 35.88 33.76 15.53
N THR E 115 35.68 33.08 14.40
CA THR E 115 34.62 32.08 14.31
C THR E 115 34.95 30.86 15.17
N TRP E 116 36.08 30.22 14.90
CA TRP E 116 36.41 28.94 15.51
C TRP E 116 36.89 29.06 16.95
N LEU E 117 36.93 30.26 17.51
CA LEU E 117 37.50 30.46 18.84
C LEU E 117 36.73 29.65 19.89
N PRO E 118 37.38 28.78 20.65
CA PRO E 118 36.69 27.98 21.65
C PRO E 118 36.01 28.83 22.72
N TYR E 119 34.67 28.88 22.70
CA TYR E 119 33.91 29.68 23.66
C TYR E 119 33.30 28.81 24.76
N LEU E 120 32.35 27.94 24.39
CA LEU E 120 31.73 27.03 25.35
C LEU E 120 32.59 25.79 25.49
N TRP E 121 32.70 25.29 26.72
CA TRP E 121 33.61 24.19 27.03
C TRP E 121 32.85 23.05 27.72
N GLY E 122 33.49 21.88 27.72
CA GLY E 122 32.95 20.68 28.33
C GLY E 122 33.42 20.49 29.76
N GLN E 123 33.58 19.22 30.16
CA GLN E 123 34.00 18.88 31.51
C GLN E 123 35.34 18.18 31.59
N GLY E 124 35.77 17.49 30.54
CA GLY E 124 37.09 16.90 30.53
C GLY E 124 37.14 15.43 30.90
N THR E 125 37.82 14.64 30.06
CA THR E 125 38.02 13.21 30.29
C THR E 125 39.51 12.98 30.53
N LEU E 126 39.89 12.80 31.78
CA LEU E 126 41.29 12.63 32.14
C LEU E 126 41.84 11.35 31.54
N LEU E 127 42.93 11.47 30.77
CA LEU E 127 43.56 10.34 30.12
C LEU E 127 44.86 10.01 30.84
N THR E 128 44.95 8.79 31.35
CA THR E 128 46.16 8.28 31.98
C THR E 128 46.80 7.26 31.06
N VAL E 129 48.09 7.46 30.77
CA VAL E 129 48.84 6.57 29.88
C VAL E 129 49.96 5.95 30.70
N SER E 130 49.71 4.76 31.25
CA SER E 130 50.68 4.05 32.06
C SER E 130 50.59 2.56 31.79
N SER E 131 51.72 1.88 31.96
CA SER E 131 51.76 0.44 31.74
C SER E 131 51.09 -0.33 32.86
N ALA E 132 50.85 0.31 34.01
CA ALA E 132 50.26 -0.37 35.14
C ALA E 132 48.82 -0.77 34.84
N SER E 133 48.31 -1.73 35.63
CA SER E 133 46.93 -2.17 35.52
C SER E 133 46.03 -1.32 36.41
N THR E 134 44.72 -1.49 36.25
CA THR E 134 43.74 -0.75 37.04
C THR E 134 43.54 -1.42 38.39
N LYS E 135 43.46 -0.60 39.44
CA LYS E 135 43.23 -1.09 40.79
C LYS E 135 41.96 -0.46 41.36
N GLY E 136 41.20 -1.27 42.11
CA GLY E 136 40.01 -0.79 42.77
C GLY E 136 40.34 -0.21 44.13
N PRO E 137 39.54 0.77 44.57
CA PRO E 137 39.84 1.47 45.82
C PRO E 137 39.55 0.60 47.03
N SER E 138 40.02 1.08 48.18
CA SER E 138 39.72 0.49 49.49
C SER E 138 39.15 1.59 50.36
N VAL E 139 37.83 1.57 50.55
CA VAL E 139 37.13 2.65 51.25
C VAL E 139 37.04 2.30 52.73
N PHE E 140 37.58 3.18 53.58
CA PHE E 140 37.55 3.02 55.03
C PHE E 140 36.74 4.16 55.65
N PRO E 141 35.77 3.85 56.51
CA PRO E 141 34.99 4.92 57.15
C PRO E 141 35.83 5.69 58.16
N LEU E 142 35.83 7.02 58.04
CA LEU E 142 36.56 7.87 58.97
C LEU E 142 35.73 8.05 60.23
N ALA E 143 36.33 7.73 61.38
CA ALA E 143 35.67 7.95 62.66
C ALA E 143 35.48 9.44 62.89
N PRO E 144 34.31 9.86 63.37
CA PRO E 144 34.06 11.28 63.59
C PRO E 144 35.00 11.87 64.64
N SER E 145 35.19 13.18 64.56
CA SER E 145 36.10 13.90 65.44
C SER E 145 35.43 15.19 65.91
N SER E 146 36.04 15.84 66.89
CA SER E 146 35.52 17.06 67.48
C SER E 146 36.07 18.27 66.76
N LYS E 147 35.18 19.11 66.23
CA LYS E 147 35.58 20.37 65.61
C LYS E 147 35.21 21.59 66.44
N SER E 148 34.18 21.50 67.28
CA SER E 148 33.81 22.61 68.15
C SER E 148 32.96 22.07 69.29
N THR E 149 33.47 22.17 70.52
CA THR E 149 32.69 21.74 71.68
C THR E 149 31.58 22.74 71.99
N SER E 150 31.91 24.04 72.02
CA SER E 150 30.89 25.04 72.32
C SER E 150 29.93 25.25 71.16
N GLY E 151 30.37 24.95 69.94
CA GLY E 151 29.53 25.10 68.76
C GLY E 151 28.69 23.91 68.40
N GLY E 152 28.93 22.76 69.04
CA GLY E 152 28.14 21.56 68.77
C GLY E 152 28.27 21.05 67.35
N THR E 153 29.49 20.99 66.84
CA THR E 153 29.75 20.55 65.48
C THR E 153 30.81 19.45 65.49
N ALA E 154 31.01 18.84 64.32
CA ALA E 154 31.94 17.72 64.18
C ALA E 154 32.29 17.56 62.70
N ALA E 155 32.85 16.39 62.35
CA ALA E 155 33.24 16.09 60.97
C ALA E 155 33.61 14.62 60.79
N LEU E 156 32.80 13.87 60.04
CA LEU E 156 33.08 12.48 59.69
C LEU E 156 33.24 12.36 58.18
N GLY E 157 33.70 11.18 57.74
CA GLY E 157 33.87 10.97 56.31
C GLY E 157 34.34 9.58 55.98
N CYS E 158 34.96 9.46 54.80
CA CYS E 158 35.44 8.19 54.27
C CYS E 158 36.86 8.36 53.74
N LEU E 159 37.65 7.30 53.84
CA LEU E 159 39.05 7.29 53.41
C LEU E 159 39.19 6.36 52.21
N VAL E 160 39.34 6.95 51.02
CA VAL E 160 39.59 6.19 49.80
C VAL E 160 41.10 6.01 49.68
N LYS E 161 41.58 4.80 49.92
CA LYS E 161 43.00 4.52 49.93
C LYS E 161 43.36 3.51 48.86
N ASP E 162 44.48 3.76 48.18
CA ASP E 162 45.05 2.84 47.18
C ASP E 162 44.09 2.59 46.02
N TYR E 163 44.21 3.38 44.96
CA TYR E 163 43.42 3.17 43.76
C TYR E 163 44.19 3.68 42.55
N PHE E 164 43.74 3.26 41.38
CA PHE E 164 44.42 3.60 40.12
C PHE E 164 43.56 3.18 38.94
N PRO E 165 43.41 4.07 37.94
CA PRO E 165 43.95 5.43 37.95
C PRO E 165 42.92 6.45 38.42
N GLU E 166 43.27 7.72 38.34
CA GLU E 166 42.31 8.79 38.61
C GLU E 166 41.16 8.72 37.61
N PRO E 167 39.98 9.22 37.98
CA PRO E 167 39.65 9.81 39.27
C PRO E 167 38.76 8.93 40.13
N VAL E 168 38.25 9.50 41.21
CA VAL E 168 37.27 8.86 42.08
C VAL E 168 36.30 9.94 42.54
N THR E 169 35.01 9.75 42.24
CA THR E 169 33.96 10.67 42.66
C THR E 169 33.25 10.11 43.89
N VAL E 170 33.22 10.90 44.95
CA VAL E 170 32.61 10.51 46.22
C VAL E 170 31.37 11.36 46.43
N SER E 171 30.23 10.69 46.63
CA SER E 171 28.96 11.34 46.95
C SER E 171 28.49 10.87 48.33
N TRP E 172 27.35 11.42 48.75
CA TRP E 172 26.79 11.11 50.07
C TRP E 172 25.27 11.04 49.98
N ASN E 173 24.71 9.92 50.43
CA ASN E 173 23.27 9.70 50.46
C ASN E 173 22.64 9.86 49.07
N SER E 174 23.30 9.29 48.06
CA SER E 174 22.81 9.31 46.68
C SER E 174 22.56 10.75 46.21
N GLY E 175 23.45 11.65 46.60
CA GLY E 175 23.32 13.04 46.19
C GLY E 175 22.39 13.88 47.03
N ALA E 176 22.13 13.48 48.27
CA ALA E 176 21.25 14.22 49.16
C ALA E 176 22.02 15.15 50.11
N LEU E 177 23.07 14.64 50.74
CA LEU E 177 23.89 15.42 51.66
C LEU E 177 25.04 16.04 50.86
N THR E 178 24.89 17.32 50.51
CA THR E 178 25.85 18.02 49.67
C THR E 178 26.52 19.22 50.32
N SER E 179 26.05 19.66 51.50
CA SER E 179 26.61 20.82 52.17
C SER E 179 27.61 20.38 53.23
N GLY E 180 28.68 21.17 53.40
CA GLY E 180 29.71 20.89 54.36
C GLY E 180 30.70 19.81 53.97
N VAL E 181 30.56 19.24 52.78
CA VAL E 181 31.45 18.16 52.35
C VAL E 181 32.74 18.76 51.79
N HIS E 182 33.87 18.23 52.24
CA HIS E 182 35.19 18.63 51.73
C HIS E 182 35.92 17.38 51.26
N THR E 183 36.16 17.29 49.96
CA THR E 183 36.92 16.18 49.38
C THR E 183 38.32 16.67 49.01
N PHE E 184 39.35 15.99 49.53
CA PHE E 184 40.71 16.44 49.37
C PHE E 184 41.39 15.73 48.21
N PRO E 185 42.33 16.42 47.54
CA PRO E 185 43.04 15.79 46.42
C PRO E 185 43.84 14.58 46.88
N ALA E 186 43.99 13.63 45.97
CA ALA E 186 44.74 12.42 46.27
C ALA E 186 46.23 12.71 46.35
N VAL E 187 46.98 11.72 46.82
CA VAL E 187 48.43 11.80 46.92
C VAL E 187 49.02 10.68 46.07
N LEU E 188 50.13 10.99 45.39
CA LEU E 188 50.85 10.00 44.59
C LEU E 188 51.90 9.34 45.46
N GLN E 189 51.67 8.07 45.82
CA GLN E 189 52.61 7.33 46.63
C GLN E 189 53.80 6.89 45.80
N SER E 190 54.85 6.44 46.48
CA SER E 190 56.04 5.93 45.80
C SER E 190 55.77 4.63 45.05
N SER E 191 54.59 4.03 45.23
CA SER E 191 54.18 2.86 44.46
C SER E 191 53.34 3.20 43.24
N GLY E 192 52.91 4.46 43.10
CA GLY E 192 52.12 4.88 41.96
C GLY E 192 50.62 4.84 42.15
N LEU E 193 50.15 4.71 43.39
CA LEU E 193 48.73 4.60 43.69
C LEU E 193 48.24 5.86 44.39
N TYR E 194 47.10 6.38 43.93
CA TYR E 194 46.49 7.56 44.54
C TYR E 194 45.64 7.16 45.75
N SER E 195 45.31 8.15 46.56
CA SER E 195 44.50 7.92 47.75
C SER E 195 44.01 9.27 48.27
N LEU E 196 42.71 9.52 48.14
CA LEU E 196 42.10 10.76 48.60
C LEU E 196 41.32 10.51 49.89
N SER E 197 40.85 11.60 50.49
CA SER E 197 40.05 11.54 51.69
C SER E 197 38.83 12.44 51.53
N SER E 198 37.72 12.02 52.13
CA SER E 198 36.47 12.76 52.09
C SER E 198 35.93 12.89 53.50
N VAL E 199 35.43 14.07 53.84
CA VAL E 199 34.95 14.36 55.18
C VAL E 199 33.87 15.43 55.10
N VAL E 200 32.77 15.21 55.83
CA VAL E 200 31.62 16.11 55.84
C VAL E 200 31.40 16.61 57.26
N THR E 201 31.06 17.89 57.40
CA THR E 201 30.85 18.53 58.69
C THR E 201 29.37 18.51 59.04
N VAL E 202 29.03 17.90 60.18
CA VAL E 202 27.64 17.77 60.62
C VAL E 202 27.55 18.04 62.11
N PRO E 203 26.39 18.49 62.57
CA PRO E 203 26.22 18.75 64.01
C PRO E 203 26.15 17.46 64.82
N SER E 204 26.35 17.61 66.13
CA SER E 204 26.36 16.47 67.05
C SER E 204 24.96 15.97 67.37
N SER E 205 23.93 16.78 67.17
CA SER E 205 22.58 16.36 67.51
C SER E 205 22.02 15.34 66.54
N SER E 206 22.63 15.19 65.36
CA SER E 206 22.10 14.31 64.32
C SER E 206 22.65 12.90 64.51
N LEU E 207 21.81 11.99 65.01
CA LEU E 207 22.20 10.61 65.23
C LEU E 207 21.18 9.66 64.64
N GLY E 208 20.05 9.48 65.35
CA GLY E 208 18.99 8.62 64.88
C GLY E 208 17.93 9.38 64.09
N THR E 209 18.31 10.50 63.49
CA THR E 209 17.43 11.27 62.65
C THR E 209 17.89 11.32 61.20
N GLN E 210 19.07 10.78 60.88
CA GLN E 210 19.59 10.81 59.53
C GLN E 210 20.60 9.69 59.37
N THR E 211 20.61 9.07 58.18
CA THR E 211 21.52 7.99 57.85
C THR E 211 22.67 8.53 57.01
N TYR E 212 23.90 8.22 57.42
CA TYR E 212 25.10 8.65 56.71
C TYR E 212 25.64 7.49 55.88
N ILE E 213 25.72 7.68 54.56
CA ILE E 213 26.25 6.66 53.66
C ILE E 213 27.08 7.36 52.58
N CYS E 214 28.37 7.04 52.50
CA CYS E 214 29.26 7.60 51.48
C CYS E 214 29.33 6.64 50.29
N ASN E 215 29.25 7.20 49.08
CA ASN E 215 29.20 6.43 47.84
C ASN E 215 30.47 6.73 47.04
N VAL E 216 31.38 5.77 47.01
CA VAL E 216 32.61 5.87 46.24
C VAL E 216 32.41 5.14 44.92
N ASN E 217 32.37 5.89 43.83
CA ASN E 217 32.18 5.32 42.50
C ASN E 217 33.51 5.36 41.74
N HIS E 218 33.99 4.18 41.36
CA HIS E 218 35.24 4.02 40.61
C HIS E 218 34.89 3.24 39.34
N LYS E 219 34.61 3.98 38.27
CA LYS E 219 34.11 3.42 37.02
C LYS E 219 35.12 2.55 36.26
N PRO E 220 36.43 2.84 36.29
CA PRO E 220 37.38 1.95 35.59
C PRO E 220 37.33 0.51 36.06
N SER E 221 37.21 0.27 37.37
CA SER E 221 37.14 -1.08 37.91
C SER E 221 35.74 -1.65 37.92
N ASN E 222 34.73 -0.85 37.56
CA ASN E 222 33.33 -1.26 37.58
C ASN E 222 32.91 -1.74 38.97
N THR E 223 33.26 -0.94 39.99
CA THR E 223 32.95 -1.25 41.37
C THR E 223 32.47 0.01 42.07
N LYS E 224 31.29 -0.07 42.69
CA LYS E 224 30.77 0.98 43.56
C LYS E 224 30.71 0.46 45.00
N VAL E 225 31.16 1.28 45.93
CA VAL E 225 31.21 0.92 47.34
C VAL E 225 30.36 1.91 48.13
N ASP E 226 29.55 1.39 49.06
CA ASP E 226 28.66 2.19 49.90
C ASP E 226 28.91 1.82 51.35
N LYS E 227 29.55 2.73 52.09
CA LYS E 227 29.89 2.52 53.49
C LYS E 227 28.95 3.30 54.40
N ARG E 228 28.70 2.75 55.59
CA ARG E 228 27.85 3.39 56.59
C ARG E 228 28.76 3.94 57.69
N VAL E 229 29.02 5.24 57.64
CA VAL E 229 29.87 5.88 58.64
C VAL E 229 29.13 5.90 59.97
N GLU E 230 29.74 5.30 60.99
CA GLU E 230 29.09 5.19 62.28
C GLU E 230 29.03 6.56 62.97
N PRO E 231 27.85 7.02 63.39
CA PRO E 231 27.76 8.31 64.09
C PRO E 231 28.27 8.28 65.52
N LYS E 232 28.67 7.13 66.04
CA LYS E 232 29.29 7.06 67.36
C LYS E 232 30.79 7.33 67.19
N SER E 233 31.25 8.45 67.74
CA SER E 233 32.62 8.89 67.55
C SER E 233 33.53 8.34 68.64
N CYS E 234 34.81 8.68 68.55
CA CYS E 234 35.81 8.31 69.55
C CYS E 234 36.57 9.50 70.10
N ASP E 235 36.37 10.71 69.57
CA ASP E 235 37.07 11.89 70.05
C ASP E 235 36.60 12.24 71.46
N LYS E 236 37.55 12.49 72.36
CA LYS E 236 37.22 12.81 73.74
C LYS E 236 36.76 14.25 73.92
N GLY E 237 37.02 15.13 72.94
CA GLY E 237 36.51 16.48 73.00
C GLY E 237 35.07 16.62 72.52
N LEU E 238 34.56 15.62 71.81
CA LEU E 238 33.18 15.61 71.35
C LEU E 238 32.26 14.77 72.23
N GLU E 239 32.80 13.81 72.98
CA GLU E 239 31.98 13.01 73.88
C GLU E 239 31.35 13.83 75.00
N VAL E 240 31.77 15.08 75.17
CA VAL E 240 31.15 15.96 76.16
C VAL E 240 29.78 16.44 75.70
N LEU E 241 29.50 16.36 74.40
CA LEU E 241 28.24 16.86 73.83
C LEU E 241 27.16 15.80 73.73
N PHE E 242 27.48 14.53 73.97
CA PHE E 242 26.51 13.45 73.86
C PHE E 242 26.11 12.90 75.23
N SER F 2 57.53 26.98 25.30
CA SER F 2 56.56 27.61 24.41
C SER F 2 57.18 28.79 23.67
N VAL F 3 56.58 29.18 22.54
CA VAL F 3 57.07 30.31 21.76
C VAL F 3 56.39 31.62 22.11
N LEU F 4 55.30 31.59 22.88
CA LEU F 4 54.60 32.78 23.33
C LEU F 4 54.79 32.93 24.82
N THR F 5 55.36 34.06 25.24
CA THR F 5 55.80 34.28 26.62
C THR F 5 54.90 35.30 27.31
N GLN F 6 54.48 34.98 28.53
CA GLN F 6 53.74 35.88 29.38
C GLN F 6 54.61 36.31 30.56
N SER F 7 54.06 37.16 31.41
CA SER F 7 54.71 37.47 32.67
C SER F 7 54.63 36.27 33.60
N ALA F 8 55.76 35.94 34.24
CA ALA F 8 55.80 34.77 35.12
C ALA F 8 54.79 34.90 36.26
N SER F 9 54.78 36.06 36.92
CA SER F 9 53.79 36.33 37.96
C SER F 9 53.60 37.83 38.05
N VAL F 10 52.48 38.23 38.64
CA VAL F 10 52.18 39.64 38.85
C VAL F 10 51.23 39.73 40.03
N SER F 11 51.36 40.81 40.80
CA SER F 11 50.59 41.00 42.01
C SER F 11 49.69 42.23 41.86
N GLY F 12 48.72 42.33 42.76
CA GLY F 12 47.81 43.46 42.78
C GLY F 12 46.97 43.48 44.04
N SER F 13 46.55 44.66 44.48
CA SER F 13 45.73 44.80 45.67
C SER F 13 44.27 44.93 45.29
N LEU F 14 43.40 44.60 46.24
CA LEU F 14 41.96 44.64 46.00
C LEU F 14 41.50 46.07 45.71
N GLY F 15 40.48 46.18 44.87
CA GLY F 15 39.97 47.49 44.49
C GLY F 15 40.84 48.27 43.53
N GLN F 16 41.94 47.68 43.05
CA GLN F 16 42.86 48.38 42.17
C GLN F 16 42.91 47.71 40.80
N SER F 17 44.04 47.83 40.11
CA SER F 17 44.23 47.23 38.79
C SER F 17 45.56 46.49 38.75
N VAL F 18 45.71 45.65 37.73
CA VAL F 18 46.92 44.86 37.52
C VAL F 18 46.98 44.50 36.04
N THR F 19 48.20 44.37 35.52
CA THR F 19 48.41 44.13 34.10
C THR F 19 49.25 42.87 33.90
N ILE F 20 48.99 42.16 32.82
CA ILE F 20 49.72 40.95 32.43
C ILE F 20 50.28 41.16 31.03
N SER F 21 51.50 40.67 30.79
CA SER F 21 52.14 40.75 29.49
C SER F 21 51.97 39.44 28.73
N CYS F 22 52.13 39.53 27.40
CA CYS F 22 51.96 38.37 26.52
C CYS F 22 52.65 38.74 25.19
N THR F 23 53.89 38.30 25.03
CA THR F 23 54.70 38.68 23.87
C THR F 23 55.56 37.51 23.43
N GLY F 24 56.29 37.72 22.33
CA GLY F 24 57.17 36.72 21.77
C GLY F 24 57.72 37.17 20.44
N PRO F 25 58.16 36.21 19.61
CA PRO F 25 58.64 36.57 18.27
C PRO F 25 57.49 37.01 17.38
N ASN F 26 57.88 37.56 16.22
CA ASN F 26 56.90 38.09 15.28
C ASN F 26 56.16 37.01 14.51
N SER F 27 56.64 35.76 14.54
CA SER F 27 55.92 34.67 13.89
C SER F 27 54.61 34.34 14.58
N VAL F 28 54.41 34.83 15.80
CA VAL F 28 53.22 34.51 16.57
C VAL F 28 52.54 35.78 17.06
N CYS F 29 53.30 36.86 17.24
CA CYS F 29 52.74 38.08 17.80
C CYS F 29 53.52 39.31 17.37
N CYS F 30 52.82 40.42 17.13
CA CYS F 30 51.36 40.49 17.18
C CYS F 30 50.84 41.16 15.91
N SER F 31 51.76 41.51 15.03
CA SER F 31 51.39 42.12 13.76
C SER F 31 50.61 41.12 12.92
N HIS F 32 49.38 41.48 12.54
CA HIS F 32 48.49 40.61 11.78
C HIS F 32 48.14 39.35 12.57
N LYS F 33 48.05 39.49 13.89
CA LYS F 33 47.68 38.39 14.78
C LYS F 33 46.77 38.93 15.87
N SER F 34 45.64 38.26 16.09
CA SER F 34 44.73 38.63 17.16
C SER F 34 45.11 37.90 18.45
N ILE F 35 44.46 38.29 19.55
CA ILE F 35 44.81 37.79 20.88
C ILE F 35 43.52 37.48 21.64
N SER F 36 43.59 36.50 22.54
CA SER F 36 42.48 36.12 23.40
C SER F 36 42.97 36.00 24.84
N TRP F 37 42.03 35.87 25.77
CA TRP F 37 42.34 35.78 27.19
C TRP F 37 41.35 34.84 27.87
N TYR F 38 41.87 33.90 28.67
CA TYR F 38 41.05 32.88 29.32
C TYR F 38 41.37 32.80 30.81
N GLN F 39 40.33 32.81 31.64
CA GLN F 39 40.44 32.56 33.07
C GLN F 39 40.34 31.06 33.29
N TRP F 40 41.46 30.44 33.66
CA TRP F 40 41.57 28.98 33.73
C TRP F 40 42.00 28.54 35.12
N PRO F 41 41.05 28.17 35.99
CA PRO F 41 41.42 27.57 37.27
C PRO F 41 41.85 26.13 37.09
N PRO F 42 42.91 25.70 37.78
CA PRO F 42 43.41 24.33 37.62
C PRO F 42 42.42 23.31 38.16
N GLY F 43 42.12 22.30 37.34
CA GLY F 43 41.14 21.28 37.65
C GLY F 43 39.78 21.52 37.02
N ARG F 44 39.40 22.78 36.87
CA ARG F 44 38.11 23.15 36.32
C ARG F 44 38.26 23.53 34.85
N ALA F 45 37.17 24.05 34.25
CA ALA F 45 37.14 24.44 32.85
C ALA F 45 37.23 25.96 32.70
N PRO F 46 37.97 26.44 31.69
CA PRO F 46 38.20 27.89 31.57
C PRO F 46 36.99 28.69 31.13
N THR F 47 37.13 30.02 31.11
CA THR F 47 36.08 30.93 30.70
C THR F 47 36.68 31.99 29.80
N LEU F 48 36.07 32.20 28.64
CA LEU F 48 36.55 33.23 27.71
C LEU F 48 36.29 34.60 28.30
N ILE F 49 37.35 35.39 28.45
CA ILE F 49 37.23 36.76 28.95
C ILE F 49 37.28 37.71 27.77
N ILE F 50 38.35 37.64 26.99
CA ILE F 50 38.60 38.57 25.90
C ILE F 50 38.89 37.79 24.63
N TYR F 51 38.36 38.27 23.52
CA TYR F 51 38.75 37.82 22.19
C TYR F 51 39.01 39.05 21.32
N GLU F 52 39.48 38.81 20.10
CA GLU F 52 39.78 39.85 19.12
C GLU F 52 40.42 41.08 19.77
N ASP F 53 41.43 40.83 20.61
CA ASP F 53 42.28 41.84 21.23
C ASP F 53 41.59 42.62 22.35
N ASN F 54 40.50 43.34 22.04
CA ASN F 54 39.95 44.30 22.98
C ASN F 54 38.46 44.12 23.26
N GLU F 55 37.85 43.05 22.75
CA GLU F 55 36.41 42.84 22.91
C GLU F 55 36.14 41.78 23.97
N ARG F 56 35.22 42.07 24.88
CA ARG F 56 34.86 41.12 25.91
C ARG F 56 33.96 40.02 25.34
N ALA F 57 33.89 38.91 26.06
CA ALA F 57 33.06 37.79 25.68
C ALA F 57 31.63 38.00 26.15
N PRO F 58 30.69 37.19 25.67
CA PRO F 58 29.30 37.34 26.14
C PRO F 58 29.18 37.17 27.65
N GLY F 59 28.54 38.15 28.29
CA GLY F 59 28.30 38.11 29.73
C GLY F 59 29.48 38.53 30.59
N ILE F 60 30.68 38.65 30.02
CA ILE F 60 31.86 39.01 30.81
C ILE F 60 31.65 40.39 31.41
N SER F 61 31.93 40.50 32.72
CA SER F 61 31.79 41.76 33.42
C SER F 61 32.69 42.82 32.80
N PRO F 62 32.30 44.10 32.85
CA PRO F 62 33.12 45.15 32.22
C PRO F 62 34.38 45.50 33.00
N ARG F 63 34.76 44.66 33.97
CA ARG F 63 35.98 44.91 34.74
C ARG F 63 37.24 44.41 34.06
N PHE F 64 37.11 43.67 32.95
CA PHE F 64 38.24 43.27 32.13
C PHE F 64 38.32 44.15 30.89
N SER F 65 39.53 44.28 30.35
CA SER F 65 39.74 45.04 29.13
C SER F 65 41.07 44.63 28.50
N GLY F 66 41.15 44.76 27.17
CA GLY F 66 42.31 44.29 26.43
C GLY F 66 42.97 45.40 25.63
N TYR F 67 44.26 45.24 25.41
CA TYR F 67 45.04 46.23 24.66
C TYR F 67 46.22 45.51 24.01
N LYS F 68 46.32 45.59 22.69
CA LYS F 68 47.40 44.94 21.94
C LYS F 68 48.26 45.99 21.26
N SER F 69 49.56 45.74 21.25
CA SER F 69 50.53 46.56 20.52
C SER F 69 51.10 45.77 19.36
N TYR F 70 52.17 46.28 18.75
CA TYR F 70 52.85 45.55 17.68
C TYR F 70 53.79 44.49 18.21
N TRP F 71 54.15 44.56 19.50
CA TRP F 71 55.07 43.60 20.11
C TRP F 71 54.48 42.87 21.31
N SER F 72 53.44 43.41 21.96
CA SER F 72 52.88 42.79 23.15
C SER F 72 51.41 43.13 23.27
N ALA F 73 50.70 42.34 24.07
CA ALA F 73 49.30 42.57 24.40
C ALA F 73 49.11 42.48 25.91
N TYR F 74 48.16 43.25 26.42
CA TYR F 74 47.96 43.37 27.86
C TYR F 74 46.50 43.13 28.22
N LEU F 75 46.27 42.93 29.51
CA LEU F 75 44.93 42.74 30.07
C LEU F 75 44.92 43.36 31.46
N THR F 76 43.99 44.28 31.69
CA THR F 76 43.88 44.99 32.96
C THR F 76 42.59 44.57 33.65
N ILE F 77 42.71 44.02 34.85
CA ILE F 77 41.56 43.58 35.64
C ILE F 77 41.35 44.64 36.71
N SER F 78 40.58 45.68 36.38
CA SER F 78 40.25 46.70 37.36
C SER F 78 39.23 46.14 38.35
N ASP F 79 39.30 46.62 39.59
CA ASP F 79 38.46 46.15 40.69
C ASP F 79 38.67 44.65 40.88
N LEU F 80 39.75 44.27 41.56
CA LEU F 80 40.11 42.87 41.72
C LEU F 80 39.20 42.17 42.73
N ARG F 81 38.80 40.95 42.38
CA ARG F 81 38.00 40.09 43.24
C ARG F 81 38.86 39.00 43.85
N PRO F 82 38.45 38.46 45.00
CA PRO F 82 39.19 37.31 45.56
C PRO F 82 39.14 36.07 44.69
N GLU F 83 38.12 35.91 43.85
CA GLU F 83 38.02 34.75 42.97
C GLU F 83 38.86 34.89 41.71
N ASP F 84 39.64 35.96 41.58
CA ASP F 84 40.51 36.15 40.42
C ASP F 84 41.89 35.53 40.60
N GLU F 85 42.27 35.18 41.82
CA GLU F 85 43.59 34.61 42.08
C GLU F 85 43.63 33.20 41.50
N THR F 86 43.94 33.14 40.20
CA THR F 86 44.08 31.88 39.48
C THR F 86 45.09 32.10 38.35
N THR F 87 45.05 31.25 37.34
CA THR F 87 45.96 31.32 36.21
C THR F 87 45.22 31.84 34.98
N TYR F 88 45.93 32.63 34.18
CA TYR F 88 45.38 33.19 32.94
C TYR F 88 46.34 32.92 31.80
N TYR F 89 45.80 32.48 30.67
CA TYR F 89 46.59 32.19 29.47
C TYR F 89 46.12 33.07 28.32
N CYS F 90 47.04 33.36 27.41
CA CYS F 90 46.71 34.04 26.16
C CYS F 90 46.93 33.10 24.98
N CYS F 91 46.36 33.48 23.83
CA CYS F 91 46.53 32.71 22.60
C CYS F 91 46.67 33.66 21.42
N SER F 92 47.47 33.25 20.44
CA SER F 92 47.72 34.01 19.22
C SER F 92 47.14 33.25 18.05
N TYR F 93 46.03 33.76 17.51
CA TYR F 93 45.32 33.10 16.42
C TYR F 93 45.09 34.08 15.29
N THR F 94 44.56 33.54 14.19
CA THR F 94 43.95 34.34 13.13
C THR F 94 42.63 33.71 12.71
N HIS F 95 42.08 34.14 11.59
CA HIS F 95 40.87 33.52 11.09
C HIS F 95 41.13 32.14 10.51
N ASN F 96 42.37 31.86 10.12
CA ASN F 96 42.70 30.66 9.36
C ASN F 96 43.39 29.60 10.21
N SER F 97 44.53 29.93 10.80
CA SER F 97 45.31 28.98 11.59
C SER F 97 44.66 28.71 12.94
N GLY F 98 45.43 28.23 13.91
CA GLY F 98 44.93 27.85 15.20
C GLY F 98 45.45 28.72 16.33
N CYS F 99 45.41 28.17 17.53
CA CYS F 99 45.85 28.85 18.74
C CYS F 99 47.27 28.44 19.09
N VAL F 100 48.10 29.43 19.42
CA VAL F 100 49.42 29.21 20.01
C VAL F 100 49.34 29.76 21.43
N PHE F 101 49.19 28.87 22.41
CA PHE F 101 48.99 29.28 23.80
C PHE F 101 50.27 29.87 24.38
N GLY F 102 50.19 30.33 25.63
CA GLY F 102 51.34 30.89 26.30
C GLY F 102 51.79 30.09 27.50
N THR F 103 52.69 30.66 28.29
CA THR F 103 53.26 29.92 29.43
C THR F 103 52.35 29.98 30.66
N GLY F 104 51.60 31.05 30.83
CA GLY F 104 50.68 31.16 31.95
C GLY F 104 51.11 32.23 32.94
N THR F 105 50.14 32.93 33.51
CA THR F 105 50.40 33.97 34.50
C THR F 105 49.57 33.67 35.75
N LYS F 106 50.23 33.22 36.80
CA LYS F 106 49.57 33.01 38.08
C LYS F 106 49.48 34.36 38.79
N VAL F 107 48.26 34.87 38.94
CA VAL F 107 48.03 36.18 39.52
C VAL F 107 47.72 36.00 41.00
N SER F 108 48.51 36.63 41.85
CA SER F 108 48.29 36.62 43.30
C SER F 108 47.67 37.95 43.70
N VAL F 109 46.49 37.89 44.29
CA VAL F 109 45.76 39.09 44.70
C VAL F 109 46.18 39.44 46.11
N LEU F 110 46.96 40.51 46.26
CA LEU F 110 47.44 40.95 47.55
C LEU F 110 46.37 41.75 48.29
N GLY F 111 46.68 42.14 49.51
CA GLY F 111 45.75 42.90 50.33
C GLY F 111 44.52 42.12 50.76
N GLN F 112 44.68 40.85 51.12
CA GLN F 112 43.59 40.01 51.60
C GLN F 112 43.78 39.72 53.09
N SER F 113 42.77 39.07 53.67
CA SER F 113 42.80 38.70 55.08
C SER F 113 43.43 37.32 55.25
N LYS F 114 44.11 37.14 56.38
CA LYS F 114 44.73 35.85 56.68
C LYS F 114 43.66 34.82 57.01
N ALA F 115 44.06 33.54 56.93
CA ALA F 115 43.18 32.44 57.25
C ALA F 115 43.97 31.40 58.04
N ASN F 116 43.51 31.10 59.25
CA ASN F 116 44.17 30.09 60.06
C ASN F 116 43.73 28.69 59.63
N PRO F 117 44.67 27.75 59.51
CA PRO F 117 44.31 26.42 58.98
C PRO F 117 43.40 25.64 59.92
N SER F 118 42.45 24.93 59.32
CA SER F 118 41.53 24.05 60.04
C SER F 118 41.98 22.61 59.79
N VAL F 119 42.71 22.04 60.74
CA VAL F 119 43.33 20.73 60.60
C VAL F 119 42.57 19.73 61.45
N THR F 120 42.46 18.50 60.94
CA THR F 120 41.82 17.39 61.65
C THR F 120 42.56 16.11 61.33
N LEU F 121 43.13 15.48 62.35
CA LEU F 121 43.88 14.25 62.17
C LEU F 121 42.99 13.05 62.48
N PHE F 122 43.05 12.03 61.61
CA PHE F 122 42.28 10.80 61.77
C PHE F 122 43.20 9.62 62.08
N PRO F 123 42.84 8.80 63.06
CA PRO F 123 43.62 7.58 63.33
C PRO F 123 43.25 6.47 62.36
N PRO F 124 44.07 5.44 62.26
CA PRO F 124 43.73 4.32 61.37
C PRO F 124 42.52 3.56 61.87
N SER F 125 41.63 3.21 60.95
CA SER F 125 40.37 2.58 61.30
C SER F 125 40.60 1.16 61.85
N SER F 126 39.53 0.61 62.42
CA SER F 126 39.61 -0.76 62.94
C SER F 126 39.66 -1.78 61.82
N GLU F 127 39.05 -1.48 60.68
CA GLU F 127 39.11 -2.39 59.54
C GLU F 127 40.50 -2.43 58.94
N GLU F 128 41.27 -1.35 59.08
CA GLU F 128 42.64 -1.34 58.57
C GLU F 128 43.60 -2.05 59.51
N LEU F 129 43.27 -2.09 60.81
CA LEU F 129 44.08 -2.84 61.77
C LEU F 129 43.86 -4.35 61.68
N GLN F 130 42.89 -4.80 60.88
CA GLN F 130 42.66 -6.22 60.63
C GLN F 130 43.25 -6.67 59.30
N ALA F 131 43.80 -5.75 58.52
CA ALA F 131 44.38 -6.08 57.22
C ALA F 131 45.77 -6.77 57.27
N ASN F 132 46.75 -6.27 58.02
CA ASN F 132 46.68 -5.10 58.90
C ASN F 132 47.63 -3.97 58.47
N LYS F 133 47.09 -2.77 58.37
CA LYS F 133 47.89 -1.58 58.04
C LYS F 133 47.50 -0.43 58.94
N ALA F 134 47.98 0.77 58.61
CA ALA F 134 47.70 1.97 59.39
C ALA F 134 48.08 3.23 58.61
N THR F 135 47.13 4.16 58.46
CA THR F 135 47.35 5.39 57.70
C THR F 135 46.80 6.57 58.48
N LEU F 136 47.67 7.51 58.83
CA LEU F 136 47.28 8.75 59.49
C LEU F 136 46.89 9.77 58.44
N VAL F 137 45.68 10.31 58.54
CA VAL F 137 45.12 11.23 57.56
C VAL F 137 45.10 12.62 58.19
N CYS F 138 45.97 13.51 57.69
CA CYS F 138 46.07 14.87 58.19
C CYS F 138 45.57 15.82 57.09
N LEU F 139 44.40 16.41 57.32
CA LEU F 139 43.72 17.25 56.34
C LEU F 139 43.80 18.71 56.78
N ILE F 140 44.28 19.57 55.89
CA ILE F 140 44.40 21.00 56.13
C ILE F 140 43.36 21.72 55.28
N SER F 141 42.69 22.70 55.87
CA SER F 141 41.60 23.38 55.17
C SER F 141 41.52 24.84 55.59
N ASP F 142 41.13 25.69 54.63
CA ASP F 142 40.78 27.10 54.88
C ASP F 142 41.99 27.92 55.34
N PHE F 143 43.06 27.88 54.56
CA PHE F 143 44.26 28.66 54.85
C PHE F 143 44.62 29.52 53.65
N TYR F 144 45.10 30.73 53.94
CA TYR F 144 45.57 31.66 52.92
C TYR F 144 46.79 32.43 53.44
N PRO F 145 47.85 32.54 52.61
CA PRO F 145 47.98 32.00 51.25
C PRO F 145 48.25 30.49 51.20
N GLY F 146 48.30 29.91 50.00
CA GLY F 146 48.49 28.48 49.87
C GLY F 146 49.93 28.02 49.94
N ALA F 147 50.47 27.90 51.15
CA ALA F 147 51.85 27.45 51.31
C ALA F 147 52.03 27.08 52.79
N VAL F 148 51.79 25.81 53.12
CA VAL F 148 52.04 25.28 54.44
C VAL F 148 53.04 24.14 54.31
N THR F 149 53.76 23.88 55.38
CA THR F 149 54.71 22.77 55.46
C THR F 149 54.28 21.82 56.56
N VAL F 150 54.32 20.52 56.26
CA VAL F 150 53.83 19.47 57.16
C VAL F 150 54.99 18.58 57.56
N ALA F 151 55.31 18.57 58.87
CA ALA F 151 56.32 17.69 59.44
C ALA F 151 55.65 16.74 60.43
N TRP F 152 56.08 15.49 60.40
CA TRP F 152 55.53 14.45 61.27
C TRP F 152 56.54 14.10 62.36
N LYS F 153 56.02 13.66 63.51
CA LYS F 153 56.83 13.25 64.65
C LYS F 153 56.26 11.99 65.27
N ALA F 154 57.14 11.07 65.62
CA ALA F 154 56.77 9.81 66.29
C ALA F 154 57.24 9.89 67.73
N ASP F 155 56.30 10.25 68.63
CA ASP F 155 56.58 10.38 70.05
C ASP F 155 57.61 11.48 70.32
N SER F 156 57.27 12.69 69.86
CA SER F 156 58.08 13.90 70.07
C SER F 156 59.48 13.78 69.46
N SER F 157 59.62 12.96 68.41
CA SER F 157 60.87 12.84 67.68
C SER F 157 60.59 12.88 66.19
N PRO F 158 61.38 13.62 65.42
CA PRO F 158 61.06 13.85 64.01
C PRO F 158 61.11 12.57 63.19
N VAL F 159 60.26 12.52 62.17
CA VAL F 159 60.15 11.39 61.27
C VAL F 159 60.60 11.82 59.88
N LYS F 160 61.36 10.95 59.21
CA LYS F 160 61.82 11.19 57.84
C LYS F 160 61.38 10.08 56.89
N ALA F 161 60.56 9.13 57.34
CA ALA F 161 60.16 7.98 56.54
C ALA F 161 58.65 7.91 56.46
N GLY F 162 58.12 7.66 55.26
CA GLY F 162 56.69 7.54 55.06
C GLY F 162 55.92 8.84 55.07
N VAL F 163 56.60 9.98 54.96
CA VAL F 163 55.96 11.28 54.97
C VAL F 163 55.56 11.66 53.56
N GLU F 164 54.33 12.15 53.40
CA GLU F 164 53.89 12.67 52.11
C GLU F 164 52.75 13.65 52.35
N THR F 165 52.81 14.79 51.67
CA THR F 165 51.83 15.86 51.79
C THR F 165 51.51 16.40 50.40
N THR F 166 50.23 16.67 50.16
CA THR F 166 49.79 17.09 48.84
C THR F 166 49.97 18.60 48.66
N THR F 167 49.86 19.04 47.41
CA THR F 167 50.02 20.44 47.09
C THR F 167 48.85 21.26 47.67
N PRO F 168 49.09 22.54 47.98
CA PRO F 168 47.99 23.40 48.42
C PRO F 168 47.05 23.75 47.27
N SER F 169 45.82 23.24 47.32
CA SER F 169 44.84 23.40 46.27
C SER F 169 43.75 24.37 46.68
N LYS F 170 43.28 25.16 45.72
CA LYS F 170 42.33 26.24 45.97
C LYS F 170 40.90 25.71 45.99
N GLN F 171 40.13 26.16 46.98
CA GLN F 171 38.76 25.72 47.15
C GLN F 171 37.79 26.67 46.44
N SER F 172 36.49 26.39 46.57
CA SER F 172 35.44 27.21 45.97
C SER F 172 35.03 28.40 46.83
N ASN F 173 35.56 28.51 48.05
CA ASN F 173 35.32 29.67 48.90
C ASN F 173 36.52 30.61 48.92
N ASN F 174 37.39 30.53 47.90
CA ASN F 174 38.54 31.41 47.72
C ASN F 174 39.59 31.23 48.83
N LYS F 175 39.71 30.01 49.35
CA LYS F 175 40.78 29.61 50.24
C LYS F 175 41.51 28.42 49.62
N TYR F 176 42.53 27.93 50.31
CA TYR F 176 43.34 26.83 49.81
C TYR F 176 43.20 25.61 50.71
N ALA F 177 43.64 24.46 50.19
CA ALA F 177 43.50 23.20 50.90
C ALA F 177 44.62 22.24 50.47
N ALA F 178 44.96 21.33 51.38
CA ALA F 178 45.95 20.30 51.10
C ALA F 178 45.66 19.10 51.98
N SER F 179 46.51 18.08 51.90
CA SER F 179 46.34 16.88 52.70
C SER F 179 47.69 16.20 52.86
N SER F 180 47.92 15.60 54.02
CA SER F 180 49.16 14.90 54.34
C SER F 180 48.83 13.54 54.93
N TYR F 181 49.61 12.53 54.56
CA TYR F 181 49.41 11.17 55.01
C TYR F 181 50.72 10.59 55.54
N LEU F 182 50.61 9.75 56.56
CA LEU F 182 51.75 9.04 57.11
C LEU F 182 51.47 7.54 57.05
N SER F 183 52.40 6.79 56.47
CA SER F 183 52.29 5.34 56.39
C SER F 183 53.12 4.72 57.50
N LEU F 184 52.45 4.02 58.41
CA LEU F 184 53.10 3.36 59.53
C LEU F 184 52.69 1.90 59.58
N THR F 185 53.44 1.13 60.34
CA THR F 185 53.19 -0.29 60.52
C THR F 185 52.27 -0.53 61.71
N PRO F 186 51.59 -1.68 61.77
CA PRO F 186 50.75 -1.98 62.94
C PRO F 186 51.53 -2.14 64.23
N GLU F 187 52.86 -2.14 64.19
CA GLU F 187 53.69 -2.27 65.39
C GLU F 187 54.11 -0.92 65.95
N GLN F 188 54.61 -0.02 65.09
CA GLN F 188 54.88 1.36 65.51
C GLN F 188 53.61 2.06 66.00
N TRP F 189 52.44 1.52 65.66
CA TRP F 189 51.18 2.06 66.16
C TRP F 189 50.92 1.65 67.60
N LYS F 190 51.36 0.44 68.00
CA LYS F 190 51.16 -0.06 69.34
C LYS F 190 52.43 0.00 70.19
N SER F 191 53.46 0.68 69.71
CA SER F 191 54.72 0.84 70.42
C SER F 191 55.01 2.26 70.86
N HIS F 192 54.54 3.26 70.10
CA HIS F 192 54.72 4.64 70.48
C HIS F 192 53.51 5.14 71.26
N ARG F 193 53.70 6.23 71.98
CA ARG F 193 52.65 6.75 72.85
C ARG F 193 51.68 7.67 72.13
N SER F 194 52.11 8.35 71.06
CA SER F 194 51.24 9.22 70.29
C SER F 194 51.94 9.61 69.00
N TYR F 195 51.14 10.09 68.04
CA TYR F 195 51.62 10.59 66.76
C TYR F 195 51.02 11.96 66.50
N SER F 196 51.76 12.81 65.79
CA SER F 196 51.39 14.21 65.59
C SER F 196 51.50 14.60 64.12
N CYS F 197 50.95 15.77 63.81
CA CYS F 197 51.01 16.33 62.45
C CYS F 197 51.16 17.84 62.57
N GLN F 198 52.36 18.35 62.31
CA GLN F 198 52.64 19.78 62.34
C GLN F 198 52.31 20.38 60.98
N VAL F 199 51.79 21.61 61.00
CA VAL F 199 51.47 22.35 59.78
C VAL F 199 51.99 23.77 59.98
N THR F 200 53.24 24.01 59.59
CA THR F 200 53.80 25.34 59.69
C THR F 200 53.20 26.25 58.62
N HIS F 201 52.83 27.46 59.03
CA HIS F 201 52.19 28.42 58.13
C HIS F 201 52.58 29.82 58.58
N GLU F 202 53.45 30.47 57.82
CA GLU F 202 53.90 31.84 58.10
C GLU F 202 54.56 31.93 59.48
N GLY F 203 55.43 30.98 59.79
CA GLY F 203 56.10 30.95 61.08
C GLY F 203 55.27 30.31 62.18
N SER F 204 53.95 30.55 62.14
CA SER F 204 53.03 29.97 63.11
C SER F 204 52.80 28.51 62.76
N THR F 205 53.34 27.61 63.58
CA THR F 205 53.17 26.18 63.38
C THR F 205 51.94 25.71 64.16
N VAL F 206 51.09 24.92 63.50
CA VAL F 206 49.94 24.31 64.16
C VAL F 206 50.12 22.79 64.08
N GLU F 207 49.57 22.10 65.08
CA GLU F 207 49.85 20.70 65.30
C GLU F 207 48.69 20.02 66.01
N LYS F 208 48.35 18.81 65.54
CA LYS F 208 47.30 17.99 66.14
C LYS F 208 47.86 16.60 66.42
N THR F 209 47.42 15.99 67.52
CA THR F 209 47.99 14.74 68.02
C THR F 209 46.88 13.77 68.41
N VAL F 210 46.97 12.55 67.90
CA VAL F 210 46.09 11.46 68.31
C VAL F 210 46.87 10.53 69.22
N ALA F 211 46.15 9.71 69.96
CA ALA F 211 46.76 8.82 70.96
C ALA F 211 46.29 7.39 70.73
N PRO F 212 47.16 6.48 70.26
CA PRO F 212 46.78 5.07 70.21
C PRO F 212 46.55 4.48 71.58
N THR F 213 47.24 5.00 72.61
CA THR F 213 47.04 4.57 73.98
C THR F 213 45.67 4.96 74.53
N GLU F 214 44.91 5.78 73.80
CA GLU F 214 43.58 6.19 74.24
C GLU F 214 42.63 6.29 73.05
C1 NAG G . 25.49 27.33 6.78
C2 NAG G . 26.16 28.47 6.01
C3 NAG G . 27.67 28.26 5.96
C4 NAG G . 28.21 28.15 7.38
C5 NAG G . 27.49 27.04 8.13
C6 NAG G . 27.87 26.95 9.59
C7 NAG G . 24.59 29.42 4.38
C8 NAG G . 24.16 29.46 2.95
N2 NAG G . 25.61 28.60 4.67
O3 NAG G . 28.28 29.34 5.26
O4 NAG G . 29.62 27.87 7.35
O5 NAG G . 26.07 27.24 8.09
O6 NAG G . 26.94 27.66 10.40
O7 NAG G . 24.04 30.10 5.25
C1 NAG G . 30.39 28.96 7.92
C2 NAG G . 31.75 28.41 8.37
C3 NAG G . 32.64 29.53 8.92
C4 NAG G . 32.77 30.65 7.90
C5 NAG G . 31.38 31.13 7.47
C6 NAG G . 31.43 32.17 6.37
C7 NAG G . 31.15 27.23 10.55
C8 NAG G . 30.60 28.52 11.13
N2 NAG G . 31.65 27.28 9.30
O3 NAG G . 33.93 29.01 9.21
O4 NAG G . 33.53 31.71 8.44
O5 NAG G . 30.59 30.04 6.98
O6 NAG G . 30.17 32.78 6.17
O7 NAG G . 31.14 26.19 11.19
C1 BMA G . 34.72 31.90 7.65
C2 BMA G . 35.58 33.07 8.18
C3 BMA G . 36.79 33.26 7.26
C4 BMA G . 37.54 31.94 7.02
C5 BMA G . 36.55 30.90 6.46
C6 BMA G . 37.14 29.54 6.05
O2 BMA G . 36.09 32.76 9.47
O3 BMA G . 37.65 34.30 7.71
O4 BMA G . 38.60 32.14 6.10
O5 BMA G . 35.50 30.72 7.45
O6 BMA G . 38.40 29.28 6.70
C1 MAN G . 37.73 35.27 6.64
C2 MAN G . 38.83 36.31 6.90
C3 MAN G . 38.36 37.38 7.89
C4 MAN G . 36.98 37.95 7.47
C5 MAN G . 35.97 36.80 7.29
C6 MAN G . 34.63 37.28 6.76
O2 MAN G . 39.15 37.02 5.72
O3 MAN G . 39.31 38.44 8.01
O4 MAN G . 36.48 38.86 8.44
O5 MAN G . 36.49 35.84 6.33
O6 MAN G . 33.95 36.16 6.18
C1 MAN G . 40.15 36.29 4.98
C2 MAN G . 41.02 37.30 4.23
C3 MAN G . 40.19 37.91 3.07
C4 MAN G . 39.56 36.81 2.20
C5 MAN G . 38.72 35.89 3.09
C6 MAN G . 38.05 34.75 2.34
O2 MAN G . 42.15 36.64 3.65
O3 MAN G . 40.95 38.80 2.27
O4 MAN G . 38.74 37.40 1.21
O5 MAN G . 39.57 35.33 4.11
O6 MAN G . 39.00 34.17 1.44
C1 MAN G . 43.34 37.45 3.72
C2 MAN G . 44.54 36.56 3.34
C3 MAN G . 44.94 35.71 4.52
C4 MAN G . 45.28 36.59 5.72
C5 MAN G . 44.06 37.47 6.10
C6 MAN G . 44.37 38.51 7.16
O2 MAN G . 45.69 37.36 3.03
O3 MAN G . 46.03 34.84 4.23
O4 MAN G . 45.65 35.78 6.83
O5 MAN G . 43.53 38.18 4.93
O6 MAN G . 44.83 37.83 8.33
C1 MAN G . 39.41 28.86 5.75
C2 MAN G . 38.83 28.19 4.42
C3 MAN G . 39.05 26.67 4.33
C4 MAN G . 40.45 26.31 4.85
C5 MAN G . 40.50 26.73 6.32
C6 MAN G . 41.72 26.20 7.11
O2 MAN G . 39.41 28.73 3.23
O3 MAN G . 38.83 26.17 3.00
O4 MAN G . 40.70 24.91 4.72
O5 MAN G . 40.52 28.17 6.38
O6 MAN G . 42.93 26.64 6.48
C1 MAN G . 44.04 25.97 7.12
C2 MAN G . 45.35 26.51 6.55
C3 MAN G . 45.39 26.14 5.07
C4 MAN G . 45.26 24.61 4.86
C5 MAN G . 44.09 24.00 5.66
C6 MAN G . 44.23 22.50 5.82
O2 MAN G . 46.45 25.82 7.18
O3 MAN G . 46.54 26.65 4.38
O4 MAN G . 45.05 24.33 3.49
O5 MAN G . 43.98 24.56 7.00
O6 MAN G . 42.93 21.95 5.97
C1 MAN G . 47.59 26.67 7.38
C2 MAN G . 48.77 26.01 6.70
C3 MAN G . 48.98 24.65 7.36
C4 MAN G . 49.25 24.82 8.87
C5 MAN G . 48.16 25.71 9.56
C6 MAN G . 48.63 26.22 10.91
O2 MAN G . 49.98 26.74 6.92
O3 MAN G . 50.05 23.91 6.75
O4 MAN G . 49.28 23.54 9.50
O5 MAN G . 47.84 26.90 8.74
O6 MAN G . 47.49 26.37 11.77
C1 MAN G . 37.42 25.93 2.81
C2 MAN G . 37.14 24.52 2.24
C3 MAN G . 37.32 24.50 0.73
C4 MAN G . 36.51 25.60 0.07
C5 MAN G . 36.88 26.98 0.65
C6 MAN G . 35.97 28.08 0.13
O2 MAN G . 35.77 24.12 2.46
O3 MAN G . 36.98 23.23 0.16
O4 MAN G . 36.74 25.60 -1.34
O5 MAN G . 36.75 26.97 2.10
O6 MAN G . 36.54 29.34 0.43
C1 NAG H . -28.99 -23.43 -16.07
C2 NAG H . -27.80 -24.31 -16.47
C3 NAG H . -27.98 -25.73 -15.92
C4 NAG H . -28.31 -25.70 -14.42
C5 NAG H . -29.48 -24.76 -14.16
C6 NAG H . -29.81 -24.58 -12.70
C7 NAG H . -27.29 -23.29 -18.66
C8 NAG H . -27.19 -23.52 -20.13
N2 NAG H . -27.65 -24.34 -17.92
O3 NAG H . -26.81 -26.49 -16.14
O4 NAG H . -28.67 -27.01 -13.98
O5 NAG H . -29.16 -23.46 -14.67
O6 NAG H . -30.88 -23.66 -12.51
O7 NAG H . -27.05 -22.19 -18.16
C1 NAG H . -27.81 -27.38 -12.88
C2 NAG H . -28.57 -28.31 -11.91
C3 NAG H . -27.67 -28.74 -10.76
C4 NAG H . -26.36 -29.31 -11.28
C5 NAG H . -25.72 -28.33 -12.26
C6 NAG H . -24.46 -28.87 -12.90
C7 NAG H . -31.01 -27.89 -11.85
C8 NAG H . -32.10 -27.10 -11.20
N2 NAG H . -29.77 -27.64 -11.41
O3 NAG H . -28.34 -29.72 -9.98
O4 NAG H . -25.47 -29.52 -10.19
O5 NAG H . -26.63 -28.04 -13.32
O6 NAG H . -24.00 -28.02 -13.95
O7 NAG H . -31.22 -28.71 -12.72
C1 BMA H . -25.09 -30.91 -10.02
C2 BMA H . -23.56 -31.02 -10.12
C3 BMA H . -23.11 -32.45 -9.84
C4 BMA H . -23.73 -32.98 -8.54
C5 BMA H . -25.25 -32.86 -8.59
C6 BMA H . -25.91 -33.32 -7.30
O2 BMA H . -22.94 -30.21 -9.13
O3 BMA H . -21.70 -32.55 -9.81
O4 BMA H . -23.38 -34.35 -8.35
O5 BMA H . -25.59 -31.47 -8.81
O6 BMA H . -27.24 -33.75 -7.58
C1 NAG I . 7.44 11.66 14.42
C2 NAG I . 6.99 11.11 15.77
C3 NAG I . 7.62 11.92 16.91
C4 NAG I . 9.13 12.00 16.74
C5 NAG I . 9.49 12.48 15.33
C6 NAG I . 10.97 12.44 15.04
C7 NAG I . 4.77 10.08 15.54
C8 NAG I . 3.29 10.28 15.73
N2 NAG I . 5.55 11.11 15.88
O3 NAG I . 7.28 11.33 18.16
O4 NAG I . 9.68 12.94 17.67
O5 NAG I . 8.86 11.65 14.35
O6 NAG I . 11.27 13.03 13.78
O7 NAG I . 5.24 9.03 15.10
C1 NAG I . 10.11 12.32 18.91
C2 NAG I . 11.18 13.22 19.55
C3 NAG I . 11.58 12.68 20.92
C4 NAG I . 10.34 12.48 21.80
C5 NAG I . 9.35 11.58 21.07
C6 NAG I . 8.06 11.41 21.83
C7 NAG I . 12.41 14.16 17.65
C8 NAG I . 13.70 14.15 16.88
N2 NAG I . 12.35 13.34 18.70
O3 NAG I . 12.47 13.59 21.56
O4 NAG I . 10.71 11.88 23.04
O5 NAG I . 9.01 12.16 19.81
O6 NAG I . 7.22 10.43 21.24
O7 NAG I . 11.47 14.87 17.32
C1 NAG J . -4.56 6.08 -12.08
C2 NAG J . -6.06 6.04 -12.32
C3 NAG J . -6.38 5.25 -13.59
C4 NAG J . -5.58 5.78 -14.78
C5 NAG J . -4.10 5.81 -14.42
C6 NAG J . -3.24 6.45 -15.49
C7 NAG J . -7.88 5.99 -10.67
C8 NAG J . -8.46 5.26 -9.49
N2 NAG J . -6.75 5.47 -11.19
O3 NAG J . -7.77 5.35 -13.87
O4 NAG J . -5.75 4.95 -15.92
O5 NAG J . -3.91 6.59 -13.23
O6 NAG J . -3.67 7.76 -15.78
O7 NAG J . -8.40 7.00 -11.14
C1 NAG J . -6.71 5.56 -16.81
C2 NAG J . -6.16 5.72 -18.23
C3 NAG J . -7.18 6.41 -19.13
C4 NAG J . -8.53 5.74 -19.05
C5 NAG J . -8.95 5.55 -17.59
C6 NAG J . -10.22 4.75 -17.42
C7 NAG J . -4.03 6.47 -19.20
C8 NAG J . -2.81 7.31 -19.01
N2 NAG J . -4.91 6.47 -18.20
O3 NAG J . -6.72 6.41 -20.47
O4 NAG J . -9.50 6.60 -19.66
O5 NAG J . -7.93 4.84 -16.87
O6 NAG J . -11.00 5.25 -16.33
O7 NAG J . -4.21 5.82 -20.23
C1 BMA J . -10.00 6.16 -20.93
C2 BMA J . -10.44 7.40 -21.66
C3 BMA J . -11.27 7.00 -22.86
C4 BMA J . -10.51 5.98 -23.76
C5 BMA J . -9.78 4.87 -22.96
C6 BMA J . -8.71 4.20 -23.81
O2 BMA J . -9.29 8.10 -22.16
O3 BMA J . -11.63 8.15 -23.63
O4 BMA J . -11.42 5.34 -24.66
O5 BMA J . -9.13 5.42 -21.76
O6 BMA J . -8.01 5.21 -24.56
C1 MAN J . -12.88 8.72 -23.20
C2 MAN J . -13.51 9.53 -24.35
C3 MAN J . -12.68 10.82 -24.59
C4 MAN J . -12.47 11.59 -23.28
C5 MAN J . -11.88 10.68 -22.19
C6 MAN J . -11.76 11.35 -20.83
O2 MAN J . -14.85 9.97 -24.02
O3 MAN J . -13.24 11.67 -25.57
O4 MAN J . -11.58 12.68 -23.52
O5 MAN J . -12.73 9.51 -22.03
O6 MAN J . -12.71 10.75 -19.94
C1 MAN J . -15.85 9.52 -24.97
C2 MAN J . -16.97 8.73 -24.23
C3 MAN J . -17.51 7.62 -25.12
C4 MAN J . -17.68 8.13 -26.56
C5 MAN J . -16.30 8.48 -27.15
C6 MAN J . -16.35 9.62 -28.16
O2 MAN J . -18.10 9.56 -23.93
O3 MAN J . -18.75 7.09 -24.63
O4 MAN J . -18.29 7.13 -27.36
O5 MAN J . -15.33 8.83 -26.10
O6 MAN J . -15.33 9.42 -29.13
C1 MAN J . -7.47 4.66 -25.77
C2 MAN J . -6.18 3.87 -25.48
C3 MAN J . -4.99 4.83 -25.30
C4 MAN J . -4.91 5.84 -26.45
C5 MAN J . -6.25 6.59 -26.56
C6 MAN J . -6.26 7.60 -27.69
O2 MAN J . -5.83 3.00 -26.57
O3 MAN J . -3.75 4.14 -25.18
O4 MAN J . -3.85 6.76 -26.21
O5 MAN J . -7.31 5.63 -26.79
O6 MAN J . -6.65 8.87 -27.17
C1 NAG K . -15.69 -9.69 6.99
C2 NAG K . -17.13 -9.50 6.49
C3 NAG K . -18.08 -10.43 7.23
C4 NAG K . -17.59 -11.88 7.17
C5 NAG K . -16.11 -11.96 7.56
C6 NAG K . -15.51 -13.33 7.32
C7 NAG K . -17.35 -7.17 5.72
C8 NAG K . -17.88 -5.81 6.06
N2 NAG K . -17.57 -8.11 6.65
O3 NAG K . -19.38 -10.32 6.66
O4 NAG K . -18.32 -12.66 8.09
O5 NAG K . -15.31 -11.04 6.81
O6 NAG K . -14.15 -13.36 7.73
O7 NAG K . -16.75 -7.40 4.68
C1 NAG K . -19.51 -13.27 7.54
C2 NAG K . -19.82 -14.51 8.37
C3 NAG K . -21.10 -15.18 7.85
C4 NAG K . -22.24 -14.18 7.83
C5 NAG K . -21.85 -12.92 7.05
C6 NAG K . -22.89 -11.83 7.14
C7 NAG K . -17.96 -15.69 9.44
C8 NAG K . -16.84 -16.68 9.26
N2 NAG K . -18.71 -15.45 8.36
O3 NAG K . -21.43 -16.29 8.67
O4 NAG K . -23.40 -14.76 7.24
O5 NAG K . -20.62 -12.38 7.57
O6 NAG K . -23.31 -11.40 5.85
O7 NAG K . -18.17 -15.13 10.52
C1 NAG L . -16.85 -9.92 1.25
C2 NAG L . -18.33 -10.23 1.09
C3 NAG L . -18.82 -11.14 2.22
C4 NAG L . -17.94 -12.38 2.33
C5 NAG L . -16.48 -11.96 2.44
C6 NAG L . -15.52 -13.12 2.44
C7 NAG L . -19.26 -8.12 2.01
C8 NAG L . -20.14 -6.94 1.73
N2 NAG L . -19.14 -9.02 1.03
O3 NAG L . -20.18 -11.51 1.96
O4 NAG L . -18.30 -13.17 3.45
O5 NAG L . -16.11 -11.13 1.32
O6 NAG L . -14.88 -13.28 1.18
O7 NAG L . -18.68 -8.25 3.09
C1 NAG L . -19.13 -14.30 3.09
C2 NAG L . -18.57 -15.60 3.69
C3 NAG L . -19.48 -16.78 3.37
C4 NAG L . -20.92 -16.47 3.82
C5 NAG L . -21.40 -15.18 3.18
C6 NAG L . -22.77 -14.77 3.66
C7 NAG L . -16.21 -16.16 4.04
C8 NAG L . -14.89 -16.42 3.38
N2 NAG L . -17.22 -15.86 3.22
O3 NAG L . -19.01 -17.94 4.04
O4 NAG L . -21.79 -17.54 3.44
O5 NAG L . -20.50 -14.11 3.52
O6 NAG L . -23.66 -14.53 2.57
O7 NAG L . -16.35 -16.23 5.26
C1 NAG M . -8.27 -16.19 5.09
C2 NAG M . -9.65 -16.65 4.59
C3 NAG M . -9.89 -18.11 4.95
C4 NAG M . -8.76 -18.98 4.41
C5 NAG M . -7.41 -18.44 4.89
C6 NAG M . -6.23 -19.16 4.29
C7 NAG M . -11.52 -15.06 4.40
C8 NAG M . -12.54 -14.25 5.14
N2 NAG M . -10.70 -15.81 5.15
O3 NAG M . -11.13 -18.52 4.39
O4 NAG M . -8.88 -20.33 4.83
O5 NAG M . -7.26 -17.06 4.54
O6 NAG M . -5.08 -18.34 4.21
O7 NAG M . -11.44 -15.04 3.17
C1 NAG M . -9.65 -21.25 4.01
C2 NAG M . -8.87 -21.75 2.76
C3 NAG M . -9.66 -22.87 2.06
C4 NAG M . -10.00 -23.98 3.03
C5 NAG M . -10.80 -23.41 4.19
C6 NAG M . -11.14 -24.45 5.24
C7 NAG M . -7.44 -20.52 1.19
C8 NAG M . -7.34 -19.33 0.28
N2 NAG M . -8.60 -20.66 1.84
O3 NAG M . -8.87 -23.39 0.99
O4 NAG M . -10.75 -25.00 2.38
O5 NAG M . -10.03 -22.39 4.85
O6 NAG M . -11.15 -23.90 6.55
O7 NAG M . -6.52 -21.30 1.34
C1 NAG N . 2.52 3.83 -11.21
C2 NAG N . 2.59 5.21 -11.88
C3 NAG N . 3.66 5.22 -12.96
C4 NAG N . 4.99 4.76 -12.38
C5 NAG N . 4.83 3.40 -11.73
C6 NAG N . 6.10 2.92 -11.03
C7 NAG N . 0.48 6.47 -11.85
C8 NAG N . 0.95 7.09 -10.56
N2 NAG N . 1.30 5.58 -12.42
O3 NAG N . 3.78 6.54 -13.49
O4 NAG N . 5.97 4.70 -13.41
O5 NAG N . 3.81 3.47 -10.72
O6 NAG N . 6.74 1.90 -11.77
O7 NAG N . -0.61 6.77 -12.34
C1 NAG N . 7.08 5.57 -13.08
C2 NAG N . 8.26 5.23 -13.98
C3 NAG N . 9.45 6.13 -13.66
C4 NAG N . 9.05 7.60 -13.72
C5 NAG N . 7.82 7.85 -12.83
C6 NAG N . 7.29 9.25 -12.94
C7 NAG N . 8.98 3.06 -14.88
C8 NAG N . 9.32 1.64 -14.57
N2 NAG N . 8.62 3.83 -13.84
O3 NAG N . 10.51 5.87 -14.57
O4 NAG N . 10.13 8.43 -13.30
O5 NAG N . 6.76 6.97 -13.21
O6 NAG N . 5.88 9.28 -12.83
O7 NAG N . 9.03 3.50 -16.03
C1 NAG O . -36.06 -5.73 -20.16
C2 NAG O . -35.31 -6.43 -21.29
C3 NAG O . -35.78 -5.87 -22.64
C4 NAG O . -37.29 -5.97 -22.77
C5 NAG O . -37.99 -5.36 -21.55
C6 NAG O . -39.48 -5.63 -21.52
C7 NAG O . -33.06 -7.32 -20.87
C8 NAG O . -31.60 -6.99 -20.76
N2 NAG O . -33.87 -6.29 -21.14
O3 NAG O . -35.13 -6.57 -23.69
O4 NAG O . -37.72 -5.30 -23.94
O5 NAG O . -37.47 -5.92 -20.33
O6 NAG O . -40.23 -4.51 -21.99
O7 NAG O . -33.48 -8.46 -20.72
C1 NAG O . -38.37 -6.21 -24.85
C2 NAG O . -39.04 -5.44 -25.98
C3 NAG O . -39.79 -6.40 -26.91
C4 NAG O . -38.88 -7.52 -27.39
C5 NAG O . -38.14 -8.17 -26.21
C6 NAG O . -37.07 -9.14 -26.65
C7 NAG O . -39.73 -3.12 -25.59
C8 NAG O . -40.77 -2.21 -24.99
N2 NAG O . -39.95 -4.43 -25.45
O3 NAG O . -40.31 -5.68 -28.02
O4 NAG O . -39.67 -8.51 -28.04
O5 NAG O . -37.48 -7.18 -25.41
O6 NAG O . -37.46 -10.49 -26.41
O7 NAG O . -38.73 -2.67 -26.16
C1 BMA O . -39.34 -8.61 -29.44
C2 BMA O . -39.69 -10.03 -29.92
C3 BMA O . -39.40 -10.17 -31.42
C4 BMA O . -39.91 -8.96 -32.24
C5 BMA O . -39.49 -7.63 -31.60
C6 BMA O . -40.04 -6.40 -32.31
O2 BMA O . -41.08 -10.31 -29.72
O3 BMA O . -39.95 -11.38 -31.93
O4 BMA O . -39.37 -9.03 -33.56
O5 BMA O . -39.95 -7.62 -30.23
O6 BMA O . -41.28 -6.74 -32.97
C1 MAN O . -38.92 -12.39 -31.89
C2 MAN O . -39.00 -13.30 -33.13
C3 MAN O . -40.00 -14.46 -32.94
C4 MAN O . -39.85 -15.12 -31.55
C5 MAN O . -39.95 -14.05 -30.46
C6 MAN O . -39.79 -14.61 -29.05
O2 MAN O . -37.74 -13.89 -33.42
O3 MAN O . -39.86 -15.45 -33.95
O4 MAN O . -40.88 -16.09 -31.37
O5 MAN O . -38.89 -13.09 -30.66
O6 MAN O . -40.82 -15.58 -28.83
C1 MAN O . -41.44 -5.81 -34.06
C2 MAN O . -42.46 -4.68 -33.68
C3 MAN O . -43.88 -5.01 -34.15
C4 MAN O . -43.87 -5.49 -35.59
C5 MAN O . -43.04 -6.76 -35.68
C6 MAN O . -43.03 -7.35 -37.08
O2 MAN O . -42.11 -3.45 -34.32
O3 MAN O . -44.75 -3.89 -34.00
O4 MAN O . -45.19 -5.76 -36.05
O5 MAN O . -41.68 -6.42 -35.33
O6 MAN O . -43.12 -8.76 -36.97
C1 NAG P . -48.39 3.81 -16.28
C2 NAG P . -48.56 2.66 -15.29
C3 NAG P . -49.78 1.81 -15.65
C4 NAG P . -51.02 2.69 -15.78
C5 NAG P . -50.74 3.80 -16.79
C6 NAG P . -51.88 4.77 -16.95
C7 NAG P . -46.59 1.70 -14.17
C8 NAG P . -47.01 2.48 -12.97
N2 NAG P . -47.36 1.82 -15.25
O3 NAG P . -49.97 0.82 -14.65
O4 NAG P . -52.13 1.91 -16.22
O5 NAG P . -49.60 4.56 -16.36
O6 NAG P . -51.89 5.35 -18.25
O7 NAG P . -45.59 0.98 -14.17
C1 NAG P . -53.21 1.85 -15.25
C2 NAG P . -54.46 1.25 -15.93
C3 NAG P . -55.61 1.09 -14.93
C4 NAG P . -55.15 0.32 -13.70
C5 NAG P . -53.92 1.00 -13.09
C6 NAG P . -53.36 0.24 -11.90
C7 NAG P . -55.31 3.21 -17.30
C8 NAG P . -55.42 4.08 -16.08
N2 NAG P . -54.86 1.94 -17.14
O3 NAG P . -56.70 0.41 -15.55
O4 NAG P . -56.19 0.26 -12.73
O5 NAG P . -52.87 1.08 -14.07
O6 NAG P . -51.96 0.43 -11.76
O7 NAG P . -55.61 3.64 -18.41
C1 NAG Q . -34.76 5.77 2.82
C2 NAG Q . -34.76 5.80 4.35
C3 NAG Q . -33.53 5.10 4.89
C4 NAG Q . -33.41 3.70 4.32
C5 NAG Q . -33.49 3.73 2.79
C6 NAG Q . -33.53 2.36 2.16
C7 NAG Q . -35.96 7.69 5.38
C8 NAG Q . -37.15 6.78 5.46
N2 NAG Q . -34.85 7.17 4.84
O3 NAG Q . -33.59 5.05 6.31
O4 NAG Q . -32.16 3.11 4.70
O5 NAG Q . -34.69 4.42 2.37
O6 NAG Q . -34.81 1.76 2.29
O7 NAG Q . -35.99 8.85 5.78
C1 NAG Q . -32.34 2.08 5.69
C2 NAG Q . -31.35 0.96 5.40
C3 NAG Q . -31.44 -0.13 6.47
C4 NAG Q . -31.30 0.47 7.86
C5 NAG Q . -32.33 1.58 8.06
C6 NAG Q . -32.20 2.29 9.38
C7 NAG Q . -30.59 0.21 3.19
C8 NAG Q . -31.00 -0.38 1.87
N2 NAG Q . -31.57 0.40 4.08
O3 NAG Q . -30.41 -1.09 6.26
O4 NAG Q . -31.49 -0.54 8.85
O5 NAG Q . -32.16 2.57 7.03
O6 NAG Q . -32.85 1.57 10.42
O7 NAG Q . -29.42 0.49 3.43
C1 NAG R . -2.78 -5.80 -15.29
C2 NAG R . -1.96 -7.06 -15.01
C3 NAG R . -0.59 -6.96 -15.69
C4 NAG R . -0.75 -6.64 -17.16
C5 NAG R . -1.63 -5.41 -17.35
C6 NAG R . -1.94 -5.12 -18.80
C7 NAG R . -2.79 -7.72 -12.78
C8 NAG R . -2.46 -7.86 -11.33
N2 NAG R . -1.80 -7.27 -13.57
O3 NAG R . 0.11 -8.19 -15.52
O4 NAG R . 0.53 -6.37 -17.73
O5 NAG R . -2.88 -5.60 -16.68
O6 NAG R . -3.33 -4.87 -19.01
O7 NAG R . -3.90 -7.99 -13.23
C1 NAG R . 0.81 -7.36 -18.74
C2 NAG R . 1.70 -6.75 -19.82
C3 NAG R . 2.01 -7.79 -20.89
C4 NAG R . 2.60 -9.05 -20.26
C5 NAG R . 1.69 -9.55 -19.15
C6 NAG R . 2.29 -10.72 -18.39
C7 NAG R . 1.57 -4.34 -20.30
C8 NAG R . 0.77 -3.25 -20.97
N2 NAG R . 1.07 -5.58 -20.40
O3 NAG R . 2.92 -7.24 -21.84
O4 NAG R . 2.76 -10.05 -21.25
O5 NAG R . 1.46 -8.51 -18.19
O6 NAG R . 1.49 -11.09 -17.27
O7 NAG R . 2.61 -4.11 -19.70
C1 NAG S . -20.56 -4.02 -27.80
C2 NAG S . -19.31 -4.39 -28.60
C3 NAG S . -19.17 -3.49 -29.83
C4 NAG S . -20.46 -3.45 -30.62
C5 NAG S . -21.64 -3.11 -29.71
C6 NAG S . -22.98 -3.15 -30.41
C7 NAG S . -17.03 -5.05 -27.96
C8 NAG S . -15.90 -4.82 -26.99
N2 NAG S . -18.13 -4.31 -27.76
O3 NAG S . -18.10 -3.98 -30.63
O4 NAG S . -20.39 -2.46 -31.64
O5 NAG S . -21.70 -4.07 -28.63
O6 NAG S . -23.93 -2.38 -29.70
O7 NAG S . -16.95 -5.86 -28.87
C1 NAG S . -20.11 -3.11 -32.89
C2 NAG S . -20.86 -2.41 -34.03
C3 NAG S . -20.56 -3.11 -35.35
C4 NAG S . -19.06 -3.19 -35.58
C5 NAG S . -18.36 -3.82 -34.38
C6 NAG S . -16.85 -3.78 -34.49
C7 NAG S . -22.96 -1.25 -33.49
C8 NAG S . -24.43 -1.40 -33.26
N2 NAG S . -22.29 -2.38 -33.76
O3 NAG S . -21.19 -2.41 -36.41
O4 NAG S . -18.79 -3.95 -36.76
O5 NAG S . -18.71 -3.12 -33.18
O6 NAG S . -16.25 -3.38 -33.26
O7 NAG S . -22.38 -0.15 -33.43
C1 NAG T . -7.95 -11.09 -13.33
C2 NAG T . -8.24 -10.91 -14.82
C3 NAG T . -9.21 -11.99 -15.31
C4 NAG T . -8.75 -13.38 -14.89
C5 NAG T . -8.40 -13.41 -13.40
C6 NAG T . -7.79 -14.71 -12.94
C7 NAG T . -8.10 -8.60 -15.64
C8 NAG T . -8.84 -7.31 -15.83
N2 NAG T . -8.80 -9.59 -15.08
O3 NAG T . -9.29 -11.91 -16.73
O4 NAG T . -9.79 -14.34 -15.08
O5 NAG T . -7.44 -12.39 -13.11
O6 NAG T . -6.63 -15.02 -13.71
O7 NAG T . -6.92 -8.73 -15.98
C1 NAG T . -9.58 -15.03 -16.32
C2 NAG T . -10.35 -16.34 -16.33
C3 NAG T . -10.14 -17.07 -17.65
C4 NAG T . -10.49 -16.16 -18.82
C5 NAG T . -9.76 -14.81 -18.70
C6 NAG T . -10.22 -13.81 -19.72
C7 NAG T . -8.83 -17.74 -14.96
C8 NAG T . -8.73 -18.58 -13.73
N2 NAG T . -10.04 -17.18 -15.19
O3 NAG T . -10.95 -18.25 -17.64
O4 NAG T . -10.06 -16.74 -20.05
O5 NAG T . -10.00 -14.23 -17.41
O6 NAG T . -10.98 -12.75 -19.11
O7 NAG T . -7.88 -17.56 -15.71
C1 BMA T . -11.09 -17.59 -20.60
C2 BMA T . -11.46 -17.07 -22.01
C3 BMA T . -12.07 -18.18 -22.91
C4 BMA T . -11.43 -19.56 -22.65
C5 BMA T . -11.46 -19.85 -21.16
C6 BMA T . -10.87 -21.21 -20.84
O2 BMA T . -10.33 -16.55 -22.69
O3 BMA T . -11.95 -17.84 -24.28
O4 BMA T . -12.15 -20.58 -23.32
O5 BMA T . -10.62 -18.91 -20.56
O6 BMA T . -9.50 -21.15 -21.20
C1 MAN T . -13.14 -18.23 -24.99
C2 MAN T . -12.90 -18.21 -26.52
C3 MAN T . -12.98 -16.77 -27.05
C4 MAN T . -14.27 -16.09 -26.56
C5 MAN T . -14.34 -16.13 -25.02
C6 MAN T . -15.63 -15.53 -24.46
O2 MAN T . -13.91 -18.96 -27.21
O3 MAN T . -12.89 -16.72 -28.48
O4 MAN T . -14.31 -14.73 -27.00
O5 MAN T . -14.28 -17.50 -24.58
O6 MAN T . -16.53 -16.61 -24.16
C1 MAN T . -13.32 -20.12 -27.84
C2 MAN T . -14.06 -20.40 -29.16
C3 MAN T . -15.44 -20.98 -28.83
C4 MAN T . -15.26 -22.26 -28.02
C5 MAN T . -14.57 -21.90 -26.68
C6 MAN T . -14.33 -23.11 -25.77
O2 MAN T . -13.35 -21.42 -29.90
O3 MAN T . -16.27 -21.20 -29.97
O4 MAN T . -16.52 -22.88 -27.78
O5 MAN T . -13.28 -21.26 -26.97
O6 MAN T . -13.31 -23.93 -26.33
C1 MAN T . -13.53 -21.32 -31.33
C2 MAN T . -12.55 -22.31 -31.98
C3 MAN T . -11.15 -21.71 -31.94
C4 MAN T . -11.14 -20.33 -32.61
C5 MAN T . -12.14 -19.39 -31.92
C6 MAN T . -12.33 -18.07 -32.65
O2 MAN T . -12.86 -22.52 -33.36
O3 MAN T . -10.19 -22.58 -32.54
O4 MAN T . -9.86 -19.75 -32.52
O5 MAN T . -13.46 -20.01 -31.86
O6 MAN T . -11.07 -17.69 -33.21
C1 MAN T . -8.74 -22.04 -20.38
C2 MAN T . -7.30 -21.55 -20.39
C3 MAN T . -6.71 -21.70 -21.79
C4 MAN T . -7.02 -23.10 -22.41
C5 MAN T . -8.50 -23.47 -22.24
C6 MAN T . -8.84 -24.88 -22.66
O2 MAN T . -6.47 -22.33 -19.53
O3 MAN T . -5.31 -21.45 -21.80
O4 MAN T . -6.71 -23.10 -23.80
O5 MAN T . -8.85 -23.33 -20.85
O6 MAN T . -8.81 -25.71 -21.50
C1 MAN T . -5.06 -20.15 -22.34
C2 MAN T . -4.53 -20.27 -23.78
C3 MAN T . -3.07 -20.73 -23.76
C4 MAN T . -2.22 -19.84 -22.82
C5 MAN T . -2.85 -19.79 -21.42
C6 MAN T . -2.12 -18.83 -20.49
O2 MAN T . -4.53 -18.99 -24.45
O3 MAN T . -2.49 -20.77 -25.06
O4 MAN T . -0.89 -20.36 -22.73
O5 MAN T . -4.22 -19.35 -21.51
O6 MAN T . -2.60 -19.01 -19.16
C1 MAN T . -5.21 -19.06 -25.72
C2 MAN T . -6.63 -19.67 -25.58
C3 MAN T . -7.06 -20.34 -26.88
C4 MAN T . -6.50 -19.57 -28.08
C5 MAN T . -4.95 -19.63 -28.07
C6 MAN T . -4.29 -18.44 -28.75
O2 MAN T . -7.61 -18.66 -25.32
O3 MAN T . -8.48 -20.47 -26.98
O4 MAN T . -6.99 -20.11 -29.31
O5 MAN T . -4.44 -19.69 -26.71
O6 MAN T . -2.89 -18.52 -28.54
C1 MAN T . -9.75 -26.80 -21.67
C2 MAN T . -9.91 -27.53 -20.33
C3 MAN T . -8.65 -28.35 -20.02
C4 MAN T . -8.24 -29.24 -21.22
C5 MAN T . -8.16 -28.39 -22.52
C6 MAN T . -7.93 -29.24 -23.76
O2 MAN T . -10.98 -28.48 -20.38
O3 MAN T . -8.82 -29.15 -18.86
O4 MAN T . -6.97 -29.83 -20.96
O5 MAN T . -9.40 -27.67 -22.71
O6 MAN T . -7.70 -28.35 -24.87
C1 NAG U . -2.26 9.90 22.70
C2 NAG U . -2.24 11.26 23.45
C3 NAG U . -2.07 11.06 24.96
C4 NAG U . -3.07 10.05 25.50
C5 NAG U . -2.95 8.75 24.70
C6 NAG U . -3.92 7.69 25.15
C7 NAG U . 0.06 12.13 22.83
C8 NAG U . 0.72 10.89 23.39
N2 NAG U . -1.29 12.21 22.90
O3 NAG U . -2.26 12.31 25.62
O4 NAG U . -2.80 9.79 26.87
O5 NAG U . -3.21 9.02 23.31
O6 NAG U . -5.07 7.64 24.32
O7 NAG U . 0.73 13.03 22.32
C1 NAG V . 3.42 -15.12 1.50
C2 NAG V . 4.53 -15.13 2.56
C3 NAG V . 4.38 -16.34 3.48
C4 NAG V . 2.96 -16.43 4.04
C5 NAG V . 1.95 -16.40 2.90
C6 NAG V . 0.52 -16.39 3.38
C7 NAG V . 6.84 -14.32 2.28
C8 NAG V . 8.13 -14.48 1.52
N2 NAG V . 5.85 -15.14 1.93
O3 NAG V . 5.30 -16.23 4.57
O4 NAG V . 2.79 -17.64 4.76
O5 NAG V . 2.14 -15.19 2.14
O6 NAG V . -0.38 -16.86 2.36
O7 NAG V . 6.72 -13.48 3.16
C1 NAG W . 14.58 -5.08 17.77
C2 NAG W . 15.19 -3.88 18.48
C3 NAG W . 16.40 -3.35 17.70
C4 NAG W . 17.39 -4.48 17.44
C5 NAG W . 16.69 -5.65 16.77
C6 NAG W . 17.59 -6.86 16.60
C7 NAG W . 13.85 -2.35 19.87
C8 NAG W . 14.52 -2.96 21.05
N2 NAG W . 14.21 -2.82 18.67
O3 NAG W . 17.03 -2.31 18.42
O4 NAG W . 18.45 -4.02 16.62
O5 NAG W . 15.58 -6.08 17.57
O6 NAG W . 16.91 -8.07 16.87
O7 NAG W . 13.00 -1.46 19.99
C1 NAG X . -34.65 -11.15 -8.46
C2 NAG X . -36.10 -11.57 -8.18
C3 NAG X . -36.27 -12.03 -6.72
C4 NAG X . -35.25 -13.12 -6.39
C5 NAG X . -33.85 -12.61 -6.68
C6 NAG X . -32.79 -13.67 -6.47
C7 NAG X . -38.08 -10.63 -9.28
C8 NAG X . -38.94 -9.42 -9.48
N2 NAG X . -37.03 -10.49 -8.47
O3 NAG X . -37.59 -12.53 -6.54
O4 NAG X . -35.37 -13.48 -5.02
O5 NAG X . -33.75 -12.22 -8.06
O6 NAG X . -32.63 -13.98 -5.08
O7 NAG X . -38.33 -11.70 -9.84
C1 NAG Y . 14.28 51.39 27.65
C2 NAG Y . 13.48 52.70 27.82
C3 NAG Y . 13.08 52.87 29.29
C4 NAG Y . 12.32 51.65 29.78
C5 NAG Y . 13.16 50.40 29.56
C6 NAG Y . 12.43 49.12 29.92
C7 NAG Y . 13.68 54.95 26.87
C8 NAG Y . 14.62 56.04 26.43
N2 NAG Y . 14.25 53.84 27.36
O3 NAG Y . 12.26 54.04 29.42
O4 NAG Y . 12.02 51.78 31.16
O5 NAG Y . 13.52 50.29 28.17
O6 NAG Y . 13.32 48.03 30.05
O7 NAG Y . 12.46 55.08 26.79
C1 NAG Z . 31.18 44.85 22.08
C2 NAG Z . 31.96 44.65 23.39
C3 NAG Z . 33.04 45.72 23.53
C4 NAG Z . 33.91 45.79 22.28
C5 NAG Z . 33.03 45.96 21.04
C6 NAG Z . 33.82 45.95 19.74
C7 NAG Z . 30.74 43.58 25.23
C8 NAG Z . 29.79 43.79 26.37
N2 NAG Z . 31.06 44.67 24.53
O3 NAG Z . 33.84 45.44 24.66
O4 NAG Z . 34.83 46.87 22.36
O5 NAG Z . 32.09 44.88 20.96
O6 NAG Z . 34.63 47.11 19.61
O7 NAG Z . 31.18 42.47 24.95
C1 NAG AA . 8.25 38.13 25.05
C2 NAG AA . 9.39 37.35 25.70
C3 NAG AA . 8.85 36.08 26.37
C4 NAG AA . 7.66 36.37 27.26
C5 NAG AA . 6.62 37.18 26.49
C6 NAG AA . 5.45 37.61 27.34
C7 NAG AA . 11.71 37.22 24.91
C8 NAG AA . 12.61 36.82 23.78
N2 NAG AA . 10.40 37.01 24.71
O3 NAG AA . 9.90 35.49 27.15
O4 NAG AA . 7.08 35.15 27.72
O5 NAG AA . 7.22 38.37 25.99
O6 NAG AA . 4.71 38.65 26.71
O7 NAG AA . 12.14 37.71 25.95
#